data_6BN8
#
_entry.id   6BN8
#
_cell.length_a   115.204
_cell.length_b   115.204
_cell.length_c   597.135
_cell.angle_alpha   90.000
_cell.angle_beta   90.000
_cell.angle_gamma   120.000
#
_symmetry.space_group_name_H-M   'P 65 2 2'
#
loop_
_entity.id
_entity.type
_entity.pdbx_description
1 polymer 'DNA damage-binding protein 1,DNA damage-binding protein 1'
2 polymer 'Protein cereblon'
3 polymer 'Bromodomain-containing protein 4'
4 non-polymer 'ZINC ION'
#
loop_
_entity_poly.entity_id
_entity_poly.type
_entity_poly.pdbx_seq_one_letter_code
_entity_poly.pdbx_strand_id
1 'polypeptide(L)'
;MGSSHHHHHHSAAHIVMVDAYKPTKGGRMSYNYVVTAQKPTAVNGCVTGHFTSAEDLNLLIAKNTRLEIYVVTAEGLRPV
KEVGMYGKIAVMELFRPKGESKDLLFILTAKYNACILEYKQSGESIDIITRAHGNVQDRIGRPSETGIIGIIDPECRMIG
LRLYDGLFKVIPLDRDNKELKAFNIRLEELHVIDVKFLYGCQAPTICFVYQDPQGRHVKTYEVSLREKEFNKGPWKQENV
EAEASMVIAVPEPFGGAIIIGQESITYHNGDKYLAIAPPIIKQSTIVCHNRVDPNGSRYLLGDMEGRLFMLLLEKEEQMD
GTVTLKDLRVELLGETSIAECLTYLDNGVVFVGSRLGDSQLVKLNVDSNEQGSYVVAMETFTNLGPIVDMCVVDLERQGQ
GQLVTCSGAFKEGSLRIIRNGIGGNGNSGEIQKLHIRTVPLYESPRKICYQEVSQCFGVLSSRIEVQDTSGGTTALRPSA
STQALSSSVSSSKLFSSSTAPHETSFGEEVEVHNLLIIDQHTFEVLHAHQFLQNEYALSLVSCKLGKDPNTYFIVGTAMV
YPEEAEPKQGRIVVFQYSDGKLQTVAEKEVKGAVYSMVEFNGKLLASINSTVRLYEWTTEKELRTECNHYNNIMALYLKT
KGDFILVGDLMRSVLLLAYKPMEGNFEEIARDFNPNWMSAVEILDDDNFLGAENAFNLFVCQKDSAATTDEERQHLQEVG
LFHLGEFVNVFCHGSLVMQNLGETSTPTQGSVLFGTVNGMIGLVTSLSESWYNLLLDMQNRLNKVIKSVGKIEHSFWRSF
HTERKTEPATGFIDGDLIESFLDISRPKMQEVVANLQYDDGSGMKREATADDLIKVVEELTRIH
;
A
2 'polypeptide(L)'
;MGSSHHHHHHSAVDENLYFQGGMAGEGDQQDAAHNMGNHLPLLPESEEEDEMEVEDQDSKEAKKPNIINFDTSLPTSHTY
LGADMEEFHGRTLHDDDSCQVIPVLPQVMMILIPGQTLPLQLFHPQEVSMVRNLIQKDRTFAVLAYSNVQEREAQFGTTA
EIYAYREEQDFGIEIVKVKAIGRQRFKVLELRTQSDGIQQAKVQILPECVLPSTMSAVQLESLNKCQIFPSKPVSREDQC
SYKWWQKYQKRKFHCANLTSWPRWLYSLYDAETLMDRIKKQLREWDENLKDDSLPSNPIDFSYRVAACLPIDDVLRIQLL
KIGSAIQRLRCELDIMNKCTSLCCKQCQETEITTKNEIFSLSLCGPMAAYVNPHGYVHETLTVYKACNLNLIGRPSTEHS
WFPGYAWTVAQCKICASHIGWKFTATKKDMSPQKFWGLTRSALLPTIPDTEDEISPDKVILCL
;
B
3 'polypeptide(L)'
;SMNPPPPETSNPNKPKRQTNQLQYLLRVVLKTLWKHQFAWPFQQPVDAVKLNLPDYYKIIKTPMDMGTIKKRLENNYYWN
AQECIQDFNTMFTNCYIYNKPGDAIVLMAEALEKLFLQKINELPTEE
;
C
#
loop_
_chem_comp.id
_chem_comp.type
_chem_comp.name
_chem_comp.formula
ZN non-polymer 'ZINC ION' 'Zn 2'
#
# COMPACT_ATOMS: atom_id res chain seq x y z
N MET A 29 -26.86 -8.75 4.11
CA MET A 29 -27.49 -9.38 2.96
C MET A 29 -26.55 -10.39 2.30
N SER A 30 -25.70 -11.02 3.11
CA SER A 30 -24.73 -12.00 2.63
C SER A 30 -25.17 -13.43 2.90
N TYR A 31 -25.49 -13.76 4.15
CA TYR A 31 -25.94 -15.09 4.55
C TYR A 31 -24.92 -16.16 4.17
N ASN A 32 -23.82 -16.24 4.94
CA ASN A 32 -22.75 -17.17 4.65
C ASN A 32 -22.38 -17.92 5.92
N TYR A 33 -21.70 -19.06 5.73
CA TYR A 33 -21.29 -19.93 6.82
C TYR A 33 -19.87 -20.42 6.54
N VAL A 34 -18.95 -20.08 7.45
CA VAL A 34 -17.56 -20.50 7.36
C VAL A 34 -17.27 -21.46 8.51
N VAL A 35 -16.53 -22.52 8.22
CA VAL A 35 -16.22 -23.56 9.21
C VAL A 35 -14.79 -24.01 9.00
N THR A 36 -14.15 -24.47 10.07
CA THR A 36 -12.78 -24.96 10.05
C THR A 36 -12.80 -26.47 9.88
N ALA A 37 -12.30 -26.96 8.73
CA ALA A 37 -12.23 -28.40 8.51
C ALA A 37 -10.92 -28.99 8.99
N GLN A 38 -9.87 -28.17 9.10
CA GLN A 38 -8.58 -28.60 9.62
C GLN A 38 -8.00 -27.48 10.45
N LYS A 39 -7.75 -27.75 11.72
CA LYS A 39 -7.15 -26.75 12.60
C LYS A 39 -5.71 -26.49 12.18
N PRO A 40 -5.20 -25.28 12.46
CA PRO A 40 -3.84 -24.93 12.01
C PRO A 40 -2.79 -25.88 12.56
N THR A 41 -1.86 -26.28 11.70
CA THR A 41 -0.81 -27.24 12.05
C THR A 41 0.55 -26.60 12.22
N ALA A 42 0.76 -25.38 11.77
CA ALA A 42 2.07 -24.75 11.87
C ALA A 42 2.38 -24.37 13.32
N VAL A 43 3.67 -24.46 13.66
CA VAL A 43 4.16 -24.13 14.99
C VAL A 43 4.87 -22.79 14.91
N ASN A 44 4.34 -21.78 15.59
CA ASN A 44 4.91 -20.44 15.59
C ASN A 44 5.49 -20.05 16.94
N GLY A 45 5.91 -21.04 17.73
CA GLY A 45 6.47 -20.78 19.04
C GLY A 45 6.20 -21.89 20.04
N CYS A 46 7.20 -22.20 20.87
CA CYS A 46 7.05 -23.26 21.86
C CYS A 46 7.99 -23.00 23.03
N VAL A 47 7.58 -23.45 24.21
CA VAL A 47 8.35 -23.28 25.43
C VAL A 47 8.23 -24.54 26.28
N THR A 48 8.99 -24.57 27.37
CA THR A 48 8.95 -25.65 28.34
C THR A 48 8.99 -25.08 29.75
N GLY A 49 8.39 -25.82 30.68
CA GLY A 49 8.35 -25.38 32.07
C GLY A 49 7.69 -26.38 33.00
N HIS A 50 7.03 -25.87 34.04
CA HIS A 50 6.33 -26.70 35.03
C HIS A 50 4.93 -26.12 35.22
N PHE A 51 4.12 -26.20 34.16
CA PHE A 51 2.81 -25.54 34.16
C PHE A 51 1.76 -26.37 34.88
N THR A 52 1.68 -27.67 34.57
CA THR A 52 0.65 -28.51 35.18
C THR A 52 0.97 -28.82 36.63
N SER A 53 2.23 -29.15 36.93
CA SER A 53 2.64 -29.45 38.29
C SER A 53 4.12 -29.14 38.44
N ALA A 54 4.55 -29.02 39.70
CA ALA A 54 5.96 -28.73 39.98
C ALA A 54 6.84 -29.91 39.63
N GLU A 55 6.36 -31.14 39.85
CA GLU A 55 7.13 -32.33 39.53
C GLU A 55 7.07 -32.69 38.06
N ASP A 56 6.08 -32.19 37.32
CA ASP A 56 5.95 -32.48 35.91
C ASP A 56 6.88 -31.61 35.08
N LEU A 57 7.11 -32.04 33.84
CA LEU A 57 7.87 -31.28 32.85
C LEU A 57 6.96 -31.06 31.65
N ASN A 58 6.51 -29.82 31.46
CA ASN A 58 5.49 -29.51 30.47
C ASN A 58 6.09 -28.85 29.24
N LEU A 59 5.64 -29.29 28.08
CA LEU A 59 5.99 -28.70 26.79
C LEU A 59 4.76 -28.01 26.24
N LEU A 60 4.85 -26.70 26.00
CA LEU A 60 3.74 -25.90 25.51
C LEU A 60 4.03 -25.46 24.09
N ILE A 61 3.10 -25.75 23.18
CA ILE A 61 3.26 -25.46 21.76
C ILE A 61 2.13 -24.54 21.31
N ALA A 62 2.47 -23.54 20.51
CA ALA A 62 1.50 -22.60 19.96
C ALA A 62 1.31 -22.89 18.47
N LYS A 63 0.05 -23.01 18.06
CA LYS A 63 -0.30 -23.19 16.65
C LYS A 63 -1.26 -22.07 16.25
N ASN A 64 -0.72 -20.85 16.18
CA ASN A 64 -1.48 -19.65 15.83
C ASN A 64 -2.65 -19.46 16.77
N THR A 65 -3.78 -20.09 16.48
CA THR A 65 -4.99 -20.00 17.30
C THR A 65 -5.26 -21.29 18.07
N ARG A 66 -4.20 -22.01 18.44
CA ARG A 66 -4.33 -23.26 19.18
C ARG A 66 -3.18 -23.36 20.18
N LEU A 67 -3.47 -23.89 21.36
CA LEU A 67 -2.46 -24.12 22.39
C LEU A 67 -2.48 -25.58 22.77
N GLU A 68 -1.31 -26.22 22.76
CA GLU A 68 -1.16 -27.64 23.05
C GLU A 68 -0.24 -27.80 24.24
N ILE A 69 -0.66 -28.58 25.23
CA ILE A 69 0.15 -28.86 26.42
C ILE A 69 0.46 -30.34 26.44
N TYR A 70 1.72 -30.67 26.71
CA TYR A 70 2.15 -32.06 26.80
C TYR A 70 3.01 -32.24 28.04
N VAL A 71 3.03 -33.47 28.56
CA VAL A 71 3.89 -33.85 29.67
C VAL A 71 5.03 -34.68 29.11
N VAL A 72 6.26 -34.24 29.36
CA VAL A 72 7.44 -34.91 28.81
C VAL A 72 7.68 -36.20 29.59
N THR A 73 7.63 -37.33 28.91
CA THR A 73 7.93 -38.63 29.48
C THR A 73 9.22 -39.18 28.88
N ALA A 74 9.70 -40.27 29.47
CA ALA A 74 10.84 -40.97 28.88
C ALA A 74 10.47 -41.58 27.53
N GLU A 75 9.19 -41.89 27.33
CA GLU A 75 8.71 -42.33 26.02
C GLU A 75 8.92 -41.22 25.00
N GLY A 76 8.28 -40.08 25.21
CA GLY A 76 8.39 -38.94 24.33
C GLY A 76 7.54 -37.78 24.84
N LEU A 77 6.23 -37.84 24.55
CA LEU A 77 5.28 -36.86 25.04
C LEU A 77 4.00 -37.58 25.45
N ARG A 78 3.08 -36.82 26.03
CA ARG A 78 1.78 -37.36 26.41
C ARG A 78 0.74 -36.25 26.33
N PRO A 79 -0.26 -36.38 25.45
CA PRO A 79 -1.25 -35.30 25.28
C PRO A 79 -2.14 -35.18 26.51
N VAL A 80 -2.10 -34.02 27.15
CA VAL A 80 -2.93 -33.78 28.32
C VAL A 80 -4.05 -32.78 28.05
N LYS A 81 -3.83 -31.78 27.18
CA LYS A 81 -4.84 -30.77 26.94
C LYS A 81 -4.51 -30.01 25.66
N GLU A 82 -5.55 -29.67 24.91
CA GLU A 82 -5.45 -28.77 23.76
C GLU A 82 -6.63 -27.81 23.81
N VAL A 83 -6.33 -26.51 23.78
CA VAL A 83 -7.34 -25.48 23.90
C VAL A 83 -7.27 -24.54 22.71
N GLY A 84 -8.35 -23.81 22.50
CA GLY A 84 -8.42 -22.80 21.45
C GLY A 84 -8.73 -21.45 22.06
N MET A 85 -8.04 -20.42 21.57
CA MET A 85 -8.21 -19.06 22.05
C MET A 85 -8.91 -18.22 20.99
N TYR A 86 -9.25 -16.99 21.38
CA TYR A 86 -9.85 -16.04 20.45
C TYR A 86 -8.83 -14.95 20.11
N GLY A 87 -7.63 -15.38 19.70
CA GLY A 87 -6.57 -14.48 19.34
C GLY A 87 -5.33 -15.22 18.86
N LYS A 88 -4.57 -14.62 17.95
CA LYS A 88 -3.37 -15.24 17.41
C LYS A 88 -2.24 -15.12 18.42
N ILE A 89 -1.78 -16.25 18.94
CA ILE A 89 -0.73 -16.28 19.95
C ILE A 89 0.56 -15.72 19.37
N ALA A 90 0.90 -14.48 19.76
CA ALA A 90 2.15 -13.86 19.31
C ALA A 90 3.27 -14.07 20.33
N VAL A 91 3.03 -13.73 21.59
CA VAL A 91 4.00 -13.89 22.66
C VAL A 91 3.52 -15.01 23.57
N MET A 92 4.43 -15.93 23.91
CA MET A 92 4.11 -17.04 24.79
C MET A 92 5.34 -17.35 25.64
N GLU A 93 5.28 -17.01 26.92
CA GLU A 93 6.40 -17.23 27.83
C GLU A 93 5.88 -17.74 29.16
N LEU A 94 6.71 -18.54 29.82
CA LEU A 94 6.41 -19.10 31.13
C LEU A 94 7.23 -18.40 32.20
N PHE A 95 6.65 -18.29 33.40
CA PHE A 95 7.31 -17.64 34.52
C PHE A 95 6.61 -18.03 35.80
N ARG A 96 7.34 -17.97 36.91
CA ARG A 96 6.81 -18.29 38.24
C ARG A 96 7.22 -17.22 39.23
N PRO A 97 6.31 -16.37 39.68
CA PRO A 97 6.66 -15.37 40.69
C PRO A 97 6.86 -16.02 42.05
N LYS A 98 7.62 -15.32 42.89
CA LYS A 98 7.95 -15.83 44.23
C LYS A 98 6.71 -15.96 45.09
N GLY A 99 6.23 -17.20 45.29
CA GLY A 99 5.06 -17.44 46.11
C GLY A 99 4.13 -18.47 45.52
N GLU A 100 4.40 -18.91 44.30
CA GLU A 100 3.57 -19.89 43.61
C GLU A 100 4.18 -21.28 43.73
N SER A 101 3.32 -22.29 43.55
CA SER A 101 3.76 -23.67 43.55
C SER A 101 4.15 -24.17 42.16
N LYS A 102 3.51 -23.65 41.12
CA LYS A 102 3.81 -24.02 39.74
C LYS A 102 3.79 -22.77 38.89
N ASP A 103 4.27 -22.92 37.66
CA ASP A 103 4.44 -21.78 36.77
C ASP A 103 3.11 -21.30 36.19
N LEU A 104 3.06 -20.01 35.87
CA LEU A 104 1.92 -19.40 35.20
C LEU A 104 2.29 -19.13 33.75
N LEU A 105 1.27 -18.94 32.90
CA LEU A 105 1.48 -18.76 31.48
C LEU A 105 1.00 -17.39 31.03
N PHE A 106 1.90 -16.60 30.45
CA PHE A 106 1.55 -15.31 29.88
C PHE A 106 1.35 -15.46 28.37
N ILE A 107 0.29 -14.84 27.86
CA ILE A 107 -0.08 -14.97 26.45
C ILE A 107 -0.54 -13.62 25.93
N LEU A 108 -0.03 -13.22 24.76
CA LEU A 108 -0.48 -12.02 24.07
C LEU A 108 -1.01 -12.43 22.69
N THR A 109 -2.09 -11.80 22.27
CA THR A 109 -2.72 -12.08 20.99
C THR A 109 -2.41 -10.99 19.98
N ALA A 110 -2.77 -11.26 18.72
CA ALA A 110 -2.51 -10.30 17.65
C ALA A 110 -3.30 -9.01 17.84
N LYS A 111 -4.49 -9.10 18.43
CA LYS A 111 -5.31 -7.93 18.74
C LYS A 111 -4.93 -7.28 20.07
N TYR A 112 -3.73 -7.57 20.57
CA TYR A 112 -3.19 -6.96 21.80
C TYR A 112 -4.02 -7.32 23.03
N ASN A 113 -4.57 -8.53 23.06
CA ASN A 113 -5.21 -9.07 24.26
C ASN A 113 -4.17 -9.85 25.06
N ALA A 114 -3.91 -9.41 26.29
CA ALA A 114 -2.93 -10.06 27.16
C ALA A 114 -3.66 -10.79 28.27
N CYS A 115 -3.11 -11.94 28.67
CA CYS A 115 -3.74 -12.73 29.71
C CYS A 115 -2.71 -13.62 30.39
N ILE A 116 -2.83 -13.74 31.71
CA ILE A 116 -2.04 -14.65 32.52
C ILE A 116 -2.97 -15.75 33.01
N LEU A 117 -2.58 -17.00 32.75
CA LEU A 117 -3.41 -18.18 32.97
C LEU A 117 -2.71 -19.17 33.87
N GLU A 118 -3.51 -20.04 34.48
CA GLU A 118 -3.05 -21.08 35.39
C GLU A 118 -3.72 -22.40 35.01
N TYR A 119 -3.05 -23.50 35.33
CA TYR A 119 -3.58 -24.83 35.07
C TYR A 119 -4.32 -25.34 36.30
N LYS A 120 -5.47 -25.99 36.07
CA LYS A 120 -6.28 -26.54 37.16
C LYS A 120 -6.87 -27.86 36.71
N GLN A 121 -6.60 -28.92 37.46
CA GLN A 121 -7.10 -30.25 37.15
C GLN A 121 -7.61 -30.89 38.43
N SER A 122 -8.91 -31.15 38.49
CA SER A 122 -9.55 -31.83 39.62
C SER A 122 -10.13 -33.14 39.10
N GLY A 123 -9.39 -34.23 39.25
CA GLY A 123 -9.80 -35.52 38.73
C GLY A 123 -9.68 -35.61 37.23
N GLU A 124 -10.79 -35.45 36.53
CA GLU A 124 -10.81 -35.46 35.06
C GLU A 124 -11.25 -34.15 34.45
N SER A 125 -12.13 -33.40 35.11
CA SER A 125 -12.61 -32.12 34.58
C SER A 125 -11.52 -31.08 34.70
N ILE A 126 -10.80 -30.85 33.61
CA ILE A 126 -9.74 -29.86 33.57
C ILE A 126 -10.33 -28.51 33.16
N ASP A 127 -9.79 -27.43 33.74
CA ASP A 127 -10.23 -26.08 33.43
C ASP A 127 -9.05 -25.14 33.46
N ILE A 128 -8.95 -24.29 32.44
CA ILE A 128 -7.89 -23.28 32.36
C ILE A 128 -8.51 -21.98 32.84
N ILE A 129 -8.35 -21.70 34.13
CA ILE A 129 -8.93 -20.50 34.73
C ILE A 129 -8.09 -19.28 34.33
N THR A 130 -8.74 -18.13 34.28
CA THR A 130 -8.09 -16.87 33.92
C THR A 130 -7.64 -16.17 35.19
N ARG A 131 -6.32 -16.04 35.36
CA ARG A 131 -5.79 -15.31 36.51
C ARG A 131 -5.81 -13.81 36.27
N ALA A 132 -5.53 -13.38 35.03
CA ALA A 132 -5.57 -11.95 34.70
C ALA A 132 -5.79 -11.79 33.21
N HIS A 133 -6.38 -10.66 32.83
CA HIS A 133 -6.63 -10.38 31.42
C HIS A 133 -6.79 -8.87 31.22
N GLY A 134 -6.48 -8.41 30.03
CA GLY A 134 -6.61 -6.99 29.73
C GLY A 134 -6.29 -6.70 28.27
N ASN A 135 -6.83 -5.57 27.82
CA ASN A 135 -6.55 -5.05 26.48
C ASN A 135 -5.51 -3.94 26.62
N VAL A 136 -4.32 -4.17 26.08
CA VAL A 136 -3.18 -3.27 26.27
C VAL A 136 -2.99 -2.35 25.08
N GLN A 137 -3.92 -2.33 24.13
CA GLN A 137 -3.76 -1.51 22.93
C GLN A 137 -3.83 -0.02 23.30
N ASP A 138 -2.80 0.72 22.92
CA ASP A 138 -2.77 2.15 23.18
C ASP A 138 -3.72 2.89 22.24
N ARG A 139 -3.92 4.18 22.52
CA ARG A 139 -4.76 5.01 21.66
C ARG A 139 -4.00 5.52 20.45
N ILE A 140 -2.69 5.73 20.58
CA ILE A 140 -1.84 6.23 19.51
C ILE A 140 -0.58 5.40 19.43
N GLY A 141 0.02 5.36 18.24
CA GLY A 141 1.25 4.63 18.03
C GLY A 141 1.28 3.79 16.77
N ARG A 142 2.36 3.89 16.01
CA ARG A 142 2.53 3.08 14.82
C ARG A 142 3.20 1.76 15.16
N PRO A 143 2.64 0.63 14.74
CA PRO A 143 3.27 -0.66 15.05
C PRO A 143 4.69 -0.74 14.51
N SER A 144 5.56 -1.40 15.26
CA SER A 144 6.97 -1.47 14.92
C SER A 144 7.21 -2.42 13.75
N GLU A 145 8.42 -2.36 13.21
CA GLU A 145 8.81 -3.26 12.12
C GLU A 145 9.20 -4.64 12.64
N THR A 146 9.66 -4.72 13.88
CA THR A 146 10.02 -6.01 14.49
C THR A 146 8.82 -6.73 15.09
N GLY A 147 7.62 -6.17 14.97
CA GLY A 147 6.44 -6.82 15.49
C GLY A 147 6.32 -6.72 17.00
N ILE A 148 5.58 -7.68 17.55
CA ILE A 148 5.32 -7.73 18.99
C ILE A 148 6.48 -8.47 19.67
N ILE A 149 7.06 -7.85 20.68
CA ILE A 149 8.19 -8.43 21.41
C ILE A 149 7.84 -8.41 22.90
N GLY A 150 7.46 -9.57 23.44
CA GLY A 150 7.13 -9.66 24.85
C GLY A 150 8.16 -10.43 25.66
N ILE A 151 8.71 -9.80 26.69
CA ILE A 151 9.74 -10.44 27.52
C ILE A 151 9.39 -10.30 28.99
N ILE A 152 10.00 -11.16 29.79
CA ILE A 152 9.71 -11.26 31.22
C ILE A 152 11.02 -11.18 32.00
N ASP A 153 10.99 -10.49 33.14
CA ASP A 153 12.14 -10.31 34.01
C ASP A 153 12.42 -11.60 34.79
N PRO A 154 13.69 -11.97 35.00
CA PRO A 154 13.98 -13.21 35.73
C PRO A 154 13.39 -13.25 37.14
N GLU A 155 13.44 -12.16 37.88
CA GLU A 155 12.89 -12.13 39.24
C GLU A 155 11.39 -11.88 39.25
N CYS A 156 10.73 -11.92 38.10
CA CYS A 156 9.28 -11.75 37.98
C CYS A 156 8.82 -10.43 38.60
N ARG A 157 9.52 -9.36 38.25
CA ARG A 157 9.18 -8.02 38.74
C ARG A 157 8.32 -7.23 37.78
N MET A 158 8.37 -7.54 36.48
CA MET A 158 7.61 -6.79 35.49
C MET A 158 7.57 -7.60 34.20
N ILE A 159 6.68 -7.19 33.30
CA ILE A 159 6.59 -7.73 31.95
C ILE A 159 6.77 -6.58 30.97
N GLY A 160 7.70 -6.74 30.03
CA GLY A 160 8.00 -5.69 29.07
C GLY A 160 7.43 -6.03 27.70
N LEU A 161 6.71 -5.07 27.14
CA LEU A 161 6.09 -5.21 25.83
C LEU A 161 6.67 -4.16 24.89
N ARG A 162 7.18 -4.61 23.75
CA ARG A 162 7.64 -3.76 22.66
C ARG A 162 6.61 -3.89 21.54
N LEU A 163 5.83 -2.84 21.34
CA LEU A 163 4.77 -2.82 20.33
C LEU A 163 4.98 -1.68 19.34
N TYR A 164 5.03 -0.45 19.80
CA TYR A 164 5.23 0.71 18.94
C TYR A 164 6.66 1.23 19.07
N ASP A 165 7.14 1.84 18.00
CA ASP A 165 8.49 2.40 18.00
C ASP A 165 8.58 3.57 18.97
N GLY A 166 9.64 3.58 19.77
CA GLY A 166 9.82 4.65 20.73
C GLY A 166 8.91 4.58 21.94
N LEU A 167 8.29 3.44 22.19
CA LEU A 167 7.38 3.26 23.31
C LEU A 167 7.56 1.87 23.88
N PHE A 168 8.02 1.79 25.13
CA PHE A 168 8.22 0.52 25.84
C PHE A 168 7.16 0.43 26.92
N LYS A 169 6.24 -0.52 26.80
CA LYS A 169 5.16 -0.64 27.79
C LYS A 169 5.57 -1.60 28.88
N VAL A 170 5.27 -1.23 30.12
CA VAL A 170 5.65 -2.00 31.30
C VAL A 170 4.38 -2.39 32.05
N ILE A 171 4.29 -3.65 32.42
CA ILE A 171 3.23 -4.17 33.27
C ILE A 171 3.87 -4.69 34.55
N PRO A 172 3.76 -3.96 35.66
CA PRO A 172 4.36 -4.44 36.91
C PRO A 172 3.67 -5.69 37.41
N LEU A 173 4.48 -6.66 37.85
CA LEU A 173 3.97 -7.96 38.29
C LEU A 173 3.78 -7.92 39.81
N ASP A 174 2.66 -7.35 40.22
CA ASP A 174 2.25 -7.34 41.61
C ASP A 174 0.99 -8.18 41.79
N ARG A 175 0.65 -8.46 43.05
CA ARG A 175 -0.44 -9.37 43.36
C ARG A 175 -1.82 -8.75 43.12
N ASP A 176 -1.90 -7.45 42.88
CA ASP A 176 -3.19 -6.78 42.73
C ASP A 176 -3.53 -6.43 41.28
N ASN A 177 -2.56 -6.48 40.37
CA ASN A 177 -2.82 -6.12 38.98
C ASN A 177 -3.63 -7.19 38.27
N LYS A 178 -4.96 -7.06 38.29
CA LYS A 178 -5.84 -8.03 37.65
C LYS A 178 -6.36 -7.56 36.30
N GLU A 179 -6.43 -6.24 36.07
CA GLU A 179 -6.77 -5.70 34.77
C GLU A 179 -5.56 -5.55 33.86
N LEU A 180 -4.36 -5.87 34.37
CA LEU A 180 -3.12 -5.76 33.61
C LEU A 180 -2.89 -4.33 33.11
N LYS A 181 -2.80 -3.41 34.06
CA LYS A 181 -2.50 -2.02 33.74
C LYS A 181 -1.03 -1.88 33.35
N ALA A 182 -0.78 -1.05 32.34
CA ALA A 182 0.57 -0.86 31.83
C ALA A 182 0.83 0.63 31.62
N PHE A 183 2.10 1.02 31.74
CA PHE A 183 2.48 2.40 31.49
C PHE A 183 3.64 2.44 30.50
N ASN A 184 3.71 3.51 29.73
CA ASN A 184 4.67 3.63 28.64
C ASN A 184 5.89 4.44 29.08
N ILE A 185 7.05 4.06 28.52
CA ILE A 185 8.29 4.79 28.71
C ILE A 185 8.85 5.14 27.35
N ARG A 186 9.45 6.33 27.25
CA ARG A 186 9.98 6.85 26.00
C ARG A 186 11.37 6.29 25.72
N LEU A 187 11.66 6.07 24.44
CA LEU A 187 12.96 5.58 24.00
C LEU A 187 13.58 6.57 23.04
N GLU A 188 14.86 6.88 23.26
CA GLU A 188 15.62 7.66 22.29
C GLU A 188 16.07 6.80 21.11
N GLU A 189 16.12 5.48 21.29
CA GLU A 189 16.49 4.55 20.22
C GLU A 189 15.20 4.03 19.61
N LEU A 190 14.83 4.59 18.46
CA LEU A 190 13.52 4.29 17.89
C LEU A 190 13.48 2.90 17.26
N HIS A 191 14.50 2.55 16.49
CA HIS A 191 14.52 1.29 15.75
C HIS A 191 15.22 0.24 16.60
N VAL A 192 14.44 -0.46 17.42
CA VAL A 192 14.95 -1.53 18.27
C VAL A 192 14.77 -2.86 17.55
N ILE A 193 15.84 -3.64 17.50
CA ILE A 193 15.81 -4.92 16.79
C ILE A 193 15.41 -6.06 17.71
N ASP A 194 16.07 -6.19 18.86
CA ASP A 194 15.73 -7.21 19.83
C ASP A 194 16.12 -6.73 21.22
N VAL A 195 15.49 -7.32 22.23
CA VAL A 195 15.66 -6.89 23.62
C VAL A 195 15.39 -8.08 24.52
N LYS A 196 16.18 -8.17 25.61
CA LYS A 196 16.04 -9.25 26.58
C LYS A 196 16.32 -8.72 27.98
N PHE A 197 15.64 -9.31 28.96
CA PHE A 197 15.88 -8.99 30.36
C PHE A 197 17.13 -9.72 30.85
N LEU A 198 18.03 -8.99 31.50
CA LEU A 198 19.27 -9.58 31.99
C LEU A 198 19.03 -10.35 33.28
N TYR A 199 19.92 -11.31 33.54
CA TYR A 199 19.87 -12.14 34.74
C TYR A 199 20.84 -11.60 35.78
N GLY A 200 20.46 -11.71 37.05
CA GLY A 200 21.32 -11.33 38.14
C GLY A 200 21.55 -9.83 38.25
N CYS A 201 20.50 -9.09 38.60
CA CYS A 201 20.59 -7.65 38.78
C CYS A 201 19.65 -7.23 39.90
N GLN A 202 20.07 -6.23 40.68
CA GLN A 202 19.22 -5.72 41.75
C GLN A 202 17.96 -5.08 41.19
N ALA A 203 18.11 -4.16 40.25
CA ALA A 203 16.98 -3.55 39.56
C ALA A 203 16.76 -4.23 38.22
N PRO A 204 15.51 -4.35 37.78
CA PRO A 204 15.22 -4.97 36.47
C PRO A 204 15.91 -4.22 35.35
N THR A 205 16.77 -4.94 34.62
CA THR A 205 17.62 -4.36 33.60
C THR A 205 17.33 -5.00 32.26
N ILE A 206 17.22 -4.18 31.22
CA ILE A 206 16.99 -4.64 29.85
C ILE A 206 18.25 -4.38 29.02
N CYS A 207 18.49 -5.25 28.05
CA CYS A 207 19.58 -5.10 27.10
C CYS A 207 19.03 -5.27 25.70
N PHE A 208 19.29 -4.30 24.83
CA PHE A 208 18.66 -4.26 23.51
C PHE A 208 19.68 -3.85 22.46
N VAL A 209 19.40 -4.24 21.22
CA VAL A 209 20.21 -3.85 20.06
C VAL A 209 19.39 -2.89 19.22
N TYR A 210 19.96 -1.72 18.93
CA TYR A 210 19.30 -0.68 18.16
C TYR A 210 20.22 -0.22 17.03
N GLN A 211 19.71 0.71 16.23
CA GLN A 211 20.44 1.24 15.09
C GLN A 211 20.29 2.75 15.03
N ASP A 212 21.38 3.44 14.73
CA ASP A 212 21.42 4.87 14.48
C ASP A 212 22.23 5.10 13.22
N PRO A 213 22.26 6.35 12.71
CA PRO A 213 23.08 6.61 11.50
C PRO A 213 24.53 6.20 11.63
N GLN A 214 25.07 6.12 12.84
CA GLN A 214 26.46 5.71 13.00
C GLN A 214 26.64 4.20 12.79
N GLY A 215 25.59 3.43 13.03
CA GLY A 215 25.64 1.98 12.86
C GLY A 215 24.73 1.30 13.85
N ARG A 216 24.96 0.01 14.06
CA ARG A 216 24.20 -0.76 15.02
C ARG A 216 24.96 -0.83 16.35
N HIS A 217 24.22 -0.65 17.45
CA HIS A 217 24.81 -0.63 18.78
C HIS A 217 23.96 -1.47 19.72
N VAL A 218 24.55 -1.79 20.88
CA VAL A 218 23.85 -2.46 21.96
C VAL A 218 23.87 -1.55 23.18
N LYS A 219 22.79 -1.59 23.96
CA LYS A 219 22.66 -0.67 25.08
C LYS A 219 21.79 -1.31 26.16
N THR A 220 22.04 -0.91 27.40
CA THR A 220 21.32 -1.41 28.56
C THR A 220 20.62 -0.27 29.28
N TYR A 221 19.45 -0.59 29.84
CA TYR A 221 18.66 0.37 30.61
C TYR A 221 18.18 -0.29 31.88
N GLU A 222 17.88 0.54 32.88
CA GLU A 222 17.31 0.07 34.14
C GLU A 222 15.92 0.68 34.30
N VAL A 223 14.89 -0.17 34.34
CA VAL A 223 13.52 0.30 34.46
C VAL A 223 13.21 0.53 35.92
N SER A 224 12.76 1.75 36.26
CA SER A 224 12.38 2.09 37.62
C SER A 224 10.86 1.96 37.77
N LEU A 225 10.44 1.34 38.87
CA LEU A 225 9.01 1.27 39.19
C LEU A 225 8.54 2.45 40.03
N ARG A 226 9.44 3.05 40.82
CA ARG A 226 9.08 4.24 41.57
C ARG A 226 8.96 5.45 40.67
N GLU A 227 9.91 5.62 39.74
CA GLU A 227 9.94 6.78 38.86
C GLU A 227 9.31 6.51 37.50
N LYS A 228 9.11 5.23 37.14
CA LYS A 228 8.53 4.86 35.85
C LYS A 228 9.36 5.43 34.69
N GLU A 229 10.68 5.32 34.79
CA GLU A 229 11.58 5.88 33.80
C GLU A 229 12.77 4.92 33.65
N PHE A 230 13.78 5.38 32.92
CA PHE A 230 14.99 4.62 32.65
C PHE A 230 16.19 5.27 33.33
N ASN A 231 17.08 4.42 33.83
CA ASN A 231 18.37 4.84 34.37
C ASN A 231 19.48 4.14 33.61
N LYS A 232 20.69 4.71 33.73
CA LYS A 232 21.85 4.15 33.03
C LYS A 232 22.08 2.69 33.46
N GLY A 233 22.56 1.89 32.52
CA GLY A 233 22.71 0.47 32.73
C GLY A 233 24.02 0.09 33.40
N PRO A 234 24.18 -1.21 33.67
CA PRO A 234 25.42 -1.68 34.32
C PRO A 234 26.65 -1.60 33.44
N TRP A 235 26.48 -1.41 32.13
CA TRP A 235 27.63 -1.25 31.23
C TRP A 235 27.20 -0.39 30.05
N LYS A 236 28.10 0.48 29.60
CA LYS A 236 27.79 1.46 28.57
C LYS A 236 27.60 0.77 27.21
N GLN A 237 27.27 1.59 26.21
CA GLN A 237 26.95 1.06 24.89
C GLN A 237 28.21 0.54 24.18
N GLU A 238 27.98 -0.33 23.21
CA GLU A 238 29.04 -0.90 22.39
C GLU A 238 28.63 -0.86 20.93
N ASN A 239 29.62 -0.76 20.05
CA ASN A 239 29.40 -0.75 18.61
C ASN A 239 29.59 -2.18 18.09
N VAL A 240 28.48 -2.83 17.76
CA VAL A 240 28.49 -4.25 17.43
C VAL A 240 28.48 -4.47 15.92
N GLU A 241 28.20 -5.70 15.50
CA GLU A 241 28.18 -6.04 14.08
C GLU A 241 27.03 -5.35 13.37
N ALA A 242 27.24 -5.05 12.08
CA ALA A 242 26.22 -4.38 11.29
C ALA A 242 24.97 -5.23 11.09
N GLU A 243 25.05 -6.54 11.32
CA GLU A 243 23.91 -7.43 11.17
C GLU A 243 23.61 -8.17 12.48
N ALA A 244 23.88 -7.52 13.61
CA ALA A 244 23.54 -8.08 14.91
C ALA A 244 22.03 -8.24 15.04
N SER A 245 21.56 -9.49 14.99
CA SER A 245 20.13 -9.77 14.91
C SER A 245 19.54 -10.29 16.22
N MET A 246 20.18 -11.24 16.88
CA MET A 246 19.61 -11.93 18.02
C MET A 246 20.34 -11.59 19.31
N VAL A 247 19.59 -11.58 20.41
CA VAL A 247 20.12 -11.33 21.74
C VAL A 247 19.70 -12.48 22.65
N ILE A 248 20.65 -13.01 23.42
CA ILE A 248 20.41 -14.11 24.34
C ILE A 248 20.85 -13.67 25.73
N ALA A 249 19.94 -13.79 26.70
CA ALA A 249 20.24 -13.43 28.08
C ALA A 249 20.82 -14.65 28.79
N VAL A 250 22.05 -14.52 29.29
CA VAL A 250 22.74 -15.63 29.93
C VAL A 250 22.50 -15.58 31.44
N PRO A 251 22.08 -16.67 32.06
CA PRO A 251 21.81 -16.66 33.49
C PRO A 251 23.10 -16.73 34.30
N GLU A 252 22.94 -16.69 35.62
CA GLU A 252 24.06 -16.78 36.53
C GLU A 252 24.69 -18.17 36.47
N PRO A 253 25.98 -18.29 36.86
CA PRO A 253 26.88 -17.26 37.36
C PRO A 253 27.57 -16.46 36.26
N PHE A 254 27.27 -16.78 35.01
CA PHE A 254 27.89 -16.08 33.89
C PHE A 254 27.36 -14.65 33.78
N GLY A 255 26.06 -14.51 33.57
CA GLY A 255 25.49 -13.19 33.35
C GLY A 255 25.80 -12.67 31.96
N GLY A 256 25.52 -11.38 31.78
CA GLY A 256 25.76 -10.72 30.52
C GLY A 256 24.77 -11.12 29.44
N ALA A 257 25.15 -10.82 28.20
CA ALA A 257 24.29 -11.06 27.05
C ALA A 257 25.14 -11.45 25.85
N ILE A 258 24.60 -12.36 25.04
CA ILE A 258 25.21 -12.79 23.79
C ILE A 258 24.50 -12.12 22.64
N ILE A 259 25.28 -11.55 21.71
CA ILE A 259 24.77 -10.87 20.53
C ILE A 259 25.20 -11.68 19.32
N ILE A 260 24.24 -12.15 18.53
CA ILE A 260 24.49 -13.05 17.41
C ILE A 260 24.01 -12.39 16.13
N GLY A 261 24.88 -12.39 15.11
CA GLY A 261 24.52 -11.93 13.79
C GLY A 261 24.74 -13.02 12.75
N GLN A 262 24.99 -12.62 11.50
CA GLN A 262 25.30 -13.61 10.47
C GLN A 262 26.76 -14.07 10.53
N GLU A 263 27.66 -13.28 11.11
CA GLU A 263 29.08 -13.54 11.01
C GLU A 263 29.85 -13.42 12.33
N SER A 264 29.18 -13.13 13.44
CA SER A 264 29.87 -12.99 14.71
C SER A 264 28.92 -13.26 15.86
N ILE A 265 29.43 -13.94 16.88
CA ILE A 265 28.68 -14.24 18.10
C ILE A 265 29.49 -13.69 19.26
N THR A 266 29.17 -12.48 19.68
CA THR A 266 29.91 -11.80 20.74
C THR A 266 29.19 -11.90 22.08
N TYR A 267 29.88 -11.51 23.13
CA TYR A 267 29.36 -11.60 24.49
C TYR A 267 29.85 -10.40 25.29
N HIS A 268 28.92 -9.79 26.05
CA HIS A 268 29.22 -8.62 26.87
C HIS A 268 28.71 -8.83 28.27
N ASN A 269 29.51 -8.44 29.26
CA ASN A 269 29.12 -8.57 30.67
C ASN A 269 29.98 -7.59 31.47
N GLY A 270 29.47 -6.35 31.60
CA GLY A 270 30.22 -5.31 32.27
C GLY A 270 31.48 -4.96 31.53
N ASP A 271 32.63 -5.37 32.07
CA ASP A 271 33.90 -5.20 31.39
C ASP A 271 34.25 -6.40 30.51
N LYS A 272 33.67 -7.56 30.78
CA LYS A 272 33.91 -8.76 29.98
C LYS A 272 33.44 -8.56 28.54
N TYR A 273 34.38 -8.57 27.60
CA TYR A 273 34.09 -8.38 26.18
C TYR A 273 34.74 -9.51 25.41
N LEU A 274 33.93 -10.39 24.83
CA LEU A 274 34.44 -11.51 24.05
C LEU A 274 33.83 -11.47 22.66
N ALA A 275 34.61 -11.84 21.65
CA ALA A 275 34.14 -11.80 20.27
C ALA A 275 34.78 -12.93 19.49
N ILE A 276 33.97 -13.64 18.71
CA ILE A 276 34.45 -14.68 17.80
C ILE A 276 33.83 -14.45 16.43
N ALA A 277 34.32 -15.20 15.44
CA ALA A 277 33.79 -15.14 14.08
C ALA A 277 33.98 -16.49 13.41
N PRO A 278 33.18 -17.49 13.80
CA PRO A 278 33.31 -18.82 13.20
C PRO A 278 32.78 -18.84 11.77
N PRO A 279 33.61 -19.23 10.81
CA PRO A 279 33.15 -19.24 9.40
C PRO A 279 32.08 -20.28 9.11
N ILE A 280 31.77 -21.18 10.04
CA ILE A 280 30.79 -22.22 9.76
C ILE A 280 29.39 -21.64 9.69
N ILE A 281 29.13 -20.52 10.38
CA ILE A 281 27.81 -19.90 10.37
C ILE A 281 27.68 -18.84 9.28
N LYS A 282 28.72 -18.63 8.47
CA LYS A 282 28.64 -17.65 7.39
C LYS A 282 27.79 -18.14 6.23
N GLN A 283 27.34 -19.40 6.25
CA GLN A 283 26.55 -19.95 5.16
C GLN A 283 25.07 -19.60 5.26
N SER A 284 24.60 -19.20 6.44
CA SER A 284 23.20 -18.86 6.63
C SER A 284 23.05 -18.02 7.89
N THR A 285 21.96 -17.26 7.93
CA THR A 285 21.69 -16.39 9.07
C THR A 285 20.96 -17.18 10.16
N ILE A 286 21.42 -17.03 11.40
CA ILE A 286 20.79 -17.69 12.54
C ILE A 286 19.55 -16.89 12.93
N VAL A 287 18.45 -17.60 13.23
CA VAL A 287 17.15 -16.98 13.43
C VAL A 287 16.63 -17.19 14.85
N CYS A 288 16.71 -18.42 15.35
CA CYS A 288 16.11 -18.77 16.64
C CYS A 288 17.13 -19.43 17.54
N HIS A 289 16.80 -19.51 18.83
CA HIS A 289 17.68 -20.09 19.83
C HIS A 289 16.83 -20.70 20.95
N ASN A 290 17.51 -21.43 21.83
CA ASN A 290 16.88 -22.03 22.99
C ASN A 290 17.96 -22.45 23.97
N ARG A 291 17.64 -22.35 25.26
CA ARG A 291 18.60 -22.67 26.32
C ARG A 291 18.53 -24.15 26.66
N VAL A 292 19.69 -24.81 26.68
CA VAL A 292 19.77 -26.22 27.00
C VAL A 292 19.99 -26.38 28.50
N ASP A 293 21.18 -26.00 28.96
CA ASP A 293 21.50 -26.12 30.38
C ASP A 293 20.95 -24.92 31.14
N PRO A 294 20.27 -25.13 32.27
CA PRO A 294 19.71 -23.99 33.02
C PRO A 294 20.74 -22.97 33.45
N ASN A 295 22.00 -23.37 33.65
CA ASN A 295 23.04 -22.43 34.01
C ASN A 295 23.61 -21.67 32.82
N GLY A 296 23.32 -22.12 31.59
CA GLY A 296 23.74 -21.39 30.42
C GLY A 296 25.07 -21.82 29.83
N SER A 297 25.43 -23.10 29.94
CA SER A 297 26.70 -23.57 29.39
C SER A 297 26.59 -23.99 27.94
N ARG A 298 25.41 -24.46 27.51
CA ARG A 298 25.20 -24.88 26.13
C ARG A 298 23.92 -24.26 25.59
N TYR A 299 23.94 -23.97 24.29
CA TYR A 299 22.79 -23.38 23.61
C TYR A 299 22.65 -24.00 22.22
N LEU A 300 21.41 -24.14 21.78
CA LEU A 300 21.11 -24.60 20.43
C LEU A 300 20.83 -23.40 19.53
N LEU A 301 21.36 -23.43 18.32
CA LEU A 301 21.16 -22.36 17.35
C LEU A 301 20.66 -22.95 16.04
N GLY A 302 19.72 -22.25 15.41
CA GLY A 302 19.19 -22.70 14.13
C GLY A 302 19.27 -21.63 13.07
N ASP A 303 19.81 -21.97 11.90
CA ASP A 303 19.92 -20.99 10.84
C ASP A 303 18.72 -21.09 9.89
N MET A 304 18.73 -20.25 8.84
CA MET A 304 17.61 -20.20 7.93
C MET A 304 17.46 -21.50 7.14
N GLU A 305 18.58 -22.04 6.63
CA GLU A 305 18.52 -23.24 5.82
C GLU A 305 18.26 -24.51 6.64
N GLY A 306 18.09 -24.40 7.95
CA GLY A 306 17.74 -25.54 8.77
C GLY A 306 18.88 -26.19 9.52
N ARG A 307 20.09 -25.65 9.44
CA ARG A 307 21.22 -26.22 10.15
C ARG A 307 21.14 -25.89 11.64
N LEU A 308 21.46 -26.89 12.46
CA LEU A 308 21.43 -26.79 13.92
C LEU A 308 22.86 -26.86 14.44
N PHE A 309 23.29 -25.79 15.11
CA PHE A 309 24.62 -25.64 15.69
C PHE A 309 24.53 -25.65 17.21
N MET A 310 25.67 -25.94 17.83
CA MET A 310 25.81 -25.94 19.28
C MET A 310 26.78 -24.82 19.68
N LEU A 311 26.33 -23.93 20.54
CA LEU A 311 27.16 -22.87 21.09
C LEU A 311 27.51 -23.22 22.53
N LEU A 312 28.80 -23.39 22.80
CA LEU A 312 29.27 -23.81 24.11
C LEU A 312 29.94 -22.65 24.84
N LEU A 313 29.64 -22.51 26.12
CA LEU A 313 30.24 -21.51 26.99
C LEU A 313 31.14 -22.22 28.00
N GLU A 314 32.40 -21.81 28.05
CA GLU A 314 33.40 -22.47 28.87
C GLU A 314 33.76 -21.63 30.09
N LYS A 315 34.00 -22.31 31.21
CA LYS A 315 34.35 -21.63 32.44
C LYS A 315 35.86 -21.54 32.60
N VAL A 323 34.01 -18.75 37.41
CA VAL A 323 33.52 -17.47 37.89
C VAL A 323 33.13 -16.57 36.72
N THR A 324 33.96 -16.58 35.68
CA THR A 324 33.72 -15.79 34.47
C THR A 324 33.87 -16.69 33.25
N LEU A 325 33.50 -16.14 32.10
CA LEU A 325 33.54 -16.88 30.85
C LEU A 325 34.96 -17.01 30.33
N LYS A 326 35.27 -18.15 29.72
CA LYS A 326 36.59 -18.42 29.19
C LYS A 326 36.65 -18.22 27.68
N ASP A 327 35.79 -18.90 26.93
CA ASP A 327 35.81 -18.81 25.47
C ASP A 327 34.47 -19.30 24.92
N LEU A 328 34.17 -18.86 23.71
CA LEU A 328 32.98 -19.29 22.98
C LEU A 328 33.40 -20.23 21.85
N ARG A 329 32.55 -21.23 21.58
CA ARG A 329 32.84 -22.22 20.55
C ARG A 329 31.55 -22.62 19.86
N VAL A 330 31.61 -22.71 18.53
CA VAL A 330 30.46 -23.10 17.71
C VAL A 330 30.80 -24.41 17.03
N GLU A 331 29.91 -25.40 17.18
CA GLU A 331 30.08 -26.71 16.56
C GLU A 331 28.79 -27.11 15.88
N LEU A 332 28.89 -27.53 14.63
CA LEU A 332 27.72 -27.88 13.82
C LEU A 332 27.20 -29.24 14.25
N LEU A 333 26.04 -29.26 14.91
CA LEU A 333 25.43 -30.53 15.32
C LEU A 333 24.88 -31.28 14.12
N GLY A 334 23.97 -30.66 13.37
CA GLY A 334 23.40 -31.35 12.23
C GLY A 334 22.40 -30.57 11.40
N GLU A 335 21.47 -31.28 10.78
CA GLU A 335 20.50 -30.70 9.86
C GLU A 335 19.10 -31.14 10.26
N THR A 336 18.31 -30.21 10.78
CA THR A 336 16.92 -30.45 11.12
C THR A 336 16.02 -29.78 10.09
N SER A 337 14.71 -29.79 10.36
CA SER A 337 13.79 -29.04 9.52
C SER A 337 14.04 -27.54 9.70
N ILE A 338 13.52 -26.76 8.75
CA ILE A 338 13.66 -25.31 8.81
C ILE A 338 13.02 -24.81 10.09
N ALA A 339 13.85 -24.65 11.13
CA ALA A 339 13.36 -24.44 12.48
C ALA A 339 12.79 -23.02 12.63
N GLU A 340 11.49 -22.95 12.95
CA GLU A 340 10.91 -21.69 13.40
C GLU A 340 11.22 -21.43 14.86
N CYS A 341 11.28 -22.49 15.67
CA CYS A 341 11.61 -22.38 17.09
C CYS A 341 12.20 -23.69 17.57
N LEU A 342 12.99 -23.61 18.63
CA LEU A 342 13.67 -24.77 19.20
C LEU A 342 13.31 -24.89 20.68
N THR A 343 13.32 -26.12 21.19
CA THR A 343 13.22 -26.32 22.62
C THR A 343 13.90 -27.62 23.01
N TYR A 344 14.56 -27.60 24.17
CA TYR A 344 15.28 -28.76 24.68
C TYR A 344 14.45 -29.40 25.80
N LEU A 345 13.95 -30.61 25.54
CA LEU A 345 13.19 -31.34 26.53
C LEU A 345 14.11 -31.94 27.57
N ASP A 346 14.31 -33.26 27.52
CA ASP A 346 15.26 -33.95 28.38
C ASP A 346 15.71 -35.21 27.66
N ASN A 347 16.57 -35.98 28.33
CA ASN A 347 17.18 -37.19 27.79
C ASN A 347 18.04 -36.94 26.56
N GLY A 348 18.26 -35.67 26.22
CA GLY A 348 18.89 -35.32 24.96
C GLY A 348 17.93 -35.16 23.80
N VAL A 349 16.64 -35.11 24.06
CA VAL A 349 15.61 -35.00 23.03
C VAL A 349 15.28 -33.52 22.82
N VAL A 350 15.14 -33.13 21.55
CA VAL A 350 14.90 -31.75 21.18
C VAL A 350 13.64 -31.70 20.31
N PHE A 351 12.83 -30.66 20.48
CA PHE A 351 11.68 -30.42 19.64
C PHE A 351 11.95 -29.20 18.76
N VAL A 352 11.62 -29.34 17.47
CA VAL A 352 11.86 -28.33 16.45
C VAL A 352 10.50 -27.97 15.86
N GLY A 353 10.02 -26.77 16.17
CA GLY A 353 8.79 -26.28 15.60
C GLY A 353 9.07 -25.54 14.31
N SER A 354 8.38 -25.94 13.24
CA SER A 354 8.61 -25.41 11.91
C SER A 354 7.29 -25.06 11.26
N ARG A 355 7.19 -23.84 10.72
CA ARG A 355 6.01 -23.45 9.95
C ARG A 355 6.16 -23.83 8.48
N LEU A 356 7.36 -23.75 7.94
CA LEU A 356 7.61 -24.08 6.54
C LEU A 356 7.67 -25.58 6.28
N GLY A 357 7.70 -26.40 7.33
CA GLY A 357 7.77 -27.84 7.15
C GLY A 357 7.27 -28.55 8.39
N ASP A 358 7.33 -29.87 8.33
CA ASP A 358 6.85 -30.71 9.43
C ASP A 358 7.63 -30.42 10.71
N SER A 359 6.93 -30.50 11.83
CA SER A 359 7.61 -30.35 13.12
C SER A 359 8.33 -31.64 13.47
N GLN A 360 9.42 -31.52 14.21
CA GLN A 360 10.28 -32.67 14.45
C GLN A 360 10.53 -32.88 15.94
N LEU A 361 10.64 -34.14 16.32
CA LEU A 361 11.22 -34.56 17.59
C LEU A 361 12.46 -35.36 17.26
N VAL A 362 13.62 -34.88 17.72
CA VAL A 362 14.90 -35.43 17.32
C VAL A 362 15.73 -35.76 18.55
N LYS A 363 16.78 -36.56 18.34
CA LYS A 363 17.70 -36.98 19.38
C LYS A 363 19.10 -36.49 19.05
N LEU A 364 19.83 -36.04 20.07
CA LEU A 364 21.20 -35.57 19.92
C LEU A 364 22.14 -36.54 20.61
N ASN A 365 23.01 -37.19 19.84
CA ASN A 365 23.98 -38.13 20.37
C ASN A 365 25.27 -37.41 20.75
N VAL A 366 26.14 -38.14 21.46
CA VAL A 366 27.45 -37.59 21.84
C VAL A 366 28.54 -37.92 20.84
N ASP A 367 28.29 -38.87 19.92
CA ASP A 367 29.25 -39.26 18.91
C ASP A 367 28.63 -39.13 17.54
N SER A 368 29.44 -38.72 16.55
CA SER A 368 28.95 -38.58 15.19
C SER A 368 28.74 -39.94 14.55
N ASN A 369 27.71 -40.03 13.69
CA ASN A 369 27.41 -41.28 13.00
C ASN A 369 28.30 -41.45 11.79
N GLU A 370 27.86 -42.25 10.81
CA GLU A 370 28.68 -42.51 9.64
C GLU A 370 28.76 -41.29 8.73
N GLN A 371 27.67 -40.54 8.61
CA GLN A 371 27.62 -39.38 7.73
C GLN A 371 28.21 -38.13 8.38
N GLY A 372 28.61 -38.19 9.64
CA GLY A 372 29.20 -37.05 10.31
C GLY A 372 28.19 -36.12 10.96
N SER A 373 27.09 -36.65 11.49
CA SER A 373 26.06 -35.85 12.14
C SER A 373 25.78 -36.38 13.53
N TYR A 374 25.33 -35.49 14.41
CA TYR A 374 24.97 -35.86 15.77
C TYR A 374 23.45 -35.98 15.95
N VAL A 375 22.67 -35.77 14.89
CA VAL A 375 21.22 -35.68 14.97
C VAL A 375 20.62 -36.94 14.35
N VAL A 376 19.64 -37.52 15.04
CA VAL A 376 18.87 -38.65 14.55
C VAL A 376 17.40 -38.34 14.75
N ALA A 377 16.60 -38.51 13.71
CA ALA A 377 15.18 -38.19 13.79
C ALA A 377 14.44 -39.23 14.63
N MET A 378 13.54 -38.75 15.49
CA MET A 378 12.71 -39.62 16.31
C MET A 378 11.27 -39.68 15.84
N GLU A 379 10.63 -38.53 15.62
CA GLU A 379 9.25 -38.53 15.16
C GLU A 379 8.96 -37.24 14.39
N THR A 380 7.93 -37.32 13.53
CA THR A 380 7.56 -36.24 12.63
C THR A 380 6.09 -35.91 12.82
N PHE A 381 5.79 -34.65 13.07
CA PHE A 381 4.43 -34.14 13.21
C PHE A 381 4.05 -33.36 11.96
N THR A 382 2.85 -33.65 11.44
CA THR A 382 2.40 -33.06 10.19
C THR A 382 2.27 -31.54 10.29
N ASN A 383 2.65 -30.85 9.22
CA ASN A 383 2.50 -29.41 9.14
C ASN A 383 2.17 -29.06 7.69
N LEU A 384 0.91 -28.72 7.43
CA LEU A 384 0.43 -28.49 6.07
C LEU A 384 0.75 -27.10 5.55
N GLY A 385 1.37 -26.24 6.34
CA GLY A 385 1.66 -24.89 5.92
C GLY A 385 3.04 -24.77 5.28
N PRO A 386 3.19 -23.83 4.33
CA PRO A 386 2.09 -23.00 3.81
C PRO A 386 1.39 -23.63 2.61
N ILE A 387 0.07 -23.48 2.55
CA ILE A 387 -0.72 -23.96 1.41
C ILE A 387 -0.82 -22.81 0.40
N VAL A 388 -0.21 -23.00 -0.78
CA VAL A 388 -0.23 -21.97 -1.81
C VAL A 388 -1.19 -22.30 -2.94
N ASP A 389 -1.53 -23.56 -3.15
CA ASP A 389 -2.52 -23.95 -4.16
C ASP A 389 -2.96 -25.39 -3.87
N MET A 390 -4.10 -25.75 -4.44
CA MET A 390 -4.68 -27.06 -4.19
C MET A 390 -5.76 -27.34 -5.23
N CYS A 391 -6.21 -28.59 -5.25
CA CYS A 391 -7.27 -29.00 -6.17
C CYS A 391 -8.01 -30.20 -5.59
N VAL A 392 -9.25 -30.38 -6.03
CA VAL A 392 -10.13 -31.44 -5.55
C VAL A 392 -10.27 -32.49 -6.63
N VAL A 393 -10.12 -33.76 -6.25
CA VAL A 393 -10.14 -34.88 -7.19
C VAL A 393 -11.01 -35.99 -6.63
N ASP A 394 -11.63 -36.76 -7.53
CA ASP A 394 -12.34 -37.99 -7.17
C ASP A 394 -11.40 -39.16 -7.46
N LEU A 395 -10.42 -39.33 -6.55
CA LEU A 395 -9.36 -40.31 -6.75
C LEU A 395 -9.88 -41.75 -6.61
N GLU A 396 -9.85 -42.27 -5.39
CA GLU A 396 -10.21 -43.67 -5.15
C GLU A 396 -11.68 -43.93 -5.43
N ARG A 397 -12.56 -43.45 -4.54
CA ARG A 397 -13.99 -43.65 -4.69
C ARG A 397 -14.61 -42.51 -5.48
N GLN A 398 -15.50 -42.85 -6.41
CA GLN A 398 -16.19 -41.87 -7.23
C GLN A 398 -17.26 -41.19 -6.37
N GLY A 399 -16.97 -39.98 -5.92
CA GLY A 399 -17.85 -39.28 -5.01
C GLY A 399 -17.12 -38.83 -3.75
N GLN A 400 -16.27 -39.70 -3.23
CA GLN A 400 -15.42 -39.38 -2.10
C GLN A 400 -14.32 -38.43 -2.58
N GLY A 401 -14.51 -37.14 -2.32
CA GLY A 401 -13.56 -36.15 -2.78
C GLY A 401 -12.32 -36.10 -1.89
N GLN A 402 -11.17 -35.89 -2.53
CA GLN A 402 -9.89 -35.74 -1.84
C GLN A 402 -9.21 -34.47 -2.30
N LEU A 403 -8.38 -33.91 -1.44
CA LEU A 403 -7.75 -32.62 -1.68
C LEU A 403 -6.24 -32.79 -1.82
N VAL A 404 -5.68 -32.31 -2.92
CA VAL A 404 -4.25 -32.34 -3.17
C VAL A 404 -3.73 -30.91 -3.06
N THR A 405 -2.84 -30.68 -2.10
CA THR A 405 -2.35 -29.35 -1.78
C THR A 405 -0.83 -29.30 -1.92
N CYS A 406 -0.33 -28.17 -2.43
CA CYS A 406 1.10 -27.88 -2.44
C CYS A 406 1.45 -27.21 -1.12
N SER A 407 2.23 -27.89 -0.28
CA SER A 407 2.57 -27.39 1.04
C SER A 407 4.08 -27.23 1.17
N GLY A 408 4.48 -26.52 2.23
CA GLY A 408 5.88 -26.36 2.54
C GLY A 408 6.62 -25.46 1.56
N ALA A 409 7.91 -25.32 1.82
CA ALA A 409 8.79 -24.53 0.96
C ALA A 409 10.21 -25.06 1.14
N PHE A 410 11.07 -24.74 0.16
CA PHE A 410 12.45 -25.18 0.14
C PHE A 410 12.53 -26.71 0.24
N LYS A 411 13.48 -27.22 1.03
CA LYS A 411 13.61 -28.66 1.21
C LYS A 411 12.42 -29.27 1.94
N GLU A 412 11.55 -28.47 2.54
CA GLU A 412 10.37 -28.96 3.22
C GLU A 412 9.14 -29.00 2.33
N GLY A 413 9.26 -28.60 1.06
CA GLY A 413 8.11 -28.63 0.17
C GLY A 413 7.61 -30.05 -0.04
N SER A 414 6.30 -30.16 -0.27
CA SER A 414 5.66 -31.46 -0.36
C SER A 414 4.29 -31.33 -1.00
N LEU A 415 3.73 -32.48 -1.37
CA LEU A 415 2.34 -32.60 -1.78
C LEU A 415 1.58 -33.37 -0.71
N ARG A 416 0.43 -32.84 -0.31
CA ARG A 416 -0.38 -33.42 0.75
C ARG A 416 -1.72 -33.86 0.16
N ILE A 417 -2.05 -35.14 0.35
CA ILE A 417 -3.30 -35.71 -0.13
C ILE A 417 -4.17 -35.98 1.09
N ILE A 418 -5.27 -35.25 1.21
CA ILE A 418 -6.11 -35.27 2.41
C ILE A 418 -7.47 -35.85 2.07
N ARG A 419 -7.94 -36.78 2.89
CA ARG A 419 -9.28 -37.33 2.76
C ARG A 419 -9.80 -37.67 4.15
N ASN A 420 -11.11 -37.54 4.34
CA ASN A 420 -11.70 -37.79 5.65
C ASN A 420 -11.95 -39.28 5.84
N GLY A 421 -11.89 -39.72 7.09
CA GLY A 421 -12.12 -41.10 7.44
C GLY A 421 -13.54 -41.40 7.88
N LYS A 433 -9.18 -37.97 12.59
CA LYS A 433 -10.37 -37.49 11.90
C LYS A 433 -10.13 -37.34 10.40
N LEU A 434 -8.89 -37.02 10.04
CA LEU A 434 -8.51 -36.79 8.64
C LEU A 434 -7.25 -37.57 8.33
N HIS A 435 -7.32 -38.41 7.30
CA HIS A 435 -6.16 -39.15 6.80
C HIS A 435 -5.40 -38.28 5.81
N ILE A 436 -4.08 -38.22 5.99
CA ILE A 436 -3.20 -37.37 5.19
C ILE A 436 -2.03 -38.20 4.70
N ARG A 437 -1.78 -38.17 3.39
CA ARG A 437 -0.59 -38.77 2.79
C ARG A 437 0.38 -37.66 2.40
N THR A 438 1.66 -37.91 2.65
CA THR A 438 2.73 -36.94 2.46
C THR A 438 3.66 -37.41 1.36
N VAL A 439 3.96 -36.50 0.42
CA VAL A 439 4.98 -36.77 -0.60
C VAL A 439 5.99 -35.62 -0.58
N PRO A 440 7.10 -35.75 0.12
CA PRO A 440 8.09 -34.65 0.17
C PRO A 440 8.81 -34.50 -1.16
N LEU A 441 8.89 -33.26 -1.63
CA LEU A 441 9.51 -32.96 -2.91
C LEU A 441 10.87 -32.29 -2.79
N TYR A 442 11.22 -31.77 -1.61
CA TYR A 442 12.51 -31.11 -1.36
C TYR A 442 12.71 -29.88 -2.24
N GLU A 443 11.64 -29.32 -2.78
CA GLU A 443 11.69 -28.06 -3.52
C GLU A 443 10.36 -27.35 -3.36
N SER A 444 10.40 -26.03 -3.43
CA SER A 444 9.22 -25.22 -3.14
C SER A 444 8.17 -25.37 -4.24
N PRO A 445 6.97 -25.85 -3.93
CA PRO A 445 5.90 -25.88 -4.91
C PRO A 445 5.14 -24.56 -4.95
N ARG A 446 4.45 -24.33 -6.06
CA ARG A 446 3.73 -23.07 -6.27
C ARG A 446 2.29 -23.31 -6.69
N LYS A 447 2.08 -23.98 -7.82
CA LYS A 447 0.75 -24.21 -8.37
C LYS A 447 0.55 -25.70 -8.58
N ILE A 448 -0.69 -26.08 -8.90
CA ILE A 448 -1.05 -27.47 -9.12
C ILE A 448 -2.42 -27.57 -9.78
N CYS A 449 -2.61 -28.56 -10.64
CA CYS A 449 -3.92 -28.89 -11.20
C CYS A 449 -3.91 -30.36 -11.59
N TYR A 450 -5.09 -30.88 -11.89
CA TYR A 450 -5.30 -32.28 -12.18
C TYR A 450 -5.70 -32.48 -13.64
N GLN A 451 -5.18 -33.55 -14.27
CA GLN A 451 -5.62 -33.97 -15.59
C GLN A 451 -6.10 -35.41 -15.49
N GLU A 452 -7.37 -35.61 -15.84
CA GLU A 452 -8.06 -36.89 -15.66
C GLU A 452 -7.70 -37.89 -16.74
N VAL A 453 -7.66 -37.45 -18.01
CA VAL A 453 -7.41 -38.38 -19.11
C VAL A 453 -6.02 -38.97 -19.00
N SER A 454 -5.04 -38.18 -18.56
CA SER A 454 -3.68 -38.65 -18.40
C SER A 454 -3.43 -39.22 -17.01
N GLN A 455 -4.42 -39.19 -16.12
CA GLN A 455 -4.32 -39.78 -14.79
C GLN A 455 -3.16 -39.18 -14.00
N CYS A 456 -3.01 -37.86 -14.03
CA CYS A 456 -1.82 -37.28 -13.42
C CYS A 456 -2.11 -35.87 -12.93
N PHE A 457 -1.09 -35.28 -12.30
CA PHE A 457 -1.13 -33.93 -11.76
C PHE A 457 0.01 -33.10 -12.35
N GLY A 458 -0.28 -31.85 -12.65
CA GLY A 458 0.73 -30.89 -13.08
C GLY A 458 1.00 -29.90 -11.95
N VAL A 459 2.29 -29.79 -11.59
CA VAL A 459 2.71 -29.00 -10.44
C VAL A 459 3.81 -28.04 -10.89
N LEU A 460 3.62 -26.75 -10.63
CA LEU A 460 4.69 -25.79 -10.81
C LEU A 460 5.55 -25.75 -9.55
N SER A 461 6.86 -25.92 -9.71
CA SER A 461 7.78 -25.91 -8.59
C SER A 461 8.97 -25.05 -8.92
N SER A 462 9.76 -24.72 -7.89
CA SER A 462 10.95 -23.91 -8.07
C SER A 462 11.99 -24.32 -7.05
N ARG A 463 13.23 -24.48 -7.51
CA ARG A 463 14.35 -24.83 -6.64
C ARG A 463 15.40 -23.73 -6.69
N ILE A 464 16.21 -23.68 -5.63
CA ILE A 464 17.26 -22.68 -5.50
C ILE A 464 18.57 -23.31 -5.94
N GLU A 465 19.34 -22.58 -6.75
CA GLU A 465 20.66 -23.01 -7.19
C GLU A 465 21.65 -21.88 -6.97
N VAL A 466 22.92 -22.24 -6.88
CA VAL A 466 23.98 -21.28 -6.60
C VAL A 466 24.89 -21.18 -7.81
N GLN A 467 25.57 -20.04 -7.92
CA GLN A 467 26.44 -19.79 -9.07
C GLN A 467 27.64 -20.71 -9.05
N ASP A 468 27.86 -21.42 -10.17
CA ASP A 468 29.01 -22.31 -10.27
C ASP A 468 30.31 -21.50 -10.35
N THR A 469 31.38 -22.10 -9.87
CA THR A 469 32.68 -21.43 -9.86
C THR A 469 33.18 -21.17 -11.27
N SER A 470 32.89 -22.06 -12.22
CA SER A 470 33.31 -21.85 -13.60
C SER A 470 32.33 -20.97 -14.35
N GLY A 471 31.09 -21.43 -14.51
CA GLY A 471 30.07 -20.68 -15.21
C GLY A 471 28.79 -21.46 -15.39
N GLY A 472 27.82 -21.22 -14.52
CA GLY A 472 26.55 -21.94 -14.58
C GLY A 472 25.87 -21.93 -13.22
N THR A 473 25.11 -23.00 -12.97
CA THR A 473 24.38 -23.16 -11.73
C THR A 473 24.58 -24.57 -11.18
N THR A 474 24.55 -24.68 -9.86
CA THR A 474 24.71 -25.94 -9.16
C THR A 474 23.64 -26.04 -8.08
N ALA A 475 23.07 -27.24 -7.94
CA ALA A 475 21.98 -27.47 -6.99
C ALA A 475 22.54 -27.80 -5.61
N LEU A 476 21.91 -27.25 -4.58
CA LEU A 476 22.32 -27.55 -3.21
C LEU A 476 21.95 -28.98 -2.83
N ARG A 477 20.78 -29.44 -3.25
CA ARG A 477 20.29 -30.76 -2.90
C ARG A 477 19.51 -31.33 -4.05
N PRO A 478 19.52 -32.65 -4.25
CA PRO A 478 18.71 -33.25 -5.32
C PRO A 478 17.23 -33.26 -4.93
N SER A 479 16.42 -32.55 -5.72
CA SER A 479 15.00 -32.43 -5.46
C SER A 479 14.22 -33.34 -6.41
N ALA A 480 12.91 -33.10 -6.54
CA ALA A 480 12.09 -33.89 -7.44
C ALA A 480 12.36 -33.56 -8.90
N SER A 481 12.92 -32.39 -9.20
CA SER A 481 13.19 -31.99 -10.57
C SER A 481 14.51 -32.56 -11.10
N THR A 482 15.42 -32.98 -10.22
CA THR A 482 16.70 -33.54 -10.62
C THR A 482 16.73 -35.06 -10.49
N GLN A 483 15.60 -35.69 -10.22
CA GLN A 483 15.53 -37.14 -10.08
C GLN A 483 14.32 -37.72 -10.78
N ALA A 484 13.89 -37.10 -11.88
CA ALA A 484 12.70 -37.55 -12.59
C ALA A 484 13.05 -38.60 -13.62
N LEU A 485 12.05 -39.42 -13.96
CA LEU A 485 12.25 -40.46 -14.97
C LEU A 485 12.60 -39.87 -16.32
N SER A 486 12.02 -38.72 -16.65
CA SER A 486 12.36 -37.99 -17.86
C SER A 486 12.35 -36.50 -17.55
N SER A 487 13.25 -35.76 -18.21
CA SER A 487 13.38 -34.33 -17.96
C SER A 487 13.89 -33.66 -19.22
N SER A 488 13.20 -32.59 -19.64
CA SER A 488 13.55 -31.85 -20.85
C SER A 488 13.58 -30.36 -20.53
N VAL A 489 13.94 -29.56 -21.54
CA VAL A 489 13.97 -28.11 -21.42
C VAL A 489 13.21 -27.52 -22.60
N SER A 490 12.99 -26.20 -22.54
CA SER A 490 12.24 -25.50 -23.57
C SER A 490 13.16 -24.92 -24.63
N SER A 491 12.58 -24.59 -25.78
CA SER A 491 13.34 -24.04 -26.90
C SER A 491 13.66 -22.57 -26.67
N SER A 492 13.13 -21.69 -27.53
CA SER A 492 13.36 -20.26 -27.41
C SER A 492 12.42 -19.54 -28.37
N LYS A 493 12.47 -18.22 -28.36
CA LYS A 493 11.67 -17.39 -29.25
C LYS A 493 12.34 -16.05 -29.50
N ALA A 500 21.44 -10.75 -22.18
CA ALA A 500 21.34 -10.57 -20.73
C ALA A 500 22.60 -9.92 -20.17
N PRO A 501 22.64 -8.59 -20.17
CA PRO A 501 23.82 -7.89 -19.63
C PRO A 501 23.90 -8.02 -18.12
N HIS A 502 25.14 -7.87 -17.62
CA HIS A 502 25.45 -8.00 -16.20
C HIS A 502 24.97 -9.35 -15.66
N GLU A 503 25.52 -10.41 -16.25
CA GLU A 503 25.08 -11.78 -15.95
C GLU A 503 25.81 -12.33 -14.75
N THR A 504 25.11 -13.19 -14.00
CA THR A 504 25.65 -13.94 -12.86
C THR A 504 26.24 -13.05 -11.78
N SER A 505 26.88 -13.68 -10.79
CA SER A 505 27.50 -12.99 -9.67
C SER A 505 28.45 -13.99 -9.00
N PHE A 506 28.80 -13.72 -7.75
CA PHE A 506 29.70 -14.60 -7.00
C PHE A 506 28.88 -15.35 -5.95
N GLY A 507 28.43 -16.55 -6.32
CA GLY A 507 27.79 -17.45 -5.37
C GLY A 507 26.47 -16.96 -4.82
N GLU A 508 25.64 -16.36 -5.66
CA GLU A 508 24.33 -15.89 -5.24
C GLU A 508 23.24 -16.88 -5.65
N GLU A 509 22.10 -16.77 -4.98
CA GLU A 509 21.00 -17.69 -5.21
C GLU A 509 20.19 -17.29 -6.44
N VAL A 510 19.69 -18.29 -7.17
CA VAL A 510 18.81 -18.09 -8.31
C VAL A 510 17.71 -19.14 -8.27
N GLU A 511 16.53 -18.74 -8.72
CA GLU A 511 15.39 -19.65 -8.79
C GLU A 511 15.35 -20.33 -10.15
N VAL A 512 14.99 -21.61 -10.14
CA VAL A 512 14.81 -22.40 -11.36
C VAL A 512 13.45 -23.07 -11.27
N HIS A 513 12.57 -22.76 -12.22
CA HIS A 513 11.20 -23.23 -12.19
C HIS A 513 11.00 -24.42 -13.12
N ASN A 514 10.15 -25.34 -12.70
CA ASN A 514 9.89 -26.57 -13.44
C ASN A 514 8.40 -26.88 -13.41
N LEU A 515 7.93 -27.53 -14.47
CA LEU A 515 6.62 -28.14 -14.52
C LEU A 515 6.80 -29.64 -14.34
N LEU A 516 6.23 -30.19 -13.27
CA LEU A 516 6.34 -31.60 -12.93
C LEU A 516 5.00 -32.28 -13.24
N ILE A 517 5.05 -33.29 -14.09
CA ILE A 517 3.92 -34.18 -14.33
C ILE A 517 4.14 -35.42 -13.48
N ILE A 518 3.21 -35.67 -12.56
CA ILE A 518 3.35 -36.72 -11.54
C ILE A 518 2.14 -37.64 -11.59
N ASP A 519 2.39 -38.94 -11.50
CA ASP A 519 1.32 -39.93 -11.53
C ASP A 519 0.41 -39.81 -10.31
N GLN A 520 -0.87 -40.11 -10.50
CA GLN A 520 -1.83 -40.04 -9.41
C GLN A 520 -1.77 -41.26 -8.51
N HIS A 521 -1.32 -42.41 -9.03
CA HIS A 521 -1.27 -43.64 -8.26
C HIS A 521 0.05 -43.78 -7.51
N THR A 522 1.15 -43.83 -8.25
CA THR A 522 2.47 -44.06 -7.64
C THR A 522 3.10 -42.78 -7.09
N PHE A 523 2.69 -41.61 -7.58
CA PHE A 523 3.29 -40.33 -7.18
C PHE A 523 4.79 -40.32 -7.45
N GLU A 524 5.19 -40.86 -8.60
CA GLU A 524 6.55 -40.74 -9.08
C GLU A 524 6.66 -39.52 -9.99
N VAL A 525 7.74 -38.77 -9.85
CA VAL A 525 7.97 -37.61 -10.70
C VAL A 525 8.17 -38.08 -12.13
N LEU A 526 7.07 -38.20 -12.87
CA LEU A 526 7.14 -38.76 -14.23
C LEU A 526 7.97 -37.87 -15.15
N HIS A 527 7.61 -36.59 -15.24
CA HIS A 527 8.34 -35.66 -16.09
C HIS A 527 8.63 -34.37 -15.32
N ALA A 528 9.81 -33.79 -15.61
CA ALA A 528 10.26 -32.56 -14.97
C ALA A 528 10.79 -31.61 -16.06
N HIS A 529 9.87 -30.91 -16.72
CA HIS A 529 10.26 -29.99 -17.78
C HIS A 529 10.73 -28.66 -17.18
N GLN A 530 11.86 -28.17 -17.67
CA GLN A 530 12.40 -26.90 -17.19
C GLN A 530 12.10 -25.80 -18.19
N PHE A 531 11.88 -24.59 -17.66
CA PHE A 531 11.59 -23.43 -18.49
C PHE A 531 12.89 -22.70 -18.81
N LEU A 532 12.79 -21.47 -19.29
CA LEU A 532 13.93 -20.75 -19.82
C LEU A 532 14.67 -19.99 -18.73
N GLN A 533 15.81 -19.40 -19.12
CA GLN A 533 16.61 -18.62 -18.20
C GLN A 533 15.93 -17.29 -17.88
N ASN A 534 16.02 -16.88 -16.61
CA ASN A 534 15.42 -15.63 -16.14
C ASN A 534 13.93 -15.59 -16.43
N GLU A 535 13.25 -16.69 -16.10
CA GLU A 535 11.82 -16.84 -16.34
C GLU A 535 11.13 -17.29 -15.06
N TYR A 536 9.92 -16.79 -14.84
CA TYR A 536 9.14 -17.12 -13.65
C TYR A 536 7.77 -17.62 -14.11
N ALA A 537 7.40 -18.82 -13.68
CA ALA A 537 6.10 -19.41 -14.01
C ALA A 537 5.05 -18.93 -13.02
N LEU A 538 3.89 -18.53 -13.54
CA LEU A 538 2.84 -17.93 -12.72
C LEU A 538 1.54 -18.72 -12.75
N SER A 539 1.02 -19.04 -13.93
CA SER A 539 -0.27 -19.69 -14.06
C SER A 539 -0.10 -21.15 -14.48
N LEU A 540 -1.18 -21.92 -14.33
CA LEU A 540 -1.19 -23.33 -14.69
C LEU A 540 -2.62 -23.79 -14.80
N VAL A 541 -3.00 -24.30 -15.97
CA VAL A 541 -4.35 -24.82 -16.22
C VAL A 541 -4.22 -26.13 -16.99
N SER A 542 -5.16 -27.04 -16.77
CA SER A 542 -5.27 -28.27 -17.54
C SER A 542 -6.68 -28.32 -18.13
N CYS A 543 -6.78 -28.24 -19.45
CA CYS A 543 -8.11 -28.09 -20.05
C CYS A 543 -8.10 -28.49 -21.51
N LYS A 544 -9.30 -28.54 -22.09
CA LYS A 544 -9.51 -28.80 -23.50
C LYS A 544 -10.15 -27.56 -24.13
N LEU A 545 -9.63 -27.15 -25.28
CA LEU A 545 -10.09 -25.93 -25.95
C LEU A 545 -10.43 -26.22 -27.40
N GLY A 546 -11.34 -25.41 -27.95
CA GLY A 546 -11.76 -25.52 -29.33
C GLY A 546 -12.38 -26.88 -29.63
N LYS A 547 -12.24 -27.29 -30.89
CA LYS A 547 -12.69 -28.61 -31.33
C LYS A 547 -11.63 -29.68 -31.09
N ASP A 548 -10.53 -29.34 -30.45
CA ASP A 548 -9.46 -30.30 -30.20
C ASP A 548 -9.80 -31.14 -28.98
N PRO A 549 -9.94 -32.46 -29.12
CA PRO A 549 -10.25 -33.31 -27.96
C PRO A 549 -9.05 -33.59 -27.06
N ASN A 550 -7.88 -33.05 -27.36
CA ASN A 550 -6.70 -33.28 -26.54
C ASN A 550 -6.70 -32.35 -25.34
N THR A 551 -6.43 -32.91 -24.16
CA THR A 551 -6.29 -32.13 -22.94
C THR A 551 -4.86 -31.64 -22.82
N TYR A 552 -4.69 -30.35 -22.54
CA TYR A 552 -3.40 -29.70 -22.54
C TYR A 552 -3.09 -29.09 -21.18
N PHE A 553 -1.80 -29.04 -20.86
CA PHE A 553 -1.27 -28.28 -19.73
C PHE A 553 -0.78 -26.93 -20.28
N ILE A 554 -1.47 -25.86 -19.91
CA ILE A 554 -1.13 -24.51 -20.35
C ILE A 554 -0.49 -23.78 -19.18
N VAL A 555 0.66 -23.15 -19.44
CA VAL A 555 1.45 -22.47 -18.42
C VAL A 555 1.74 -21.05 -18.89
N GLY A 556 1.58 -20.09 -17.99
CA GLY A 556 1.93 -18.70 -18.24
C GLY A 556 3.22 -18.34 -17.52
N THR A 557 4.07 -17.59 -18.19
CA THR A 557 5.39 -17.25 -17.67
C THR A 557 5.59 -15.73 -17.71
N ALA A 558 6.73 -15.28 -17.20
CA ALA A 558 7.10 -13.88 -17.20
C ALA A 558 8.62 -13.76 -17.22
N MET A 559 9.14 -12.89 -18.07
CA MET A 559 10.57 -12.63 -18.15
C MET A 559 10.94 -11.60 -17.10
N VAL A 560 11.56 -12.05 -16.02
CA VAL A 560 11.92 -11.19 -14.89
C VAL A 560 13.41 -10.91 -14.95
N TYR A 561 13.76 -9.62 -15.02
CA TYR A 561 15.13 -9.18 -15.12
C TYR A 561 15.46 -8.21 -13.99
N PRO A 562 16.75 -8.09 -13.61
CA PRO A 562 17.09 -7.16 -12.52
C PRO A 562 16.80 -5.71 -12.84
N GLU A 563 16.99 -5.28 -14.09
CA GLU A 563 16.78 -3.88 -14.43
C GLU A 563 15.30 -3.55 -14.61
N GLU A 564 14.51 -4.49 -15.12
CA GLU A 564 13.08 -4.26 -15.30
C GLU A 564 12.35 -4.43 -13.97
N ALA A 565 11.70 -3.36 -13.51
CA ALA A 565 10.85 -3.48 -12.33
C ALA A 565 9.60 -4.28 -12.65
N GLU A 566 8.89 -3.92 -13.71
CA GLU A 566 7.73 -4.65 -14.20
C GLU A 566 8.10 -5.45 -15.43
N PRO A 567 7.77 -6.73 -15.49
CA PRO A 567 8.10 -7.53 -16.68
C PRO A 567 7.28 -7.05 -17.88
N LYS A 568 7.96 -6.90 -19.02
CA LYS A 568 7.34 -6.48 -20.26
C LYS A 568 7.27 -7.61 -21.29
N GLN A 569 7.48 -8.85 -20.88
CA GLN A 569 7.59 -9.97 -21.80
C GLN A 569 7.20 -11.25 -21.08
N GLY A 570 6.46 -12.11 -21.79
CA GLY A 570 6.03 -13.36 -21.19
C GLY A 570 5.63 -14.37 -22.25
N ARG A 571 5.48 -15.62 -21.80
CA ARG A 571 5.11 -16.72 -22.67
C ARG A 571 3.84 -17.40 -22.17
N ILE A 572 3.06 -17.92 -23.11
CA ILE A 572 1.96 -18.83 -22.83
C ILE A 572 2.26 -20.10 -23.62
N VAL A 573 2.59 -21.17 -22.91
CA VAL A 573 3.07 -22.40 -23.53
C VAL A 573 2.08 -23.52 -23.27
N VAL A 574 1.81 -24.31 -24.31
CA VAL A 574 0.83 -25.39 -24.27
C VAL A 574 1.58 -26.70 -24.49
N PHE A 575 1.60 -27.54 -23.46
CA PHE A 575 2.20 -28.86 -23.51
C PHE A 575 1.12 -29.94 -23.57
N GLN A 576 1.48 -31.09 -24.14
CA GLN A 576 0.65 -32.29 -24.11
C GLN A 576 1.48 -33.44 -23.58
N TYR A 577 0.88 -34.27 -22.74
CA TYR A 577 1.57 -35.38 -22.09
C TYR A 577 0.95 -36.70 -22.55
N SER A 578 1.80 -37.64 -22.96
CA SER A 578 1.38 -38.96 -23.39
C SER A 578 2.59 -39.87 -23.49
N ASP A 579 2.38 -41.15 -23.17
CA ASP A 579 3.40 -42.19 -23.31
C ASP A 579 4.64 -41.92 -22.46
N GLY A 580 4.48 -41.15 -21.38
CA GLY A 580 5.59 -40.89 -20.49
C GLY A 580 6.59 -39.87 -20.98
N LYS A 581 6.17 -38.96 -21.86
CA LYS A 581 7.05 -37.93 -22.36
C LYS A 581 6.23 -36.68 -22.69
N LEU A 582 6.86 -35.52 -22.54
CA LEU A 582 6.21 -34.24 -22.74
C LEU A 582 6.77 -33.57 -24.00
N GLN A 583 5.87 -33.11 -24.86
CA GLN A 583 6.24 -32.42 -26.09
C GLN A 583 5.61 -31.04 -26.09
N THR A 584 6.43 -30.01 -26.30
CA THR A 584 5.95 -28.63 -26.33
C THR A 584 5.11 -28.43 -27.59
N VAL A 585 3.79 -28.35 -27.41
CA VAL A 585 2.89 -28.26 -28.56
C VAL A 585 2.88 -26.85 -29.13
N ALA A 586 2.54 -25.86 -28.29
CA ALA A 586 2.34 -24.50 -28.78
C ALA A 586 3.04 -23.50 -27.87
N GLU A 587 3.30 -22.32 -28.42
CA GLU A 587 3.97 -21.25 -27.68
C GLU A 587 3.53 -19.90 -28.27
N LYS A 588 3.15 -18.97 -27.39
CA LYS A 588 2.69 -17.65 -27.82
C LYS A 588 3.32 -16.60 -26.93
N GLU A 589 3.88 -15.55 -27.54
CA GLU A 589 4.53 -14.48 -26.79
C GLU A 589 3.55 -13.35 -26.50
N VAL A 590 3.70 -12.75 -25.32
CA VAL A 590 2.88 -11.62 -24.89
C VAL A 590 3.78 -10.56 -24.29
N LYS A 591 3.26 -9.34 -24.24
CA LYS A 591 4.03 -8.18 -23.78
C LYS A 591 3.80 -7.90 -22.30
N GLY A 592 3.98 -8.91 -21.46
CA GLY A 592 3.82 -8.75 -20.03
C GLY A 592 3.76 -10.08 -19.33
N ALA A 593 3.50 -10.02 -18.03
CA ALA A 593 3.46 -11.21 -17.20
C ALA A 593 2.10 -11.90 -17.29
N VAL A 594 2.12 -13.21 -17.43
CA VAL A 594 0.87 -14.00 -17.50
C VAL A 594 0.59 -14.47 -16.08
N TYR A 595 -0.04 -13.57 -15.30
CA TYR A 595 -0.24 -13.85 -13.88
C TYR A 595 -1.19 -15.02 -13.65
N SER A 596 -2.27 -15.09 -14.43
CA SER A 596 -3.26 -16.15 -14.24
C SER A 596 -3.94 -16.45 -15.55
N MET A 597 -4.43 -17.70 -15.67
CA MET A 597 -5.18 -18.15 -16.83
C MET A 597 -6.38 -18.96 -16.36
N VAL A 598 -7.43 -18.94 -17.19
CA VAL A 598 -8.70 -19.58 -16.85
C VAL A 598 -9.28 -20.21 -18.11
N GLU A 599 -9.94 -21.36 -17.96
CA GLU A 599 -10.72 -21.94 -19.03
C GLU A 599 -12.08 -21.24 -19.09
N PHE A 600 -12.45 -20.74 -20.27
CA PHE A 600 -13.67 -19.95 -20.43
C PHE A 600 -14.40 -20.42 -21.69
N ASN A 601 -15.34 -21.35 -21.51
CA ASN A 601 -16.26 -21.80 -22.56
C ASN A 601 -15.48 -22.25 -23.81
N GLY A 602 -14.52 -23.14 -23.61
CA GLY A 602 -13.71 -23.66 -24.69
C GLY A 602 -12.63 -22.73 -25.19
N LYS A 603 -12.43 -21.59 -24.56
CA LYS A 603 -11.38 -20.64 -24.92
C LYS A 603 -10.49 -20.38 -23.71
N LEU A 604 -9.44 -19.60 -23.91
CA LEU A 604 -8.44 -19.36 -22.87
C LEU A 604 -8.43 -17.89 -22.48
N LEU A 605 -8.78 -17.60 -21.23
CA LEU A 605 -8.79 -16.24 -20.70
C LEU A 605 -7.49 -16.01 -19.96
N ALA A 606 -6.65 -15.10 -20.47
CA ALA A 606 -5.35 -14.84 -19.89
C ALA A 606 -5.25 -13.38 -19.45
N SER A 607 -4.36 -13.14 -18.49
CA SER A 607 -4.10 -11.82 -17.94
C SER A 607 -2.65 -11.45 -18.24
N ILE A 608 -2.44 -10.34 -18.92
CA ILE A 608 -1.12 -9.86 -19.31
C ILE A 608 -1.01 -8.44 -18.79
N ASN A 609 -0.38 -8.28 -17.63
CA ASN A 609 -0.27 -6.99 -16.95
C ASN A 609 -1.65 -6.36 -16.78
N SER A 610 -1.83 -5.17 -17.35
CA SER A 610 -3.10 -4.44 -17.25
C SER A 610 -4.08 -4.82 -18.34
N THR A 611 -3.90 -5.97 -18.98
CA THR A 611 -4.73 -6.38 -20.10
C THR A 611 -5.36 -7.75 -19.81
N VAL A 612 -6.60 -7.92 -20.24
CA VAL A 612 -7.27 -9.22 -20.23
C VAL A 612 -7.52 -9.62 -21.67
N ARG A 613 -7.04 -10.80 -22.06
CA ARG A 613 -7.11 -11.23 -23.45
C ARG A 613 -7.74 -12.61 -23.54
N LEU A 614 -8.45 -12.83 -24.64
CA LEU A 614 -9.12 -14.09 -24.91
C LEU A 614 -8.49 -14.75 -26.12
N TYR A 615 -8.12 -16.02 -25.99
CA TYR A 615 -7.49 -16.79 -27.05
C TYR A 615 -8.38 -17.94 -27.48
N GLU A 616 -8.49 -18.12 -28.79
CA GLU A 616 -9.18 -19.25 -29.40
C GLU A 616 -8.15 -20.23 -29.92
N TRP A 617 -8.55 -21.51 -29.94
CA TRP A 617 -7.71 -22.60 -30.39
C TRP A 617 -8.05 -22.92 -31.85
N THR A 618 -7.16 -22.55 -32.76
CA THR A 618 -7.38 -22.76 -34.18
C THR A 618 -7.12 -24.22 -34.55
N THR A 619 -7.53 -24.58 -35.77
CA THR A 619 -7.26 -25.92 -36.27
C THR A 619 -5.77 -26.12 -36.53
N GLU A 620 -5.05 -25.05 -36.81
CA GLU A 620 -3.60 -25.10 -36.92
C GLU A 620 -2.91 -25.20 -35.56
N LYS A 621 -3.67 -25.34 -34.48
CA LYS A 621 -3.12 -25.50 -33.13
C LYS A 621 -2.29 -24.28 -32.73
N GLU A 622 -2.87 -23.10 -32.91
CA GLU A 622 -2.26 -21.84 -32.53
C GLU A 622 -3.26 -20.99 -31.77
N LEU A 623 -2.75 -20.19 -30.84
CA LEU A 623 -3.59 -19.28 -30.06
C LEU A 623 -3.88 -18.03 -30.88
N ARG A 624 -5.17 -17.73 -31.04
CA ARG A 624 -5.61 -16.59 -31.85
C ARG A 624 -6.38 -15.62 -30.97
N THR A 625 -5.93 -14.36 -30.95
CA THR A 625 -6.60 -13.35 -30.13
C THR A 625 -7.98 -13.02 -30.71
N GLU A 626 -8.99 -13.00 -29.84
CA GLU A 626 -10.34 -12.63 -30.23
C GLU A 626 -10.68 -11.19 -29.82
N CYS A 627 -10.60 -10.90 -28.52
CA CYS A 627 -10.94 -9.57 -28.02
C CYS A 627 -10.10 -9.27 -26.80
N ASN A 628 -9.77 -7.98 -26.64
CA ASN A 628 -9.00 -7.49 -25.51
C ASN A 628 -9.89 -6.69 -24.57
N HIS A 629 -9.34 -6.41 -23.39
CA HIS A 629 -9.97 -5.46 -22.46
C HIS A 629 -8.86 -4.83 -21.63
N TYR A 630 -8.75 -3.51 -21.71
CA TYR A 630 -7.71 -2.77 -21.02
C TYR A 630 -8.32 -2.10 -19.79
N ASN A 631 -7.69 -2.30 -18.63
CA ASN A 631 -8.21 -1.84 -17.36
C ASN A 631 -7.24 -0.83 -16.75
N ASN A 632 -7.59 -0.35 -15.56
CA ASN A 632 -6.75 0.58 -14.81
C ASN A 632 -5.84 -0.14 -13.81
N ILE A 633 -5.99 -1.45 -13.65
CA ILE A 633 -5.21 -2.24 -12.71
C ILE A 633 -4.65 -3.46 -13.45
N MET A 634 -3.55 -3.99 -12.92
CA MET A 634 -2.97 -5.20 -13.47
C MET A 634 -3.73 -6.41 -12.94
N ALA A 635 -4.32 -7.19 -13.85
CA ALA A 635 -5.19 -8.30 -13.49
C ALA A 635 -4.37 -9.42 -12.86
N LEU A 636 -4.40 -9.52 -11.53
CA LEU A 636 -3.71 -10.59 -10.84
C LEU A 636 -4.62 -11.80 -10.62
N TYR A 637 -5.83 -11.58 -10.14
CA TYR A 637 -6.78 -12.65 -9.84
C TYR A 637 -7.82 -12.73 -10.94
N LEU A 638 -8.00 -13.93 -11.50
CA LEU A 638 -8.96 -14.17 -12.57
C LEU A 638 -9.87 -15.33 -12.17
N LYS A 639 -11.18 -15.12 -12.25
CA LYS A 639 -12.15 -16.18 -12.01
C LYS A 639 -13.29 -16.06 -13.01
N THR A 640 -14.01 -17.16 -13.19
CA THR A 640 -15.08 -17.22 -14.18
C THR A 640 -16.31 -17.88 -13.60
N LYS A 641 -17.45 -17.62 -14.25
CA LYS A 641 -18.67 -18.38 -14.00
C LYS A 641 -19.61 -18.15 -15.17
N GLY A 642 -19.75 -19.16 -16.02
CA GLY A 642 -20.59 -19.03 -17.21
C GLY A 642 -20.10 -17.96 -18.16
N ASP A 643 -20.68 -16.77 -18.07
CA ASP A 643 -20.26 -15.63 -18.88
C ASP A 643 -19.73 -14.47 -18.05
N PHE A 644 -19.74 -14.58 -16.73
CA PHE A 644 -19.20 -13.54 -15.86
C PHE A 644 -17.72 -13.79 -15.60
N ILE A 645 -16.93 -12.72 -15.60
CA ILE A 645 -15.50 -12.78 -15.37
C ILE A 645 -15.14 -11.80 -14.26
N LEU A 646 -14.46 -12.29 -13.23
CA LEU A 646 -14.10 -11.50 -12.06
C LEU A 646 -12.59 -11.27 -12.05
N VAL A 647 -12.20 -10.01 -11.95
CA VAL A 647 -10.81 -9.57 -12.00
C VAL A 647 -10.48 -8.87 -10.69
N GLY A 648 -9.31 -9.19 -10.14
CA GLY A 648 -8.92 -8.65 -8.85
C GLY A 648 -7.48 -8.20 -8.85
N ASP A 649 -7.24 -7.05 -8.21
CA ASP A 649 -5.93 -6.47 -8.05
C ASP A 649 -5.40 -6.78 -6.65
N LEU A 650 -4.11 -6.50 -6.44
CA LEU A 650 -3.50 -6.73 -5.15
C LEU A 650 -4.07 -5.84 -4.06
N MET A 651 -4.51 -4.64 -4.43
CA MET A 651 -5.06 -3.67 -3.48
C MET A 651 -6.58 -3.68 -3.46
N ARG A 652 -7.18 -4.87 -3.47
CA ARG A 652 -8.62 -5.07 -3.28
C ARG A 652 -9.46 -4.36 -4.33
N SER A 653 -8.87 -4.03 -5.48
CA SER A 653 -9.62 -3.43 -6.57
C SER A 653 -10.35 -4.54 -7.31
N VAL A 654 -11.67 -4.53 -7.26
CA VAL A 654 -12.50 -5.60 -7.81
C VAL A 654 -13.22 -5.10 -9.05
N LEU A 655 -13.28 -5.95 -10.08
CA LEU A 655 -13.96 -5.63 -11.33
C LEU A 655 -14.74 -6.86 -11.79
N LEU A 656 -15.95 -6.63 -12.30
CA LEU A 656 -16.79 -7.71 -12.81
C LEU A 656 -17.22 -7.34 -14.22
N LEU A 657 -16.86 -8.21 -15.18
CA LEU A 657 -17.15 -8.03 -16.59
C LEU A 657 -18.04 -9.17 -17.08
N ALA A 658 -18.65 -8.96 -18.24
CA ALA A 658 -19.49 -9.97 -18.86
C ALA A 658 -19.13 -10.09 -20.33
N TYR A 659 -19.04 -11.34 -20.80
CA TYR A 659 -18.73 -11.61 -22.20
C TYR A 659 -19.99 -11.46 -23.05
N LYS A 660 -19.86 -10.73 -24.15
CA LYS A 660 -20.96 -10.55 -25.10
C LYS A 660 -20.71 -11.39 -26.33
N PRO A 661 -21.32 -12.57 -26.46
CA PRO A 661 -21.01 -13.43 -27.61
C PRO A 661 -21.45 -12.86 -28.94
N MET A 662 -22.56 -12.14 -28.98
CA MET A 662 -23.02 -11.55 -30.23
C MET A 662 -22.14 -10.38 -30.65
N GLU A 663 -21.57 -9.66 -29.68
CA GLU A 663 -20.71 -8.52 -29.98
C GLU A 663 -19.23 -8.91 -30.06
N GLY A 664 -18.82 -9.90 -29.28
CA GLY A 664 -17.45 -10.39 -29.38
C GLY A 664 -16.41 -9.57 -28.64
N ASN A 665 -16.78 -9.00 -27.50
CA ASN A 665 -15.83 -8.26 -26.67
C ASN A 665 -16.37 -8.23 -25.24
N PHE A 666 -15.60 -7.61 -24.36
CA PHE A 666 -15.94 -7.54 -22.94
C PHE A 666 -16.58 -6.21 -22.60
N GLU A 667 -17.59 -6.26 -21.73
CA GLU A 667 -18.34 -5.08 -21.31
C GLU A 667 -18.27 -4.95 -19.80
N GLU A 668 -18.00 -3.75 -19.32
CA GLU A 668 -17.89 -3.52 -17.87
C GLU A 668 -19.26 -3.60 -17.22
N ILE A 669 -19.37 -4.46 -16.21
CA ILE A 669 -20.61 -4.58 -15.45
C ILE A 669 -20.50 -3.76 -14.17
N ALA A 670 -19.52 -4.06 -13.32
CA ALA A 670 -19.42 -3.37 -12.04
C ALA A 670 -17.96 -3.34 -11.59
N ARG A 671 -17.71 -2.53 -10.56
CA ARG A 671 -16.37 -2.45 -9.98
C ARG A 671 -16.46 -1.79 -8.61
N ASP A 672 -15.39 -1.93 -7.84
CA ASP A 672 -15.30 -1.33 -6.52
C ASP A 672 -13.84 -1.19 -6.14
N PHE A 673 -13.50 -0.07 -5.50
CA PHE A 673 -12.12 0.24 -5.14
C PHE A 673 -12.06 0.60 -3.65
N ASN A 674 -11.47 -0.29 -2.85
CA ASN A 674 -11.21 -0.03 -1.45
C ASN A 674 -9.79 -0.51 -1.13
N PRO A 675 -8.85 0.41 -0.88
CA PRO A 675 -7.43 0.03 -0.81
C PRO A 675 -7.15 -0.86 0.40
N ASN A 676 -6.75 -2.10 0.13
CA ASN A 676 -6.33 -3.06 1.15
C ASN A 676 -5.68 -4.25 0.45
N TRP A 677 -4.61 -4.76 1.04
CA TRP A 677 -3.88 -5.87 0.44
C TRP A 677 -4.76 -7.12 0.40
N MET A 678 -4.68 -7.86 -0.70
CA MET A 678 -5.50 -9.04 -0.93
C MET A 678 -4.65 -10.32 -0.89
N SER A 679 -5.21 -11.42 -1.39
CA SER A 679 -4.54 -12.71 -1.38
C SER A 679 -5.23 -13.72 -2.31
N ALA A 680 -6.54 -13.81 -2.24
CA ALA A 680 -7.27 -14.80 -3.01
C ALA A 680 -8.71 -14.35 -3.21
N VAL A 681 -9.28 -14.73 -4.35
CA VAL A 681 -10.64 -14.35 -4.74
C VAL A 681 -11.35 -15.61 -5.23
N GLU A 682 -12.68 -15.62 -5.08
CA GLU A 682 -13.50 -16.71 -5.60
C GLU A 682 -14.90 -16.20 -5.89
N ILE A 683 -15.51 -16.74 -6.95
CA ILE A 683 -16.88 -16.40 -7.32
C ILE A 683 -17.81 -17.38 -6.60
N LEU A 684 -18.52 -16.88 -5.58
CA LEU A 684 -19.50 -17.71 -4.90
C LEU A 684 -20.67 -18.06 -5.82
N ASP A 685 -21.39 -17.05 -6.28
CA ASP A 685 -22.48 -17.24 -7.23
C ASP A 685 -22.67 -15.96 -8.03
N ASP A 686 -23.70 -15.96 -8.88
CA ASP A 686 -23.99 -14.89 -9.82
C ASP A 686 -23.87 -13.50 -9.19
N ASP A 687 -24.34 -13.35 -7.96
CA ASP A 687 -24.36 -12.06 -7.29
C ASP A 687 -23.49 -12.02 -6.04
N ASN A 688 -22.65 -13.02 -5.81
CA ASN A 688 -21.84 -13.08 -4.60
C ASN A 688 -20.41 -13.44 -4.95
N PHE A 689 -19.45 -12.64 -4.47
CA PHE A 689 -18.03 -12.88 -4.73
C PHE A 689 -17.27 -12.81 -3.41
N LEU A 690 -16.52 -13.86 -3.10
CA LEU A 690 -15.77 -13.97 -1.86
C LEU A 690 -14.30 -13.65 -2.09
N GLY A 691 -13.67 -13.07 -1.08
CA GLY A 691 -12.25 -12.80 -1.14
C GLY A 691 -11.67 -12.68 0.26
N ALA A 692 -10.34 -12.67 0.32
CA ALA A 692 -9.60 -12.49 1.55
C ALA A 692 -8.67 -11.28 1.39
N GLU A 693 -8.22 -10.75 2.52
CA GLU A 693 -7.46 -9.51 2.47
C GLU A 693 -6.52 -9.41 3.66
N ASN A 694 -6.05 -8.20 3.93
CA ASN A 694 -5.04 -7.93 4.95
C ASN A 694 -5.59 -8.21 6.35
N ALA A 695 -4.67 -8.47 7.28
CA ALA A 695 -4.99 -8.68 8.69
C ALA A 695 -5.87 -9.91 8.90
N PHE A 696 -5.70 -10.92 8.04
CA PHE A 696 -6.35 -12.21 8.17
C PHE A 696 -7.87 -12.04 8.22
N ASN A 697 -8.44 -11.54 7.12
CA ASN A 697 -9.85 -11.22 7.06
C ASN A 697 -10.46 -11.73 5.75
N LEU A 698 -11.75 -12.05 5.81
CA LEU A 698 -12.56 -12.42 4.68
C LEU A 698 -13.63 -11.37 4.43
N PHE A 699 -14.11 -11.32 3.19
CA PHE A 699 -15.20 -10.44 2.83
C PHE A 699 -15.95 -11.01 1.63
N VAL A 700 -17.19 -10.56 1.47
CA VAL A 700 -18.07 -10.98 0.38
C VAL A 700 -18.77 -9.75 -0.17
N CYS A 701 -18.73 -9.58 -1.49
CA CYS A 701 -19.34 -8.45 -2.18
C CYS A 701 -20.51 -8.92 -3.03
N GLN A 702 -21.49 -8.03 -3.18
CA GLN A 702 -22.71 -8.28 -3.94
C GLN A 702 -22.82 -7.27 -5.08
N LYS A 703 -23.45 -7.71 -6.17
CA LYS A 703 -23.86 -6.81 -7.24
C LYS A 703 -25.38 -6.75 -7.26
N ASP A 704 -25.92 -5.99 -8.21
CA ASP A 704 -27.36 -5.86 -8.39
C ASP A 704 -27.64 -5.81 -9.88
N SER A 705 -28.10 -6.95 -10.42
CA SER A 705 -28.35 -7.05 -11.86
C SER A 705 -29.51 -6.13 -12.27
N ALA A 706 -30.69 -6.34 -11.69
CA ALA A 706 -31.83 -5.49 -11.97
C ALA A 706 -31.58 -4.08 -11.45
N ALA A 707 -31.56 -3.92 -10.14
CA ALA A 707 -31.19 -2.68 -9.45
C ALA A 707 -32.17 -1.57 -9.87
N THR A 708 -31.72 -0.31 -9.83
CA THR A 708 -32.58 0.83 -10.10
C THR A 708 -31.90 1.89 -10.96
N THR A 709 -30.66 2.24 -10.62
CA THR A 709 -29.95 3.33 -11.29
C THR A 709 -28.74 2.78 -12.03
N ASP A 710 -28.48 3.34 -13.21
CA ASP A 710 -27.32 2.92 -13.99
C ASP A 710 -26.01 3.29 -13.31
N GLU A 711 -26.01 4.38 -12.53
CA GLU A 711 -24.80 4.77 -11.81
C GLU A 711 -24.50 3.82 -10.66
N GLU A 712 -25.53 3.24 -10.05
CA GLU A 712 -25.36 2.31 -8.94
C GLU A 712 -25.39 0.84 -9.36
N ARG A 713 -25.78 0.55 -10.62
CA ARG A 713 -25.63 -0.80 -11.14
C ARG A 713 -24.17 -1.21 -11.25
N GLN A 714 -23.26 -0.24 -11.34
CA GLN A 714 -21.83 -0.49 -11.51
C GLN A 714 -21.07 -0.39 -10.18
N HIS A 715 -21.72 -0.73 -9.07
CA HIS A 715 -21.08 -0.71 -7.77
C HIS A 715 -21.32 -2.03 -7.05
N LEU A 716 -20.35 -2.43 -6.25
CA LEU A 716 -20.40 -3.68 -5.51
C LEU A 716 -20.56 -3.38 -4.02
N GLN A 717 -21.66 -3.85 -3.45
CA GLN A 717 -21.97 -3.58 -2.04
C GLN A 717 -21.18 -4.53 -1.13
N GLU A 718 -20.51 -3.96 -0.14
CA GLU A 718 -19.72 -4.74 0.83
C GLU A 718 -20.67 -5.35 1.84
N VAL A 719 -21.27 -6.49 1.44
CA VAL A 719 -22.31 -7.09 2.27
C VAL A 719 -21.77 -7.98 3.37
N GLY A 720 -20.53 -8.46 3.26
CA GLY A 720 -20.01 -9.33 4.29
C GLY A 720 -18.56 -9.09 4.68
N LEU A 721 -18.29 -9.03 5.99
CA LEU A 721 -16.95 -8.91 6.52
C LEU A 721 -16.76 -9.93 7.63
N PHE A 722 -15.51 -10.37 7.84
CA PHE A 722 -15.23 -11.38 8.85
C PHE A 722 -13.73 -11.37 9.14
N HIS A 723 -13.38 -11.69 10.39
CA HIS A 723 -11.99 -11.81 10.81
C HIS A 723 -11.68 -13.28 11.04
N LEU A 724 -10.78 -13.84 10.23
CA LEU A 724 -10.46 -15.26 10.28
C LEU A 724 -9.35 -15.57 11.29
N GLY A 725 -8.21 -14.90 11.17
CA GLY A 725 -7.05 -15.20 11.97
C GLY A 725 -5.97 -15.96 11.23
N GLU A 726 -6.29 -16.52 10.06
CA GLU A 726 -5.34 -17.23 9.22
C GLU A 726 -5.23 -16.48 7.90
N PHE A 727 -4.00 -16.36 7.39
CA PHE A 727 -3.81 -15.70 6.11
C PHE A 727 -4.25 -16.66 5.02
N VAL A 728 -5.37 -16.33 4.35
CA VAL A 728 -5.94 -17.23 3.37
C VAL A 728 -5.09 -17.23 2.10
N ASN A 729 -4.99 -18.41 1.48
CA ASN A 729 -4.31 -18.55 0.20
C ASN A 729 -5.05 -19.62 -0.59
N VAL A 730 -5.60 -19.22 -1.73
CA VAL A 730 -6.35 -20.00 -2.71
C VAL A 730 -7.68 -20.51 -2.14
N PHE A 731 -8.73 -20.26 -2.91
CA PHE A 731 -10.06 -20.84 -2.78
C PHE A 731 -10.29 -21.79 -3.95
N CYS A 732 -11.16 -22.77 -3.76
CA CYS A 732 -11.46 -23.70 -4.83
C CYS A 732 -12.79 -24.39 -4.55
N HIS A 733 -13.57 -24.61 -5.60
CA HIS A 733 -14.84 -25.31 -5.47
C HIS A 733 -14.61 -26.79 -5.20
N GLY A 734 -15.48 -27.38 -4.39
CA GLY A 734 -15.38 -28.79 -4.08
C GLY A 734 -15.92 -29.09 -2.70
N SER A 735 -16.13 -30.38 -2.45
CA SER A 735 -16.64 -30.86 -1.17
C SER A 735 -16.04 -32.23 -0.89
N LEU A 736 -15.65 -32.45 0.37
CA LEU A 736 -15.00 -33.69 0.78
C LEU A 736 -15.97 -34.74 1.30
N VAL A 737 -17.26 -34.42 1.40
CA VAL A 737 -18.26 -35.34 1.93
C VAL A 737 -19.01 -35.98 0.78
N MET A 738 -19.46 -37.21 1.00
CA MET A 738 -20.24 -37.92 -0.02
C MET A 738 -21.52 -37.15 -0.35
N GLN A 739 -21.89 -37.16 -1.62
CA GLN A 739 -23.04 -36.42 -2.08
C GLN A 739 -24.29 -37.30 -2.17
N THR A 746 -31.18 -29.70 1.42
CA THR A 746 -29.98 -29.35 2.17
C THR A 746 -30.03 -27.91 2.65
N PRO A 747 -29.57 -27.66 3.88
CA PRO A 747 -29.57 -26.30 4.41
C PRO A 747 -28.64 -25.36 3.66
N THR A 748 -27.53 -25.87 3.13
CA THR A 748 -26.53 -25.05 2.46
C THR A 748 -26.60 -25.22 0.95
N GLN A 749 -26.04 -24.25 0.24
CA GLN A 749 -25.99 -24.25 -1.23
C GLN A 749 -24.61 -23.79 -1.66
N GLY A 750 -23.79 -24.72 -2.13
CA GLY A 750 -22.43 -24.43 -2.53
C GLY A 750 -21.41 -24.92 -1.52
N SER A 751 -20.16 -24.96 -1.96
CA SER A 751 -19.07 -25.47 -1.13
C SER A 751 -17.75 -25.00 -1.74
N VAL A 752 -17.04 -24.13 -1.03
CA VAL A 752 -15.75 -23.62 -1.48
C VAL A 752 -14.74 -23.82 -0.36
N LEU A 753 -13.74 -24.66 -0.59
CA LEU A 753 -12.68 -24.85 0.37
C LEU A 753 -11.62 -23.78 0.19
N PHE A 754 -10.91 -23.46 1.28
CA PHE A 754 -9.84 -22.47 1.22
C PHE A 754 -8.67 -22.90 2.07
N GLY A 755 -7.46 -22.60 1.57
CA GLY A 755 -6.24 -22.90 2.27
C GLY A 755 -5.61 -21.66 2.89
N THR A 756 -4.78 -21.88 3.90
CA THR A 756 -4.15 -20.80 4.64
C THR A 756 -2.65 -21.05 4.75
N VAL A 757 -1.96 -20.15 5.44
CA VAL A 757 -0.51 -20.21 5.60
C VAL A 757 -0.11 -21.12 6.76
N ASN A 758 -0.81 -21.04 7.88
CA ASN A 758 -0.50 -21.86 9.04
C ASN A 758 -1.09 -23.27 8.96
N GLY A 759 -1.36 -23.76 7.75
CA GLY A 759 -1.88 -25.10 7.56
C GLY A 759 -3.36 -25.26 7.77
N MET A 760 -4.06 -24.21 8.22
CA MET A 760 -5.50 -24.32 8.45
C MET A 760 -6.23 -24.44 7.12
N ILE A 761 -7.27 -25.27 7.12
CA ILE A 761 -8.12 -25.47 5.95
C ILE A 761 -9.57 -25.23 6.36
N GLY A 762 -10.31 -24.50 5.54
CA GLY A 762 -11.68 -24.14 5.87
C GLY A 762 -12.63 -24.35 4.71
N LEU A 763 -13.91 -24.25 5.03
CA LEU A 763 -14.99 -24.37 4.06
C LEU A 763 -15.96 -23.20 4.21
N VAL A 764 -16.34 -22.61 3.09
CA VAL A 764 -17.34 -21.54 3.05
C VAL A 764 -18.51 -22.03 2.21
N THR A 765 -19.72 -21.76 2.71
CA THR A 765 -20.95 -22.12 2.02
C THR A 765 -21.99 -21.03 2.23
N SER A 766 -23.10 -21.15 1.52
CA SER A 766 -24.16 -20.14 1.54
C SER A 766 -25.37 -20.65 2.31
N LEU A 767 -25.98 -19.77 3.09
CA LEU A 767 -27.17 -20.07 3.87
C LEU A 767 -28.35 -19.26 3.33
N SER A 768 -29.51 -19.47 3.93
CA SER A 768 -30.71 -18.71 3.60
C SER A 768 -30.81 -17.51 4.54
N GLU A 769 -31.96 -16.83 4.51
CA GLU A 769 -32.16 -15.68 5.37
C GLU A 769 -32.56 -16.10 6.79
N SER A 770 -33.58 -16.94 6.90
CA SER A 770 -34.04 -17.39 8.21
C SER A 770 -32.95 -18.16 8.94
N TRP A 771 -32.22 -19.02 8.23
CA TRP A 771 -31.14 -19.77 8.87
C TRP A 771 -30.01 -18.85 9.30
N TYR A 772 -29.70 -17.82 8.51
CA TYR A 772 -28.68 -16.86 8.91
C TYR A 772 -29.07 -16.13 10.19
N ASN A 773 -30.33 -15.66 10.25
CA ASN A 773 -30.78 -14.97 11.45
C ASN A 773 -30.78 -15.89 12.66
N LEU A 774 -31.23 -17.14 12.47
CA LEU A 774 -31.24 -18.10 13.55
C LEU A 774 -29.84 -18.39 14.07
N LEU A 775 -28.87 -18.53 13.16
CA LEU A 775 -27.50 -18.79 13.58
C LEU A 775 -26.87 -17.57 14.24
N LEU A 776 -27.24 -16.36 13.80
CA LEU A 776 -26.75 -15.16 14.46
C LEU A 776 -27.26 -15.09 15.90
N ASP A 777 -28.55 -15.39 16.10
CA ASP A 777 -29.08 -15.43 17.45
C ASP A 777 -28.41 -16.54 18.27
N MET A 778 -28.15 -17.69 17.65
CA MET A 778 -27.46 -18.76 18.36
C MET A 778 -26.07 -18.33 18.80
N GLN A 779 -25.35 -17.61 17.94
CA GLN A 779 -24.03 -17.12 18.31
C GLN A 779 -24.11 -16.11 19.45
N ASN A 780 -25.08 -15.20 19.38
CA ASN A 780 -25.25 -14.22 20.44
C ASN A 780 -25.57 -14.90 21.77
N ARG A 781 -26.34 -15.99 21.73
CA ARG A 781 -26.67 -16.70 22.96
C ARG A 781 -25.48 -17.50 23.48
N LEU A 782 -24.70 -18.10 22.57
CA LEU A 782 -23.57 -18.94 22.99
C LEU A 782 -22.42 -18.10 23.50
N ASN A 783 -22.29 -16.86 23.04
CA ASN A 783 -21.22 -16.00 23.55
C ASN A 783 -21.38 -15.66 25.02
N LYS A 784 -22.60 -15.72 25.55
CA LYS A 784 -22.84 -15.35 26.95
C LYS A 784 -22.45 -16.49 27.89
N VAL A 785 -22.85 -17.72 27.57
CA VAL A 785 -22.72 -18.82 28.52
C VAL A 785 -21.34 -19.47 28.48
N ILE A 786 -20.58 -19.27 27.42
CA ILE A 786 -19.30 -19.95 27.24
C ILE A 786 -18.18 -19.06 27.76
N LYS A 787 -17.41 -19.58 28.71
CA LYS A 787 -16.22 -18.88 29.18
C LYS A 787 -15.13 -18.92 28.11
N SER A 788 -14.39 -17.83 28.00
CA SER A 788 -13.31 -17.71 27.03
C SER A 788 -11.96 -17.84 27.72
N VAL A 789 -11.03 -18.54 27.07
CA VAL A 789 -9.68 -18.67 27.60
C VAL A 789 -9.04 -17.28 27.59
N GLY A 790 -8.75 -16.75 28.77
CA GLY A 790 -8.34 -15.37 28.89
C GLY A 790 -9.48 -14.37 28.87
N LYS A 791 -10.71 -14.84 28.75
CA LYS A 791 -11.91 -13.99 28.74
C LYS A 791 -11.80 -12.90 27.68
N ILE A 792 -11.60 -13.34 26.44
CA ILE A 792 -11.56 -12.46 25.28
C ILE A 792 -12.93 -12.50 24.60
N GLU A 793 -13.48 -11.32 24.33
CA GLU A 793 -14.81 -11.24 23.72
C GLU A 793 -14.80 -11.88 22.34
N HIS A 794 -15.82 -12.70 22.08
CA HIS A 794 -15.92 -13.34 20.77
C HIS A 794 -16.19 -12.33 19.67
N SER A 795 -17.01 -11.32 19.96
CA SER A 795 -17.28 -10.27 18.97
C SER A 795 -16.03 -9.40 18.75
N PHE A 796 -15.18 -9.27 19.76
CA PHE A 796 -13.92 -8.56 19.60
C PHE A 796 -12.89 -9.37 18.81
N TRP A 797 -13.02 -10.69 18.81
CA TRP A 797 -12.10 -11.54 18.06
C TRP A 797 -12.51 -11.67 16.60
N ARG A 798 -13.81 -11.77 16.34
CA ARG A 798 -14.32 -11.88 14.98
C ARG A 798 -14.58 -10.53 14.32
N SER A 799 -14.22 -9.43 14.98
CA SER A 799 -14.39 -8.11 14.38
C SER A 799 -13.32 -7.87 13.33
N PHE A 800 -13.74 -7.38 12.16
CA PHE A 800 -12.81 -7.02 11.10
C PHE A 800 -11.80 -6.00 11.62
N HIS A 801 -10.61 -6.46 11.98
CA HIS A 801 -9.62 -5.62 12.65
C HIS A 801 -8.47 -5.31 11.70
N THR A 802 -8.56 -4.17 11.05
CA THR A 802 -7.41 -3.50 10.45
C THR A 802 -7.12 -2.24 11.27
N GLU A 803 -5.86 -1.85 11.32
CA GLU A 803 -5.49 -0.69 12.12
C GLU A 803 -6.08 0.61 11.59
N ARG A 804 -6.68 0.60 10.41
CA ARG A 804 -7.34 1.77 9.86
C ARG A 804 -8.82 1.84 10.21
N LYS A 805 -9.46 0.69 10.43
CA LYS A 805 -10.89 0.67 10.73
C LYS A 805 -11.24 -0.66 11.38
N THR A 806 -12.15 -0.61 12.36
CA THR A 806 -12.62 -1.79 13.07
C THR A 806 -14.14 -1.78 13.08
N GLU A 807 -14.75 -2.78 12.44
CA GLU A 807 -16.19 -2.94 12.37
C GLU A 807 -16.58 -4.33 12.87
N PRO A 808 -17.81 -4.51 13.32
CA PRO A 808 -18.27 -5.84 13.71
C PRO A 808 -18.43 -6.75 12.50
N ALA A 809 -18.59 -8.04 12.78
CA ALA A 809 -18.73 -9.05 11.74
C ALA A 809 -20.19 -9.16 11.32
N THR A 810 -20.43 -9.09 10.02
CA THR A 810 -21.77 -9.21 9.47
C THR A 810 -21.74 -10.12 8.24
N GLY A 811 -22.88 -10.76 7.97
CA GLY A 811 -22.98 -11.65 6.82
C GLY A 811 -22.15 -12.89 6.90
N PHE A 812 -21.72 -13.29 8.10
CA PHE A 812 -20.88 -14.48 8.26
C PHE A 812 -21.21 -15.15 9.58
N ILE A 813 -21.36 -16.47 9.54
CA ILE A 813 -21.62 -17.28 10.72
C ILE A 813 -20.38 -18.10 11.02
N ASP A 814 -19.79 -17.87 12.18
CA ASP A 814 -18.62 -18.63 12.60
C ASP A 814 -19.03 -20.06 12.93
N GLY A 815 -18.49 -21.03 12.19
CA GLY A 815 -18.89 -22.41 12.36
C GLY A 815 -18.29 -23.08 13.58
N ASP A 816 -17.10 -22.65 14.01
CA ASP A 816 -16.47 -23.24 15.18
C ASP A 816 -17.28 -22.96 16.45
N LEU A 817 -17.99 -21.83 16.48
CA LEU A 817 -18.85 -21.51 17.62
C LEU A 817 -20.14 -22.31 17.59
N ILE A 818 -20.71 -22.51 16.41
CA ILE A 818 -21.95 -23.28 16.29
C ILE A 818 -21.69 -24.75 16.55
N GLU A 819 -20.52 -25.26 16.17
CA GLU A 819 -20.22 -26.68 16.36
C GLU A 819 -19.79 -27.02 17.78
N SER A 820 -19.39 -26.03 18.57
CA SER A 820 -19.12 -26.25 19.99
C SER A 820 -20.40 -26.34 20.81
N PHE A 821 -21.57 -26.26 20.17
CA PHE A 821 -22.84 -26.37 20.88
C PHE A 821 -23.05 -27.77 21.42
N LEU A 822 -22.57 -28.79 20.72
CA LEU A 822 -22.72 -30.17 21.17
C LEU A 822 -21.73 -30.54 22.27
N ASP A 823 -20.67 -29.76 22.45
CA ASP A 823 -19.62 -30.11 23.41
C ASP A 823 -20.04 -29.83 24.85
N ILE A 824 -20.78 -28.74 25.07
CA ILE A 824 -21.17 -28.34 26.42
C ILE A 824 -22.24 -29.28 26.96
N SER A 825 -22.61 -29.09 28.22
CA SER A 825 -23.55 -29.98 28.89
C SER A 825 -25.00 -29.60 28.55
N ARG A 826 -25.93 -30.48 28.94
CA ARG A 826 -27.35 -30.32 28.67
C ARG A 826 -27.98 -29.12 29.39
N PRO A 827 -27.56 -28.79 30.62
CA PRO A 827 -28.09 -27.54 31.23
C PRO A 827 -27.79 -26.30 30.40
N LYS A 828 -26.57 -26.17 29.88
CA LYS A 828 -26.26 -25.04 29.01
C LYS A 828 -27.07 -25.10 27.72
N MET A 829 -27.36 -26.31 27.23
CA MET A 829 -28.22 -26.44 26.06
C MET A 829 -29.62 -25.90 26.34
N GLN A 830 -30.23 -26.33 27.45
CA GLN A 830 -31.55 -25.84 27.82
C GLN A 830 -31.54 -24.35 28.13
N GLU A 831 -30.39 -23.79 28.53
CA GLU A 831 -30.29 -22.35 28.75
C GLU A 831 -30.20 -21.58 27.44
N VAL A 832 -29.47 -22.11 26.45
CA VAL A 832 -29.30 -21.41 25.18
C VAL A 832 -30.59 -21.47 24.36
N VAL A 833 -31.27 -22.62 24.34
CA VAL A 833 -32.53 -22.74 23.62
C VAL A 833 -33.69 -22.03 24.32
N ALA A 834 -33.44 -21.37 25.44
CA ALA A 834 -34.51 -20.75 26.21
C ALA A 834 -35.04 -19.51 25.49
N ASN A 835 -36.36 -19.48 25.27
CA ASN A 835 -37.05 -18.32 24.69
C ASN A 835 -36.46 -17.94 23.33
N LEU A 836 -36.33 -18.94 22.46
CA LEU A 836 -35.84 -18.71 21.11
C LEU A 836 -36.95 -18.12 20.26
N GLN A 837 -37.57 -18.95 19.42
CA GLN A 837 -38.73 -18.56 18.61
C GLN A 837 -38.36 -17.50 17.58
N TYR A 838 -37.29 -17.76 16.82
CA TYR A 838 -36.94 -16.94 15.66
C TYR A 838 -36.78 -17.80 14.42
N ASP A 839 -37.52 -18.91 14.36
CA ASP A 839 -37.53 -19.78 13.18
C ASP A 839 -38.60 -19.29 12.21
N ASP A 840 -38.31 -18.16 11.57
CA ASP A 840 -39.25 -17.53 10.66
C ASP A 840 -39.16 -18.15 9.27
N GLY A 841 -39.28 -19.47 9.19
CA GLY A 841 -39.32 -20.14 7.91
C GLY A 841 -40.74 -20.34 7.42
N SER A 842 -41.65 -20.65 8.34
CA SER A 842 -43.05 -20.81 7.99
C SER A 842 -43.76 -19.47 7.80
N GLY A 843 -43.18 -18.38 8.28
CA GLY A 843 -43.83 -17.09 8.22
C GLY A 843 -44.16 -16.55 9.60
N MET A 844 -44.57 -17.44 10.50
CA MET A 844 -44.86 -17.10 11.87
C MET A 844 -43.69 -17.54 12.75
N LYS A 845 -43.91 -17.54 14.07
CA LYS A 845 -42.89 -17.92 15.03
C LYS A 845 -42.96 -19.42 15.29
N ARG A 846 -41.82 -20.09 15.14
CA ARG A 846 -41.71 -21.52 15.41
C ARG A 846 -40.81 -21.72 16.62
N GLU A 847 -41.38 -22.27 17.70
CA GLU A 847 -40.62 -22.49 18.91
C GLU A 847 -39.63 -23.64 18.72
N ALA A 848 -38.52 -23.56 19.44
CA ALA A 848 -37.43 -24.52 19.31
C ALA A 848 -37.20 -25.25 20.62
N THR A 849 -36.69 -26.48 20.52
CA THR A 849 -36.30 -27.29 21.65
C THR A 849 -34.83 -27.69 21.51
N ALA A 850 -34.32 -28.40 22.51
CA ALA A 850 -32.91 -28.77 22.50
C ALA A 850 -32.61 -29.81 21.42
N ASP A 851 -33.49 -30.79 21.26
CA ASP A 851 -33.24 -31.87 20.30
C ASP A 851 -33.31 -31.36 18.87
N ASP A 852 -34.21 -30.41 18.59
CA ASP A 852 -34.25 -29.78 17.28
C ASP A 852 -32.89 -29.19 16.92
N LEU A 853 -32.30 -28.43 17.84
CA LEU A 853 -31.03 -27.79 17.57
C LEU A 853 -29.88 -28.80 17.54
N ILE A 854 -29.96 -29.87 18.32
CA ILE A 854 -28.94 -30.92 18.23
C ILE A 854 -28.97 -31.55 16.84
N LYS A 855 -30.15 -31.87 16.34
CA LYS A 855 -30.26 -32.44 15.01
C LYS A 855 -29.77 -31.47 13.95
N VAL A 856 -30.12 -30.18 14.08
CA VAL A 856 -29.70 -29.19 13.10
C VAL A 856 -28.17 -29.04 13.10
N VAL A 857 -27.56 -28.98 14.29
CA VAL A 857 -26.12 -28.82 14.37
C VAL A 857 -25.40 -30.06 13.84
N GLU A 858 -25.92 -31.25 14.14
CA GLU A 858 -25.31 -32.45 13.59
C GLU A 858 -25.48 -32.52 12.08
N GLU A 859 -26.54 -31.90 11.54
CA GLU A 859 -26.63 -31.77 10.09
C GLU A 859 -25.62 -30.77 9.57
N LEU A 860 -25.29 -29.74 10.36
CA LEU A 860 -24.28 -28.77 9.96
C LEU A 860 -22.86 -29.27 10.15
N THR A 861 -22.67 -30.34 10.93
CA THR A 861 -21.37 -31.00 11.03
C THR A 861 -21.17 -32.07 9.96
N ARG A 862 -22.20 -32.36 9.17
CA ARG A 862 -22.11 -33.33 8.07
C ARG A 862 -21.92 -32.65 6.73
N ILE A 863 -21.12 -31.59 6.69
CA ILE A 863 -20.78 -30.91 5.44
C ILE A 863 -19.26 -30.80 5.33
N HIS A 864 -18.57 -31.21 6.39
CA HIS A 864 -17.11 -31.18 6.41
C HIS A 864 -16.56 -32.33 7.25
N PRO B 65 19.13 22.58 -23.60
CA PRO B 65 19.63 22.19 -22.28
C PRO B 65 20.38 23.31 -21.57
N ASN B 66 21.70 23.36 -21.77
CA ASN B 66 22.57 24.39 -21.21
C ASN B 66 22.59 24.35 -19.69
N ILE B 67 23.32 25.28 -19.07
CA ILE B 67 23.45 25.33 -17.63
C ILE B 67 22.57 26.45 -17.10
N ILE B 68 22.47 26.55 -15.77
CA ILE B 68 21.56 27.48 -15.11
C ILE B 68 22.33 28.29 -14.09
N ASN B 69 22.03 29.60 -14.02
CA ASN B 69 22.62 30.50 -13.02
C ASN B 69 21.60 31.52 -12.55
N PHE B 70 20.32 31.15 -12.53
CA PHE B 70 19.22 32.08 -12.30
C PHE B 70 18.93 32.31 -10.82
N ASP B 71 19.24 31.34 -9.96
CA ASP B 71 18.78 31.30 -8.58
C ASP B 71 17.26 31.16 -8.59
N THR B 72 16.79 29.97 -8.26
CA THR B 72 15.41 29.56 -8.53
C THR B 72 14.43 29.95 -7.43
N SER B 73 14.90 30.54 -6.32
CA SER B 73 14.00 30.83 -5.21
C SER B 73 12.99 31.91 -5.53
N LEU B 74 13.19 32.69 -6.59
CA LEU B 74 12.34 33.83 -6.87
C LEU B 74 11.00 33.42 -7.47
N PRO B 75 10.96 32.42 -8.37
CA PRO B 75 9.65 31.85 -8.75
C PRO B 75 8.76 31.52 -7.57
N THR B 76 9.30 30.83 -6.56
CA THR B 76 8.49 30.42 -5.41
C THR B 76 8.09 31.62 -4.56
N SER B 77 8.88 32.71 -4.59
CA SER B 77 8.58 33.87 -3.78
C SER B 77 7.45 34.71 -4.33
N HIS B 78 7.18 34.63 -5.64
CA HIS B 78 6.15 35.45 -6.29
C HIS B 78 6.39 36.93 -6.01
N THR B 79 7.59 37.39 -6.34
CA THR B 79 7.96 38.78 -6.09
C THR B 79 7.16 39.77 -6.93
N TYR B 80 6.43 39.30 -7.94
CA TYR B 80 5.57 40.18 -8.73
C TYR B 80 4.33 40.63 -7.96
N LEU B 81 4.10 40.12 -6.76
CA LEU B 81 2.93 40.47 -5.95
C LEU B 81 3.26 41.60 -4.97
N GLY B 82 3.88 42.66 -5.46
CA GLY B 82 4.23 43.78 -4.61
C GLY B 82 5.45 43.50 -3.76
N ALA B 83 5.52 44.17 -2.62
CA ALA B 83 6.67 44.06 -1.72
C ALA B 83 6.50 42.89 -0.75
N ASP B 84 7.09 43.00 0.44
CA ASP B 84 7.02 41.93 1.41
C ASP B 84 5.64 41.87 2.05
N MET B 85 5.07 40.66 2.09
CA MET B 85 3.73 40.47 2.64
C MET B 85 3.79 40.25 4.14
N GLU B 86 2.62 40.07 4.75
CA GLU B 86 2.50 39.82 6.18
C GLU B 86 2.41 38.31 6.38
N GLU B 87 3.55 37.70 6.70
CA GLU B 87 3.65 36.25 6.74
C GLU B 87 2.94 35.67 7.96
N PHE B 88 2.31 34.52 7.78
CA PHE B 88 1.68 33.77 8.84
C PHE B 88 2.43 32.47 9.06
N HIS B 89 2.72 32.14 10.33
CA HIS B 89 3.43 30.92 10.66
C HIS B 89 2.52 29.85 11.27
N GLY B 90 1.29 30.19 11.62
CA GLY B 90 0.39 29.21 12.20
C GLY B 90 -0.06 28.17 11.19
N ARG B 91 -0.69 27.12 11.71
CA ARG B 91 -1.17 26.02 10.88
C ARG B 91 -2.45 25.48 11.48
N THR B 92 -3.52 25.44 10.69
CA THR B 92 -4.82 24.93 11.10
C THR B 92 -5.10 23.66 10.32
N LEU B 93 -5.08 22.52 11.01
CA LEU B 93 -5.30 21.21 10.39
C LEU B 93 -6.47 20.54 11.10
N HIS B 94 -7.54 20.28 10.35
CA HIS B 94 -8.72 19.64 10.90
C HIS B 94 -8.59 18.11 10.87
N ASP B 95 -9.41 17.45 11.67
CA ASP B 95 -9.32 16.01 11.84
C ASP B 95 -9.81 15.29 10.60
N ASP B 96 -9.50 13.99 10.53
CA ASP B 96 -9.94 13.17 9.40
C ASP B 96 -11.43 12.88 9.50
N ASP B 97 -12.08 12.83 8.34
CA ASP B 97 -13.52 12.55 8.23
C ASP B 97 -14.37 13.51 9.04
N SER B 98 -13.86 14.71 9.31
CA SER B 98 -14.60 15.73 10.05
C SER B 98 -15.23 16.70 9.05
N CYS B 99 -16.55 16.79 9.08
CA CYS B 99 -17.28 17.63 8.12
C CYS B 99 -17.27 19.08 8.58
N GLN B 100 -16.64 19.93 7.78
CA GLN B 100 -16.52 21.36 8.06
C GLN B 100 -17.29 22.16 7.02
N VAL B 101 -17.66 23.39 7.39
CA VAL B 101 -18.34 24.32 6.49
C VAL B 101 -17.33 25.39 6.10
N ILE B 102 -16.98 25.43 4.81
CA ILE B 102 -15.91 26.30 4.32
C ILE B 102 -16.44 27.19 3.21
N PRO B 103 -16.08 28.47 3.17
CA PRO B 103 -16.46 29.30 2.02
C PRO B 103 -15.65 28.93 0.78
N VAL B 104 -16.23 29.20 -0.38
CA VAL B 104 -15.59 28.88 -1.67
C VAL B 104 -15.36 30.19 -2.42
N LEU B 105 -14.15 30.33 -2.97
CA LEU B 105 -13.85 31.49 -3.80
C LEU B 105 -14.53 31.36 -5.16
N PRO B 106 -14.98 32.48 -5.74
CA PRO B 106 -15.74 32.40 -6.99
C PRO B 106 -14.88 32.22 -8.23
N GLN B 107 -13.82 33.02 -8.37
CA GLN B 107 -13.03 33.08 -9.59
C GLN B 107 -11.78 32.20 -9.53
N VAL B 108 -11.91 30.99 -9.02
CA VAL B 108 -10.80 30.02 -8.97
C VAL B 108 -11.30 28.75 -9.64
N MET B 109 -10.87 28.51 -10.87
CA MET B 109 -11.28 27.33 -11.61
C MET B 109 -10.12 26.37 -11.77
N MET B 110 -9.41 26.10 -10.68
CA MET B 110 -8.21 25.27 -10.69
C MET B 110 -8.44 24.01 -9.86
N ILE B 111 -7.77 22.94 -10.24
CA ILE B 111 -7.80 21.69 -9.49
C ILE B 111 -6.55 21.71 -8.60
N LEU B 112 -6.71 22.26 -7.40
CA LEU B 112 -5.57 22.44 -6.50
C LEU B 112 -5.14 21.10 -5.90
N ILE B 113 -3.84 20.98 -5.68
CA ILE B 113 -3.24 19.79 -5.09
C ILE B 113 -2.57 20.19 -3.79
N PRO B 114 -2.66 19.39 -2.73
CA PRO B 114 -2.03 19.75 -1.46
C PRO B 114 -0.54 20.04 -1.62
N GLY B 115 -0.08 21.08 -0.94
CA GLY B 115 1.29 21.52 -1.03
C GLY B 115 1.59 22.49 -2.15
N GLN B 116 0.74 22.54 -3.18
CA GLN B 116 0.97 23.42 -4.31
C GLN B 116 0.72 24.87 -3.92
N THR B 117 1.76 25.70 -4.04
CA THR B 117 1.62 27.11 -3.71
C THR B 117 0.71 27.79 -4.73
N LEU B 118 -0.28 28.52 -4.22
CA LEU B 118 -1.28 29.19 -5.07
C LEU B 118 -1.26 30.69 -4.83
N PRO B 119 -0.88 31.50 -5.82
CA PRO B 119 -1.03 32.95 -5.70
C PRO B 119 -2.36 33.43 -6.26
N LEU B 120 -2.83 34.55 -5.72
CA LEU B 120 -4.13 35.09 -6.08
C LEU B 120 -4.08 36.61 -6.00
N GLN B 121 -4.88 37.27 -6.84
CA GLN B 121 -5.04 38.72 -6.83
C GLN B 121 -6.52 39.02 -6.95
N LEU B 122 -7.12 39.57 -5.90
CA LEU B 122 -8.55 39.80 -5.87
C LEU B 122 -8.85 41.27 -5.57
N PHE B 123 -9.79 41.84 -6.31
CA PHE B 123 -10.15 43.24 -6.17
C PHE B 123 -11.66 43.48 -6.03
N HIS B 124 -12.50 42.47 -6.23
CA HIS B 124 -13.92 42.65 -6.02
C HIS B 124 -14.20 42.95 -4.55
N PRO B 125 -15.04 43.93 -4.23
CA PRO B 125 -15.37 44.19 -2.82
C PRO B 125 -15.92 42.96 -2.11
N GLN B 126 -16.68 42.13 -2.81
CA GLN B 126 -17.12 40.85 -2.25
C GLN B 126 -15.91 39.98 -1.91
N GLU B 127 -14.98 39.84 -2.85
CA GLU B 127 -13.80 39.00 -2.63
C GLU B 127 -12.95 39.54 -1.49
N VAL B 128 -12.71 40.86 -1.48
CA VAL B 128 -11.86 41.44 -0.43
C VAL B 128 -12.55 41.36 0.93
N SER B 129 -13.87 41.49 0.98
CA SER B 129 -14.59 41.31 2.23
C SER B 129 -14.47 39.87 2.74
N MET B 130 -14.62 38.89 1.85
CA MET B 130 -14.45 37.50 2.25
C MET B 130 -13.03 37.23 2.73
N VAL B 131 -12.04 37.85 2.08
CA VAL B 131 -10.65 37.66 2.49
C VAL B 131 -10.40 38.28 3.85
N ARG B 132 -10.94 39.47 4.10
CA ARG B 132 -10.81 40.09 5.42
C ARG B 132 -11.50 39.26 6.49
N ASN B 133 -12.62 38.61 6.15
CA ASN B 133 -13.27 37.72 7.10
C ASN B 133 -12.41 36.50 7.40
N LEU B 134 -11.82 35.90 6.37
CA LEU B 134 -11.04 34.67 6.57
C LEU B 134 -9.72 34.93 7.26
N ILE B 135 -9.14 36.12 7.08
CA ILE B 135 -7.89 36.44 7.77
C ILE B 135 -8.10 36.46 9.28
N GLN B 136 -9.27 36.87 9.73
CA GLN B 136 -9.56 36.94 11.17
C GLN B 136 -9.88 35.59 11.78
N LYS B 137 -10.28 34.60 10.98
CA LYS B 137 -10.73 33.32 11.51
C LYS B 137 -9.64 32.25 11.40
N ASP B 138 -9.79 31.33 10.46
CA ASP B 138 -8.86 30.21 10.33
C ASP B 138 -8.04 30.23 9.04
N ARG B 139 -8.22 31.25 8.19
CA ARG B 139 -7.43 31.44 6.98
C ARG B 139 -7.55 30.28 6.01
N THR B 140 -8.63 29.50 6.08
CA THR B 140 -8.80 28.31 5.26
C THR B 140 -10.03 28.46 4.38
N PHE B 141 -9.84 28.29 3.07
CA PHE B 141 -10.93 28.32 2.11
C PHE B 141 -10.85 27.09 1.22
N ALA B 142 -11.97 26.75 0.61
CA ALA B 142 -12.06 25.59 -0.25
C ALA B 142 -11.77 25.96 -1.71
N VAL B 143 -11.18 25.01 -2.43
CA VAL B 143 -10.89 25.16 -3.85
C VAL B 143 -11.51 23.96 -4.56
N LEU B 144 -12.63 24.20 -5.25
CA LEU B 144 -13.38 23.12 -5.87
C LEU B 144 -12.69 22.62 -7.14
N ALA B 145 -12.64 21.31 -7.30
CA ALA B 145 -12.16 20.69 -8.53
C ALA B 145 -13.38 20.38 -9.38
N TYR B 146 -13.62 21.21 -10.40
CA TYR B 146 -14.85 21.13 -11.18
C TYR B 146 -14.70 20.10 -12.29
N SER B 147 -15.66 19.18 -12.38
CA SER B 147 -15.71 18.27 -13.52
C SER B 147 -16.17 19.00 -14.77
N ASN B 148 -17.25 19.77 -14.67
CA ASN B 148 -17.76 20.61 -15.74
C ASN B 148 -17.97 22.00 -15.15
N VAL B 149 -16.95 22.85 -15.26
CA VAL B 149 -16.96 24.15 -14.59
C VAL B 149 -17.94 25.12 -15.22
N GLN B 150 -18.51 24.80 -16.39
CA GLN B 150 -19.51 25.67 -16.99
C GLN B 150 -20.78 25.73 -16.14
N GLU B 151 -21.00 24.75 -15.27
CA GLU B 151 -22.17 24.72 -14.40
C GLU B 151 -21.79 24.62 -12.93
N ARG B 152 -20.52 24.87 -12.59
CA ARG B 152 -20.03 24.80 -11.20
C ARG B 152 -20.26 23.43 -10.57
N GLU B 153 -20.18 22.38 -11.39
CA GLU B 153 -20.36 21.02 -10.89
C GLU B 153 -19.07 20.55 -10.23
N ALA B 154 -19.09 20.45 -8.90
CA ALA B 154 -17.93 20.04 -8.13
C ALA B 154 -18.28 18.81 -7.30
N GLN B 155 -17.31 17.90 -7.17
CA GLN B 155 -17.48 16.72 -6.35
C GLN B 155 -16.28 16.52 -5.44
N PHE B 156 -15.11 16.96 -5.88
CA PHE B 156 -13.89 16.86 -5.09
C PHE B 156 -13.27 18.25 -4.94
N GLY B 157 -12.32 18.36 -4.03
CA GLY B 157 -11.61 19.62 -3.87
C GLY B 157 -10.48 19.49 -2.87
N THR B 158 -9.81 20.63 -2.65
CA THR B 158 -8.66 20.69 -1.75
C THR B 158 -8.68 22.02 -1.00
N THR B 159 -8.53 21.96 0.32
CA THR B 159 -8.48 23.16 1.12
C THR B 159 -7.18 23.92 0.86
N ALA B 160 -7.21 25.22 1.15
CA ALA B 160 -6.05 26.08 0.95
C ALA B 160 -5.93 27.03 2.14
N GLU B 161 -4.81 26.95 2.86
CA GLU B 161 -4.56 27.79 4.01
C GLU B 161 -3.70 28.98 3.59
N ILE B 162 -4.15 30.19 3.92
CA ILE B 162 -3.44 31.40 3.53
C ILE B 162 -2.20 31.56 4.41
N TYR B 163 -1.06 31.83 3.78
CA TYR B 163 0.17 32.11 4.51
C TYR B 163 0.77 33.48 4.23
N ALA B 164 0.23 34.23 3.26
CA ALA B 164 0.70 35.59 3.03
C ALA B 164 -0.43 36.40 2.41
N TYR B 165 -0.56 37.66 2.85
CA TYR B 165 -1.57 38.55 2.31
C TYR B 165 -1.01 39.98 2.29
N ARG B 166 -1.56 40.78 1.38
CA ARG B 166 -1.10 42.16 1.23
C ARG B 166 -2.17 42.96 0.51
N GLU B 167 -2.83 43.87 1.24
CA GLU B 167 -3.71 44.85 0.62
C GLU B 167 -2.87 46.05 0.19
N GLU B 168 -3.18 46.60 -0.98
CA GLU B 168 -2.37 47.67 -1.56
C GLU B 168 -3.19 48.94 -1.70
N GLN B 169 -2.75 50.00 -1.03
CA GLN B 169 -3.29 51.34 -1.19
C GLN B 169 -2.46 52.07 -2.26
N ASP B 170 -2.53 53.41 -2.29
CA ASP B 170 -2.05 54.24 -3.40
C ASP B 170 -2.33 53.55 -4.72
N PHE B 171 -3.54 52.99 -4.82
CA PHE B 171 -3.97 52.16 -5.93
C PHE B 171 -5.44 52.50 -6.18
N GLY B 172 -5.85 52.39 -7.45
CA GLY B 172 -7.20 52.78 -7.84
C GLY B 172 -8.31 52.23 -6.97
N ILE B 173 -8.44 50.91 -6.91
CA ILE B 173 -9.45 50.26 -6.10
C ILE B 173 -8.75 49.42 -5.03
N GLU B 174 -9.52 49.00 -4.04
CA GLU B 174 -8.97 48.16 -2.97
C GLU B 174 -8.68 46.77 -3.50
N ILE B 175 -7.40 46.38 -3.48
CA ILE B 175 -6.96 45.11 -4.04
C ILE B 175 -6.09 44.39 -3.00
N VAL B 176 -6.18 43.07 -3.00
CA VAL B 176 -5.45 42.22 -2.07
C VAL B 176 -4.77 41.10 -2.85
N LYS B 177 -3.48 40.91 -2.60
CA LYS B 177 -2.69 39.85 -3.20
C LYS B 177 -2.37 38.83 -2.12
N VAL B 178 -2.56 37.54 -2.44
CA VAL B 178 -2.54 36.48 -1.45
C VAL B 178 -1.67 35.34 -1.96
N LYS B 179 -0.92 34.71 -1.04
CA LYS B 179 -0.21 33.46 -1.30
C LYS B 179 -0.69 32.43 -0.30
N ALA B 180 -1.29 31.35 -0.79
CA ALA B 180 -1.79 30.28 0.05
C ALA B 180 -1.15 28.95 -0.37
N ILE B 181 -1.45 27.90 0.39
CA ILE B 181 -0.92 26.57 0.12
C ILE B 181 -2.03 25.56 0.34
N GLY B 182 -2.09 24.55 -0.54
CA GLY B 182 -3.08 23.51 -0.39
C GLY B 182 -2.83 22.66 0.85
N ARG B 183 -3.93 22.17 1.42
CA ARG B 183 -3.83 21.43 2.68
C ARG B 183 -4.43 20.03 2.56
N GLN B 184 -5.75 19.92 2.66
CA GLN B 184 -6.43 18.65 2.83
C GLN B 184 -7.40 18.40 1.68
N ARG B 185 -7.30 17.20 1.09
CA ARG B 185 -8.30 16.77 0.12
C ARG B 185 -9.66 16.66 0.79
N PHE B 186 -10.72 16.73 -0.03
CA PHE B 186 -12.06 16.61 0.53
C PHE B 186 -13.07 16.30 -0.55
N LYS B 187 -14.18 15.71 -0.10
CA LYS B 187 -15.36 15.45 -0.92
C LYS B 187 -16.40 16.53 -0.65
N VAL B 188 -17.09 16.96 -1.70
CA VAL B 188 -18.07 18.02 -1.61
C VAL B 188 -19.43 17.42 -1.31
N LEU B 189 -20.01 17.78 -0.17
CA LEU B 189 -21.31 17.27 0.24
C LEU B 189 -22.46 18.22 -0.07
N GLU B 190 -22.29 19.50 0.24
CA GLU B 190 -23.37 20.48 0.04
C GLU B 190 -22.78 21.80 -0.41
N LEU B 191 -23.30 22.35 -1.51
CA LEU B 191 -22.94 23.66 -2.02
C LEU B 191 -24.14 24.58 -1.88
N ARG B 192 -24.02 25.59 -1.01
CA ARG B 192 -25.14 26.49 -0.73
C ARG B 192 -24.75 27.91 -1.09
N THR B 193 -25.51 28.51 -2.00
CA THR B 193 -25.31 29.90 -2.39
C THR B 193 -26.09 30.81 -1.44
N GLN B 194 -25.37 31.71 -0.77
CA GLN B 194 -26.01 32.63 0.18
C GLN B 194 -26.77 33.72 -0.57
N SER B 195 -27.50 34.54 0.20
CA SER B 195 -28.11 35.73 -0.36
C SER B 195 -27.07 36.76 -0.76
N ASP B 196 -25.87 36.69 -0.18
CA ASP B 196 -24.78 37.59 -0.57
C ASP B 196 -24.30 37.31 -1.99
N GLY B 197 -24.38 36.06 -2.43
CA GLY B 197 -23.84 35.68 -3.72
C GLY B 197 -22.68 34.72 -3.55
N ILE B 198 -21.86 34.96 -2.53
CA ILE B 198 -20.77 34.04 -2.23
C ILE B 198 -21.34 32.73 -1.69
N GLN B 199 -20.66 31.62 -1.98
CA GLN B 199 -21.17 30.30 -1.68
C GLN B 199 -20.34 29.62 -0.61
N GLN B 200 -21.03 28.89 0.26
CA GLN B 200 -20.43 28.04 1.27
C GLN B 200 -20.57 26.59 0.86
N ALA B 201 -19.79 25.73 1.51
CA ALA B 201 -19.80 24.30 1.19
C ALA B 201 -19.61 23.51 2.48
N LYS B 202 -20.60 22.67 2.80
CA LYS B 202 -20.41 21.65 3.82
C LYS B 202 -19.71 20.47 3.19
N VAL B 203 -18.61 20.03 3.82
CA VAL B 203 -17.57 19.27 3.14
C VAL B 203 -16.94 18.29 4.10
N GLN B 204 -16.80 17.04 3.67
CA GLN B 204 -16.14 16.00 4.46
C GLN B 204 -14.68 15.90 4.06
N ILE B 205 -13.78 15.93 5.05
CA ILE B 205 -12.36 15.75 4.81
C ILE B 205 -12.10 14.31 4.37
N LEU B 206 -11.22 14.13 3.39
CA LEU B 206 -10.88 12.80 2.92
C LEU B 206 -9.57 12.36 3.55
N PRO B 207 -9.52 11.17 4.17
CA PRO B 207 -8.33 10.76 4.90
C PRO B 207 -7.26 10.18 3.98
N GLU B 208 -6.02 10.20 4.48
CA GLU B 208 -4.89 9.61 3.80
C GLU B 208 -4.81 8.13 4.19
N CYS B 209 -5.10 7.25 3.23
CA CYS B 209 -5.11 5.81 3.49
C CYS B 209 -3.73 5.25 3.17
N VAL B 210 -2.86 5.27 4.18
CA VAL B 210 -1.54 4.67 4.07
C VAL B 210 -1.62 3.24 4.59
N LEU B 211 -1.35 2.27 3.72
CA LEU B 211 -1.47 0.87 4.09
C LEU B 211 -0.14 0.34 4.63
N PRO B 212 -0.19 -0.66 5.53
CA PRO B 212 1.06 -1.17 6.11
C PRO B 212 1.90 -1.94 5.12
N SER B 213 3.06 -2.42 5.56
CA SER B 213 3.90 -3.25 4.70
C SER B 213 3.15 -4.52 4.32
N THR B 214 3.12 -4.82 3.02
CA THR B 214 2.35 -5.96 2.52
C THR B 214 2.85 -7.30 3.06
N MET B 215 4.04 -7.35 3.64
CA MET B 215 4.58 -8.58 4.23
C MET B 215 4.37 -8.68 5.73
N SER B 216 3.90 -7.61 6.38
CA SER B 216 3.69 -7.65 7.82
C SER B 216 2.60 -8.65 8.22
N ALA B 217 1.75 -9.04 7.29
CA ALA B 217 0.73 -10.05 7.58
C ALA B 217 1.30 -11.46 7.47
N VAL B 218 2.13 -11.71 6.46
CA VAL B 218 2.75 -13.02 6.29
C VAL B 218 3.86 -13.24 7.30
N GLN B 219 4.38 -12.15 7.87
CA GLN B 219 5.72 -12.12 8.43
C GLN B 219 5.95 -13.23 9.46
N LEU B 220 7.09 -13.90 9.34
CA LEU B 220 7.49 -14.91 10.30
C LEU B 220 8.00 -14.25 11.58
N GLU B 221 7.62 -14.82 12.72
CA GLU B 221 8.01 -14.24 14.00
C GLU B 221 9.53 -14.28 14.18
N SER B 222 10.20 -15.29 13.64
CA SER B 222 11.65 -15.38 13.75
C SER B 222 12.35 -14.42 12.81
N LEU B 223 11.78 -14.15 11.63
CA LEU B 223 12.38 -13.25 10.67
C LEU B 223 12.18 -11.78 11.01
N ASN B 224 11.46 -11.48 12.11
CA ASN B 224 11.24 -10.10 12.50
C ASN B 224 12.54 -9.33 12.74
N LYS B 225 13.61 -10.04 13.06
CA LYS B 225 14.92 -9.42 13.30
C LYS B 225 15.67 -9.10 12.02
N CYS B 226 15.12 -9.44 10.86
CA CYS B 226 15.76 -9.15 9.57
C CYS B 226 15.05 -8.06 8.79
N GLN B 227 14.11 -7.34 9.41
CA GLN B 227 13.29 -6.36 8.73
C GLN B 227 13.84 -4.94 8.87
N ILE B 228 15.09 -4.79 9.31
CA ILE B 228 15.73 -3.48 9.46
C ILE B 228 17.03 -3.48 8.68
N PHE B 229 17.18 -2.52 7.77
CA PHE B 229 18.33 -2.45 6.89
C PHE B 229 19.20 -1.25 7.24
N PRO B 230 20.50 -1.44 7.46
CA PRO B 230 21.43 -0.33 7.72
C PRO B 230 21.54 0.63 6.53
N CYS B 240 26.70 1.83 -7.40
CA CYS B 240 25.99 0.62 -7.80
C CYS B 240 24.69 0.50 -7.03
N SER B 241 23.61 1.05 -7.60
CA SER B 241 22.34 1.16 -6.89
C SER B 241 21.42 -0.04 -7.09
N TYR B 242 21.40 -0.62 -8.29
CA TYR B 242 20.47 -1.71 -8.54
C TYR B 242 20.87 -3.00 -7.85
N LYS B 243 22.16 -3.18 -7.53
CA LYS B 243 22.53 -4.27 -6.64
C LYS B 243 21.92 -4.09 -5.26
N TRP B 244 21.97 -2.85 -4.74
CA TRP B 244 21.33 -2.56 -3.46
C TRP B 244 19.83 -2.79 -3.54
N TRP B 245 19.21 -2.44 -4.66
CA TRP B 245 17.76 -2.64 -4.78
C TRP B 245 17.39 -4.12 -4.90
N GLN B 246 18.23 -4.92 -5.57
CA GLN B 246 17.99 -6.36 -5.59
C GLN B 246 18.15 -6.97 -4.20
N LYS B 247 19.17 -6.52 -3.45
CA LYS B 247 19.31 -6.97 -2.06
C LYS B 247 18.09 -6.59 -1.24
N TYR B 248 17.61 -5.35 -1.40
CA TYR B 248 16.44 -4.89 -0.67
C TYR B 248 15.21 -5.74 -1.01
N GLN B 249 15.01 -6.01 -2.29
CA GLN B 249 13.88 -6.83 -2.71
C GLN B 249 13.97 -8.23 -2.14
N LYS B 250 15.13 -8.87 -2.24
CA LYS B 250 15.27 -10.25 -1.81
C LYS B 250 15.26 -10.40 -0.30
N ARG B 251 15.59 -9.34 0.45
CA ARG B 251 15.57 -9.42 1.90
C ARG B 251 14.22 -9.05 2.50
N LYS B 252 13.60 -7.97 2.00
CA LYS B 252 12.36 -7.51 2.61
C LYS B 252 11.21 -8.48 2.32
N PHE B 253 10.98 -8.79 1.05
CA PHE B 253 9.82 -9.59 0.62
C PHE B 253 10.16 -11.07 0.49
N HIS B 254 10.91 -11.63 1.43
CA HIS B 254 11.24 -13.05 1.36
C HIS B 254 10.00 -13.91 1.57
N CYS B 255 9.21 -13.61 2.61
CA CYS B 255 8.04 -14.39 2.96
C CYS B 255 7.01 -14.42 1.83
N ALA B 256 7.29 -13.71 0.73
CA ALA B 256 6.47 -13.84 -0.46
C ALA B 256 6.45 -15.27 -0.99
N ASN B 257 7.47 -16.07 -0.67
CA ASN B 257 7.45 -17.48 -1.05
C ASN B 257 6.35 -18.26 -0.34
N LEU B 258 5.76 -17.69 0.72
CA LEU B 258 4.63 -18.30 1.41
C LEU B 258 3.29 -17.95 0.77
N THR B 259 3.28 -17.03 -0.19
CA THR B 259 2.06 -16.58 -0.86
C THR B 259 2.00 -17.18 -2.27
N SER B 260 1.00 -16.74 -3.03
CA SER B 260 0.83 -17.18 -4.41
C SER B 260 1.51 -16.26 -5.41
N TRP B 261 2.29 -15.29 -4.94
CA TRP B 261 2.90 -14.29 -5.80
C TRP B 261 4.35 -14.08 -5.39
N PRO B 262 5.23 -13.71 -6.34
CA PRO B 262 6.66 -13.62 -6.03
C PRO B 262 7.09 -12.30 -5.44
N ARG B 263 8.40 -12.08 -5.36
CA ARG B 263 8.93 -10.88 -4.72
C ARG B 263 8.82 -9.66 -5.63
N TRP B 264 9.10 -9.82 -6.92
CA TRP B 264 9.07 -8.68 -7.83
C TRP B 264 7.66 -8.13 -8.03
N LEU B 265 6.63 -8.91 -7.70
CA LEU B 265 5.27 -8.38 -7.76
C LEU B 265 5.01 -7.43 -6.59
N TYR B 266 5.44 -7.80 -5.39
CA TYR B 266 5.33 -6.90 -4.26
C TYR B 266 6.30 -5.72 -4.36
N SER B 267 7.36 -5.86 -5.16
CA SER B 267 8.23 -4.72 -5.43
C SER B 267 7.50 -3.63 -6.21
N LEU B 268 6.50 -4.02 -7.02
CA LEU B 268 5.70 -3.04 -7.74
C LEU B 268 4.73 -2.30 -6.83
N TYR B 269 4.40 -2.87 -5.67
CA TYR B 269 3.48 -2.24 -4.73
C TYR B 269 4.17 -1.75 -3.46
N ASP B 270 5.50 -1.76 -3.44
CA ASP B 270 6.25 -1.19 -2.33
C ASP B 270 6.40 0.31 -2.53
N ALA B 271 6.54 1.04 -1.42
CA ALA B 271 6.61 2.49 -1.49
C ALA B 271 7.97 2.97 -1.98
N GLU B 272 9.05 2.46 -1.37
CA GLU B 272 10.38 2.98 -1.67
C GLU B 272 10.84 2.66 -3.09
N THR B 273 10.44 1.50 -3.62
CA THR B 273 10.83 1.16 -4.99
C THR B 273 10.22 2.14 -5.99
N LEU B 274 8.92 2.40 -5.87
CA LEU B 274 8.28 3.36 -6.76
C LEU B 274 8.82 4.77 -6.53
N MET B 275 9.12 5.10 -5.27
CA MET B 275 9.71 6.41 -4.98
C MET B 275 11.05 6.58 -5.67
N ASP B 276 11.87 5.53 -5.69
CA ASP B 276 13.18 5.61 -6.34
C ASP B 276 13.04 5.64 -7.86
N ARG B 277 12.08 4.89 -8.40
CA ARG B 277 11.83 4.98 -9.85
C ARG B 277 11.42 6.39 -10.25
N ILE B 278 10.51 6.98 -9.48
CA ILE B 278 10.07 8.35 -9.77
C ILE B 278 11.21 9.34 -9.54
N LYS B 279 12.10 9.07 -8.58
CA LYS B 279 13.27 9.92 -8.39
C LYS B 279 14.20 9.85 -9.60
N LYS B 280 14.40 8.65 -10.14
CA LYS B 280 15.19 8.51 -11.36
C LYS B 280 14.56 9.28 -12.51
N GLN B 281 13.23 9.20 -12.64
CA GLN B 281 12.56 9.92 -13.72
C GLN B 281 12.61 11.42 -13.51
N LEU B 282 12.60 11.89 -12.26
CA LEU B 282 12.61 13.31 -11.97
C LEU B 282 13.99 13.93 -12.01
N ARG B 283 15.05 13.11 -11.83
CA ARG B 283 16.41 13.63 -11.98
C ARG B 283 16.68 14.07 -13.42
N GLU B 284 15.83 13.66 -14.37
CA GLU B 284 15.96 14.15 -15.74
C GLU B 284 15.63 15.64 -15.81
N TRP B 285 14.54 16.05 -15.16
CA TRP B 285 14.10 17.45 -15.22
C TRP B 285 14.85 18.29 -14.18
N ASP B 286 14.60 18.03 -12.91
CA ASP B 286 15.19 18.82 -11.83
C ASP B 286 16.62 18.35 -11.58
N GLU B 287 17.56 19.28 -11.66
CA GLU B 287 18.96 18.99 -11.35
C GLU B 287 19.24 19.04 -9.86
N ASN B 288 18.30 19.47 -9.04
CA ASN B 288 18.47 19.48 -7.60
C ASN B 288 18.54 18.04 -7.07
N LEU B 289 19.49 17.80 -6.18
CA LEU B 289 19.69 16.46 -5.65
C LEU B 289 18.48 16.02 -4.83
N LYS B 290 18.21 14.72 -4.86
CA LYS B 290 17.11 14.13 -4.09
C LYS B 290 17.39 14.09 -2.59
N ASP B 291 18.50 14.68 -2.15
CA ASP B 291 18.84 14.67 -0.73
C ASP B 291 17.84 15.47 0.09
N ASP B 292 17.58 16.71 -0.31
CA ASP B 292 16.73 17.62 0.47
C ASP B 292 15.49 18.08 -0.28
N SER B 293 15.58 18.29 -1.59
CA SER B 293 14.47 18.87 -2.33
C SER B 293 13.26 17.94 -2.37
N LEU B 294 13.47 16.63 -2.38
CA LEU B 294 12.28 15.80 -2.46
C LEU B 294 11.89 15.27 -1.08
N PRO B 295 10.60 15.16 -0.81
CA PRO B 295 10.16 14.73 0.53
C PRO B 295 10.48 13.26 0.80
N SER B 296 10.30 12.88 2.06
CA SER B 296 10.54 11.52 2.51
C SER B 296 9.26 10.71 2.66
N ASN B 297 8.19 11.32 3.14
CA ASN B 297 6.93 10.61 3.31
C ASN B 297 6.37 10.21 1.95
N PRO B 298 5.92 8.97 1.77
CA PRO B 298 5.36 8.58 0.47
C PRO B 298 4.18 9.43 0.03
N ILE B 299 3.32 9.84 0.97
CA ILE B 299 2.18 10.67 0.61
C ILE B 299 2.64 12.06 0.17
N ASP B 300 3.54 12.67 0.94
CA ASP B 300 4.08 13.97 0.57
C ASP B 300 4.83 13.90 -0.75
N PHE B 301 5.58 12.83 -0.98
CA PHE B 301 6.30 12.68 -2.23
C PHE B 301 5.34 12.54 -3.40
N SER B 302 4.27 11.74 -3.24
CA SER B 302 3.28 11.59 -4.30
C SER B 302 2.59 12.92 -4.60
N TYR B 303 2.28 13.69 -3.57
CA TYR B 303 1.63 14.98 -3.81
C TYR B 303 2.57 15.96 -4.48
N ARG B 304 3.84 15.98 -4.07
CA ARG B 304 4.81 16.86 -4.71
C ARG B 304 5.01 16.49 -6.18
N VAL B 305 4.98 15.19 -6.48
CA VAL B 305 5.12 14.76 -7.88
C VAL B 305 3.88 15.14 -8.67
N ALA B 306 2.70 14.97 -8.08
CA ALA B 306 1.46 15.30 -8.78
C ALA B 306 1.32 16.80 -9.01
N ALA B 307 1.91 17.61 -8.14
CA ALA B 307 1.84 19.06 -8.31
C ALA B 307 2.51 19.54 -9.60
N CYS B 308 3.47 18.78 -10.12
CA CYS B 308 4.15 19.17 -11.35
C CYS B 308 4.04 18.08 -12.41
N LEU B 309 2.83 17.59 -12.65
CA LEU B 309 2.57 16.59 -13.68
C LEU B 309 1.72 17.21 -14.78
N PRO B 310 2.29 17.57 -15.93
CA PRO B 310 1.51 18.20 -17.00
C PRO B 310 0.48 17.28 -17.61
N ILE B 311 -0.72 17.22 -17.02
CA ILE B 311 -1.81 16.42 -17.51
C ILE B 311 -3.06 17.29 -17.60
N ASP B 312 -4.05 16.81 -18.35
CA ASP B 312 -5.30 17.54 -18.52
C ASP B 312 -6.12 17.48 -17.23
N ASP B 313 -7.25 18.18 -17.24
CA ASP B 313 -8.04 18.34 -16.01
C ASP B 313 -8.71 17.03 -15.60
N VAL B 314 -9.15 16.24 -16.58
CA VAL B 314 -9.85 14.99 -16.25
C VAL B 314 -8.91 14.02 -15.56
N LEU B 315 -7.67 13.90 -16.07
CA LEU B 315 -6.72 12.98 -15.43
C LEU B 315 -6.24 13.52 -14.08
N ARG B 316 -6.17 14.84 -13.93
CA ARG B 316 -5.85 15.40 -12.61
C ARG B 316 -6.96 15.10 -11.61
N ILE B 317 -8.21 15.13 -12.07
CA ILE B 317 -9.34 14.74 -11.21
C ILE B 317 -9.22 13.27 -10.83
N GLN B 318 -8.97 12.41 -11.81
CA GLN B 318 -8.82 10.98 -11.53
C GLN B 318 -7.65 10.72 -10.58
N LEU B 319 -6.62 11.56 -10.63
CA LEU B 319 -5.48 11.40 -9.73
C LEU B 319 -5.80 11.89 -8.31
N LEU B 320 -6.56 12.98 -8.21
CA LEU B 320 -6.96 13.47 -6.88
C LEU B 320 -7.93 12.52 -6.20
N LYS B 321 -8.66 11.69 -6.96
CA LYS B 321 -9.55 10.71 -6.37
C LYS B 321 -8.80 9.66 -5.57
N ILE B 322 -7.57 9.34 -5.98
CA ILE B 322 -6.82 8.27 -5.36
C ILE B 322 -6.45 8.67 -3.93
N GLY B 323 -6.80 7.81 -2.97
CA GLY B 323 -6.50 8.05 -1.58
C GLY B 323 -5.22 7.38 -1.13
N SER B 324 -5.06 6.11 -1.49
CA SER B 324 -3.85 5.37 -1.14
C SER B 324 -2.66 5.90 -1.93
N ALA B 325 -1.60 6.29 -1.23
CA ALA B 325 -0.45 6.89 -1.89
C ALA B 325 0.25 5.91 -2.82
N ILE B 326 0.12 4.62 -2.57
CA ILE B 326 0.77 3.62 -3.42
C ILE B 326 0.19 3.68 -4.83
N GLN B 327 -1.14 3.69 -4.95
CA GLN B 327 -1.77 3.79 -6.25
C GLN B 327 -1.48 5.14 -6.91
N ARG B 328 -1.36 6.20 -6.11
CA ARG B 328 -0.98 7.49 -6.66
C ARG B 328 0.38 7.43 -7.32
N LEU B 329 1.38 6.88 -6.62
CA LEU B 329 2.71 6.75 -7.20
C LEU B 329 2.71 5.84 -8.42
N ARG B 330 1.92 4.75 -8.37
CA ARG B 330 1.85 3.82 -9.49
C ARG B 330 1.30 4.51 -10.73
N CYS B 331 0.18 5.21 -10.59
CA CYS B 331 -0.39 5.95 -11.72
C CYS B 331 0.54 7.05 -12.20
N GLU B 332 1.28 7.68 -11.29
CA GLU B 332 2.21 8.73 -11.68
C GLU B 332 3.33 8.17 -12.55
N LEU B 333 3.93 7.06 -12.13
CA LEU B 333 4.99 6.46 -12.94
C LEU B 333 4.44 5.89 -14.24
N ASP B 334 3.21 5.40 -14.24
CA ASP B 334 2.59 4.94 -15.49
C ASP B 334 2.42 6.11 -16.47
N ILE B 335 1.97 7.25 -15.97
CA ILE B 335 1.84 8.44 -16.81
C ILE B 335 3.20 8.88 -17.33
N MET B 336 4.22 8.85 -16.46
CA MET B 336 5.56 9.22 -16.90
C MET B 336 6.11 8.26 -17.94
N ASN B 337 5.71 6.99 -17.88
CA ASN B 337 6.16 6.02 -18.86
C ASN B 337 5.45 6.20 -20.20
N LYS B 338 4.14 6.47 -20.17
CA LYS B 338 3.35 6.49 -21.39
C LYS B 338 3.40 7.84 -22.11
N CYS B 339 2.97 8.90 -21.43
CA CYS B 339 2.89 10.23 -22.06
C CYS B 339 4.29 10.76 -22.33
N THR B 340 4.63 10.91 -23.60
CA THR B 340 5.92 11.43 -24.02
C THR B 340 5.83 12.80 -24.69
N SER B 341 4.79 13.04 -25.48
CA SER B 341 4.63 14.29 -26.21
C SER B 341 3.46 15.09 -25.65
N LEU B 342 3.61 16.41 -25.70
CA LEU B 342 2.56 17.34 -25.30
C LEU B 342 2.14 18.15 -26.52
N CYS B 343 0.88 17.99 -26.92
CA CYS B 343 0.29 18.67 -28.06
C CYS B 343 -0.65 19.76 -27.57
N CYS B 344 -1.21 20.51 -28.52
CA CYS B 344 -2.21 21.51 -28.19
C CYS B 344 -3.55 20.84 -27.91
N LYS B 345 -4.23 21.31 -26.85
CA LYS B 345 -5.49 20.71 -26.47
C LYS B 345 -6.56 20.91 -27.54
N GLN B 346 -6.62 22.10 -28.14
CA GLN B 346 -7.65 22.37 -29.14
C GLN B 346 -7.34 21.69 -30.47
N CYS B 347 -6.06 21.54 -30.81
CA CYS B 347 -5.70 20.92 -32.08
C CYS B 347 -5.69 19.40 -31.98
N GLN B 348 -5.17 18.86 -30.88
CA GLN B 348 -5.04 17.42 -30.66
C GLN B 348 -4.07 16.76 -31.64
N GLU B 349 -3.64 17.50 -32.66
CA GLU B 349 -2.78 16.96 -33.72
C GLU B 349 -1.70 17.97 -34.08
N THR B 350 -1.06 18.54 -33.06
CA THR B 350 0.03 19.49 -33.26
C THR B 350 0.97 19.39 -32.06
N GLU B 351 2.10 18.71 -32.24
CA GLU B 351 3.04 18.50 -31.16
C GLU B 351 3.64 19.84 -30.73
N ILE B 352 3.49 20.17 -29.45
CA ILE B 352 4.06 21.39 -28.91
C ILE B 352 5.45 21.15 -28.34
N THR B 353 5.61 20.12 -27.52
CA THR B 353 6.92 19.82 -26.94
C THR B 353 6.96 18.35 -26.55
N THR B 354 8.09 17.95 -25.98
CA THR B 354 8.31 16.59 -25.51
C THR B 354 8.68 16.59 -24.04
N LYS B 355 8.49 15.43 -23.40
CA LYS B 355 8.88 15.28 -22.01
C LYS B 355 10.38 15.43 -21.80
N ASN B 356 11.18 15.18 -22.85
CA ASN B 356 12.63 15.28 -22.72
C ASN B 356 13.09 16.71 -22.53
N GLU B 357 12.37 17.68 -23.12
CA GLU B 357 12.77 19.08 -23.03
C GLU B 357 12.36 19.73 -21.71
N ILE B 358 11.58 19.04 -20.88
CA ILE B 358 11.12 19.62 -19.62
C ILE B 358 12.30 19.78 -18.67
N PHE B 359 12.54 21.02 -18.23
CA PHE B 359 13.56 21.30 -17.23
C PHE B 359 12.94 22.12 -16.12
N SER B 360 13.42 21.92 -14.90
CA SER B 360 12.90 22.60 -13.73
C SER B 360 13.55 23.96 -13.57
N LEU B 361 12.72 24.98 -13.33
CA LEU B 361 13.21 26.32 -13.02
C LEU B 361 12.73 26.83 -11.68
N SER B 362 11.72 26.20 -11.07
CA SER B 362 11.23 26.56 -9.76
C SER B 362 11.53 25.44 -8.77
N LEU B 363 11.69 25.81 -7.49
CA LEU B 363 11.90 24.80 -6.46
C LEU B 363 10.72 23.86 -6.35
N CYS B 364 9.51 24.35 -6.56
CA CYS B 364 8.32 23.51 -6.56
C CYS B 364 8.30 22.50 -7.70
N GLY B 365 9.16 22.67 -8.70
CA GLY B 365 9.22 21.77 -9.83
C GLY B 365 9.22 22.52 -11.14
N PRO B 366 9.12 21.77 -12.25
CA PRO B 366 9.06 22.44 -13.56
C PRO B 366 7.75 23.15 -13.80
N MET B 367 6.65 22.69 -13.21
CA MET B 367 5.34 23.30 -13.38
C MET B 367 4.87 23.85 -12.04
N ALA B 368 4.56 25.14 -12.02
CA ALA B 368 4.06 25.81 -10.82
C ALA B 368 2.97 26.79 -11.21
N ALA B 369 2.11 27.11 -10.24
CA ALA B 369 1.00 28.02 -10.48
C ALA B 369 1.45 29.46 -10.33
N TYR B 370 0.91 30.34 -11.18
CA TYR B 370 1.23 31.77 -11.14
C TYR B 370 -0.03 32.56 -11.45
N VAL B 371 0.00 33.84 -11.10
CA VAL B 371 -1.13 34.73 -11.30
C VAL B 371 -0.67 35.99 -12.03
N ASN B 372 -1.53 36.51 -12.88
CA ASN B 372 -1.30 37.69 -13.69
C ASN B 372 -2.13 38.87 -13.17
N PRO B 373 -1.84 40.10 -13.61
CA PRO B 373 -2.62 41.25 -13.10
C PRO B 373 -4.09 41.18 -13.44
N HIS B 374 -4.46 40.44 -14.49
CA HIS B 374 -5.87 40.23 -14.80
C HIS B 374 -6.58 39.48 -13.67
N GLY B 375 -5.86 38.65 -12.93
CA GLY B 375 -6.43 37.83 -11.87
C GLY B 375 -6.50 36.36 -12.19
N TYR B 376 -6.14 35.96 -13.40
CA TYR B 376 -6.17 34.56 -13.80
C TYR B 376 -4.96 33.82 -13.26
N VAL B 377 -5.16 32.56 -12.90
CA VAL B 377 -4.10 31.68 -12.41
C VAL B 377 -3.81 30.64 -13.48
N HIS B 378 -2.58 30.64 -13.98
CA HIS B 378 -2.12 29.68 -14.97
C HIS B 378 -1.06 28.77 -14.38
N GLU B 379 -1.11 27.49 -14.73
CA GLU B 379 -0.10 26.53 -14.30
C GLU B 379 0.98 26.48 -15.38
N THR B 380 2.08 27.19 -15.11
CA THR B 380 3.17 27.32 -16.07
C THR B 380 4.16 26.17 -15.92
N LEU B 381 4.41 25.48 -17.03
CA LEU B 381 5.44 24.45 -17.12
C LEU B 381 6.59 24.99 -17.97
N THR B 382 7.80 24.93 -17.43
CA THR B 382 8.98 25.49 -18.08
C THR B 382 9.70 24.41 -18.88
N VAL B 383 9.91 24.68 -20.17
CA VAL B 383 10.60 23.77 -21.06
C VAL B 383 11.72 24.52 -21.78
N TYR B 384 12.71 23.75 -22.26
CA TYR B 384 13.85 24.36 -22.93
C TYR B 384 13.53 24.68 -24.38
N LYS B 385 12.89 23.75 -25.09
CA LYS B 385 12.52 23.94 -26.48
C LYS B 385 11.02 23.71 -26.64
N ALA B 386 10.47 24.33 -27.69
CA ALA B 386 9.04 24.21 -27.99
C ALA B 386 8.85 24.44 -29.48
N CYS B 387 8.20 23.48 -30.14
CA CYS B 387 7.98 23.52 -31.57
C CYS B 387 6.53 23.87 -31.90
N ASN B 388 6.31 24.31 -33.14
CA ASN B 388 4.99 24.64 -33.67
C ASN B 388 4.32 25.74 -32.83
N LEU B 389 4.93 26.91 -32.87
CA LEU B 389 4.42 28.06 -32.12
C LEU B 389 4.71 29.34 -32.89
N ASN B 390 3.73 30.25 -32.90
CA ASN B 390 3.90 31.59 -33.43
C ASN B 390 4.01 32.58 -32.28
N LEU B 391 4.78 33.63 -32.49
CA LEU B 391 5.04 34.64 -31.48
C LEU B 391 4.27 35.91 -31.78
N ILE B 392 3.63 36.47 -30.76
CA ILE B 392 2.81 37.67 -30.88
C ILE B 392 3.30 38.69 -29.85
N GLY B 393 3.33 39.95 -30.25
CA GLY B 393 3.71 41.03 -29.38
C GLY B 393 5.22 41.13 -29.20
N ARG B 394 5.66 42.31 -28.77
CA ARG B 394 7.03 42.52 -28.40
C ARG B 394 7.29 41.98 -26.99
N PRO B 395 8.54 41.68 -26.66
CA PRO B 395 8.84 41.23 -25.29
C PRO B 395 8.50 42.32 -24.27
N SER B 396 8.08 41.87 -23.09
CA SER B 396 7.67 42.78 -22.04
C SER B 396 8.06 42.20 -20.69
N THR B 397 8.57 43.06 -19.81
CA THR B 397 8.94 42.67 -18.45
C THR B 397 7.88 43.06 -17.42
N GLU B 398 6.72 43.54 -17.88
CA GLU B 398 5.68 43.98 -16.96
C GLU B 398 5.02 42.79 -16.29
N HIS B 399 5.15 42.72 -14.96
CA HIS B 399 4.54 41.66 -14.15
C HIS B 399 5.02 40.28 -14.60
N SER B 400 6.31 40.18 -14.89
CA SER B 400 6.87 38.89 -15.28
C SER B 400 6.98 37.97 -14.08
N TRP B 401 6.57 36.71 -14.26
CA TRP B 401 6.59 35.76 -13.16
C TRP B 401 8.02 35.34 -12.82
N PHE B 402 8.93 35.38 -13.79
CA PHE B 402 10.34 35.06 -13.57
C PHE B 402 11.15 36.34 -13.67
N PRO B 403 11.60 36.92 -12.55
CA PRO B 403 12.34 38.18 -12.61
C PRO B 403 13.62 38.05 -13.44
N GLY B 404 13.93 39.10 -14.19
CA GLY B 404 15.07 39.11 -15.07
C GLY B 404 14.80 38.61 -16.48
N TYR B 405 13.56 38.23 -16.77
CA TYR B 405 13.18 37.73 -18.09
C TYR B 405 11.99 38.51 -18.61
N ALA B 406 11.78 38.44 -19.92
CA ALA B 406 10.69 39.12 -20.59
C ALA B 406 9.84 38.10 -21.34
N TRP B 407 8.52 38.30 -21.30
CA TRP B 407 7.58 37.38 -21.91
C TRP B 407 7.05 37.91 -23.24
N THR B 408 6.53 36.98 -24.05
CA THR B 408 6.02 37.28 -25.38
C THR B 408 4.93 36.27 -25.68
N VAL B 409 3.78 36.76 -26.18
CA VAL B 409 2.62 35.88 -26.30
C VAL B 409 2.93 34.77 -27.30
N ALA B 410 2.45 33.57 -27.02
CA ALA B 410 2.70 32.41 -27.87
C ALA B 410 1.37 31.78 -28.26
N GLN B 411 1.12 31.73 -29.57
CA GLN B 411 -0.06 31.08 -30.12
C GLN B 411 0.33 29.79 -30.81
N CYS B 412 -0.64 28.90 -30.97
CA CYS B 412 -0.42 27.69 -31.73
C CYS B 412 -0.26 28.01 -33.21
N LYS B 413 0.51 27.18 -33.91
CA LYS B 413 0.78 27.42 -35.32
C LYS B 413 -0.38 27.04 -36.22
N ILE B 414 -1.40 26.36 -35.70
CA ILE B 414 -2.51 25.91 -36.53
C ILE B 414 -3.81 26.56 -36.08
N CYS B 415 -4.15 26.41 -34.80
CA CYS B 415 -5.41 26.96 -34.28
C CYS B 415 -5.24 28.31 -33.62
N ALA B 416 -4.00 28.80 -33.49
CA ALA B 416 -3.69 30.10 -32.89
C ALA B 416 -4.13 30.21 -31.44
N SER B 417 -4.40 29.09 -30.78
CA SER B 417 -4.75 29.11 -29.37
C SER B 417 -3.54 29.49 -28.53
N HIS B 418 -3.78 30.25 -27.46
CA HIS B 418 -2.72 30.72 -26.58
C HIS B 418 -2.13 29.54 -25.83
N ILE B 419 -0.87 29.21 -26.11
CA ILE B 419 -0.21 28.07 -25.51
C ILE B 419 0.67 28.48 -24.32
N GLY B 420 1.38 29.59 -24.44
CA GLY B 420 2.23 30.05 -23.36
C GLY B 420 2.97 31.34 -23.66
N TRP B 421 4.22 31.42 -23.18
CA TRP B 421 5.04 32.61 -23.38
C TRP B 421 6.50 32.20 -23.54
N LYS B 422 7.17 32.80 -24.53
CA LYS B 422 8.60 32.62 -24.72
C LYS B 422 9.32 33.63 -23.83
N PHE B 423 10.02 33.13 -22.82
CA PHE B 423 10.73 33.99 -21.87
C PHE B 423 12.18 34.12 -22.29
N THR B 424 12.60 35.35 -22.59
CA THR B 424 13.97 35.65 -22.99
C THR B 424 14.65 36.47 -21.91
N ALA B 425 15.94 36.21 -21.70
CA ALA B 425 16.68 36.89 -20.65
C ALA B 425 16.96 38.34 -21.04
N THR B 426 16.99 39.21 -20.03
CA THR B 426 17.34 40.61 -20.27
C THR B 426 18.84 40.81 -20.25
N LYS B 427 19.50 40.46 -19.15
CA LYS B 427 20.95 40.52 -19.08
C LYS B 427 21.56 39.36 -19.87
N LYS B 428 22.63 39.65 -20.61
CA LYS B 428 23.23 38.66 -21.50
C LYS B 428 24.05 37.61 -20.77
N ASP B 429 24.45 37.88 -19.52
CA ASP B 429 25.22 36.91 -18.76
C ASP B 429 24.37 35.75 -18.24
N MET B 430 23.05 35.90 -18.25
CA MET B 430 22.17 34.90 -17.67
C MET B 430 22.13 33.62 -18.51
N SER B 431 21.57 32.57 -17.92
CA SER B 431 21.37 31.29 -18.58
C SER B 431 20.26 30.53 -17.86
N PRO B 432 19.30 29.95 -18.59
CA PRO B 432 19.22 29.92 -20.06
C PRO B 432 18.80 31.26 -20.66
N GLN B 433 19.35 31.57 -21.83
CA GLN B 433 19.04 32.83 -22.49
C GLN B 433 17.60 32.89 -22.96
N LYS B 434 16.99 31.73 -23.22
CA LYS B 434 15.61 31.68 -23.69
C LYS B 434 15.01 30.33 -23.33
N PHE B 435 13.78 30.37 -22.84
CA PHE B 435 13.02 29.15 -22.54
C PHE B 435 11.55 29.42 -22.81
N TRP B 436 10.71 28.42 -22.55
CA TRP B 436 9.29 28.54 -22.80
C TRP B 436 8.52 28.20 -21.54
N GLY B 437 7.41 28.90 -21.33
CA GLY B 437 6.51 28.59 -20.24
C GLY B 437 5.11 28.37 -20.77
N LEU B 438 4.65 27.12 -20.78
CA LEU B 438 3.37 26.76 -21.36
C LEU B 438 2.33 26.57 -20.26
N THR B 439 1.11 27.03 -20.52
CA THR B 439 0.04 26.85 -19.54
C THR B 439 -0.53 25.44 -19.64
N ARG B 440 -0.85 24.86 -18.49
CA ARG B 440 -1.32 23.48 -18.45
C ARG B 440 -2.71 23.35 -19.06
N SER B 441 -3.52 24.40 -19.01
CA SER B 441 -4.89 24.32 -19.50
C SER B 441 -4.96 24.20 -21.02
N ALA B 442 -3.90 24.54 -21.73
CA ALA B 442 -3.90 24.51 -23.19
C ALA B 442 -3.18 23.32 -23.78
N LEU B 443 -2.52 22.50 -22.96
CA LEU B 443 -1.77 21.36 -23.43
C LEU B 443 -2.56 20.07 -23.24
N LEU B 444 -2.13 19.02 -23.93
CA LEU B 444 -2.74 17.71 -23.85
C LEU B 444 -1.66 16.65 -24.03
N PRO B 445 -1.54 15.69 -23.12
CA PRO B 445 -0.57 14.61 -23.31
C PRO B 445 -1.04 13.63 -24.37
N THR B 446 -0.08 13.09 -25.11
CA THR B 446 -0.39 12.17 -26.20
C THR B 446 0.67 11.07 -26.25
N ILE B 447 0.24 9.87 -26.59
CA ILE B 447 1.13 8.74 -26.84
C ILE B 447 1.13 8.46 -28.34
N PRO B 448 2.30 8.25 -28.96
CA PRO B 448 2.39 7.99 -30.40
C PRO B 448 1.83 6.64 -30.79
N SER C 1 -17.88 44.54 -38.84
CA SER C 1 -16.45 44.51 -38.65
C SER C 1 -15.79 45.74 -39.26
N MET C 2 -16.15 46.92 -38.75
CA MET C 2 -15.58 48.15 -39.27
C MET C 2 -14.15 48.37 -38.79
N ASN C 3 -13.92 48.23 -37.48
CA ASN C 3 -12.66 48.59 -36.81
C ASN C 3 -12.14 49.91 -37.36
N PRO C 4 -12.83 51.02 -37.07
CA PRO C 4 -12.49 52.27 -37.74
C PRO C 4 -11.06 52.68 -37.42
N PRO C 5 -10.38 53.34 -38.35
CA PRO C 5 -8.99 53.74 -38.14
C PRO C 5 -8.85 54.54 -36.86
N PRO C 6 -7.77 54.34 -36.11
CA PRO C 6 -7.61 55.02 -34.82
C PRO C 6 -7.66 56.53 -35.00
N PRO C 7 -8.02 57.27 -33.95
CA PRO C 7 -8.10 58.73 -34.06
C PRO C 7 -6.77 59.33 -34.47
N GLU C 8 -6.85 60.45 -35.18
CA GLU C 8 -5.64 61.12 -35.66
C GLU C 8 -4.84 61.65 -34.48
N THR C 9 -3.52 61.43 -34.54
CA THR C 9 -2.62 61.85 -33.47
C THR C 9 -1.87 63.13 -33.79
N SER C 10 -1.42 63.30 -35.02
CA SER C 10 -0.67 64.47 -35.44
C SER C 10 -1.45 65.25 -36.49
N ASN C 11 -1.28 66.57 -36.46
CA ASN C 11 -1.87 67.45 -37.46
C ASN C 11 -0.91 68.59 -37.74
N PRO C 12 -0.25 68.58 -38.91
CA PRO C 12 0.74 69.64 -39.20
C PRO C 12 0.14 71.03 -39.21
N ASN C 13 -1.11 71.19 -39.65
CA ASN C 13 -1.75 72.50 -39.64
C ASN C 13 -2.02 72.97 -38.22
N LYS C 14 -2.25 72.05 -37.28
CA LYS C 14 -2.51 72.42 -35.91
C LYS C 14 -1.23 72.97 -35.26
N PRO C 15 -1.33 74.00 -34.44
CA PRO C 15 -0.13 74.56 -33.82
C PRO C 15 0.42 73.65 -32.73
N LYS C 16 1.74 73.71 -32.56
CA LYS C 16 2.45 72.88 -31.59
C LYS C 16 2.96 73.77 -30.47
N ARG C 17 2.52 73.49 -29.24
CA ARG C 17 3.02 74.20 -28.07
C ARG C 17 2.99 73.26 -26.87
N GLN C 18 3.86 73.53 -25.91
CA GLN C 18 4.04 72.71 -24.72
C GLN C 18 3.70 73.56 -23.49
N THR C 19 2.40 73.69 -23.20
CA THR C 19 1.99 74.42 -22.02
C THR C 19 2.34 73.62 -20.76
N ASN C 20 2.25 74.32 -19.61
CA ASN C 20 2.57 73.67 -18.34
C ASN C 20 1.61 72.53 -18.04
N GLN C 21 0.31 72.75 -18.29
CA GLN C 21 -0.68 71.72 -18.00
C GLN C 21 -0.45 70.47 -18.85
N LEU C 22 -0.16 70.66 -20.13
CA LEU C 22 0.00 69.51 -21.02
C LEU C 22 1.27 68.73 -20.71
N GLN C 23 2.38 69.41 -20.48
CA GLN C 23 3.61 68.72 -20.13
C GLN C 23 3.52 68.05 -18.77
N TYR C 24 2.74 68.63 -17.85
CA TYR C 24 2.48 67.97 -16.58
C TYR C 24 1.65 66.70 -16.79
N LEU C 25 0.59 66.79 -17.58
CA LEU C 25 -0.25 65.63 -17.86
C LEU C 25 0.56 64.51 -18.52
N LEU C 26 1.50 64.87 -19.40
CA LEU C 26 2.29 63.86 -20.08
C LEU C 26 3.36 63.27 -19.17
N ARG C 27 4.00 64.10 -18.34
CA ARG C 27 5.11 63.65 -17.51
C ARG C 27 4.67 63.12 -16.15
N VAL C 28 3.40 63.22 -15.80
CA VAL C 28 2.93 62.78 -14.49
C VAL C 28 1.73 61.85 -14.63
N VAL C 29 0.62 62.39 -15.14
CA VAL C 29 -0.64 61.64 -15.17
C VAL C 29 -0.54 60.46 -16.12
N LEU C 30 -0.10 60.70 -17.36
CA LEU C 30 -0.07 59.64 -18.35
C LEU C 30 0.96 58.58 -18.00
N LYS C 31 2.13 58.98 -17.53
CA LYS C 31 3.14 58.00 -17.12
C LYS C 31 2.64 57.13 -15.98
N THR C 32 2.01 57.74 -14.97
CA THR C 32 1.49 56.99 -13.84
C THR C 32 0.41 56.01 -14.29
N LEU C 33 -0.56 56.49 -15.08
CA LEU C 33 -1.62 55.61 -15.54
C LEU C 33 -1.13 54.58 -16.55
N TRP C 34 0.04 54.78 -17.16
CA TRP C 34 0.59 53.81 -18.09
C TRP C 34 1.38 52.71 -17.39
N LYS C 35 2.17 53.06 -16.37
CA LYS C 35 2.91 52.05 -15.62
C LYS C 35 2.06 51.36 -14.56
N HIS C 36 0.74 51.53 -14.61
CA HIS C 36 -0.17 50.80 -13.73
C HIS C 36 -0.39 49.39 -14.26
N GLN C 37 -0.81 48.50 -13.37
CA GLN C 37 -1.03 47.11 -13.73
C GLN C 37 -2.47 46.82 -14.14
N PHE C 38 -3.31 47.85 -14.25
CA PHE C 38 -4.66 47.73 -14.79
C PHE C 38 -4.83 48.52 -16.08
N ALA C 39 -3.73 48.83 -16.77
CA ALA C 39 -3.74 49.77 -17.88
C ALA C 39 -3.65 49.13 -19.25
N TRP C 40 -3.42 47.82 -19.32
CA TRP C 40 -3.20 47.19 -20.63
C TRP C 40 -4.40 47.26 -21.57
N PRO C 41 -5.66 47.13 -21.14
CA PRO C 41 -6.77 47.18 -22.12
C PRO C 41 -6.95 48.56 -22.73
N PHE C 42 -6.42 49.61 -22.11
CA PHE C 42 -6.55 50.96 -22.62
C PHE C 42 -5.27 51.49 -23.23
N GLN C 43 -4.19 50.71 -23.23
CA GLN C 43 -2.99 51.10 -23.97
C GLN C 43 -3.24 51.04 -25.47
N GLN C 44 -4.19 50.21 -25.92
CA GLN C 44 -4.49 50.00 -27.32
C GLN C 44 -5.96 50.34 -27.60
N PRO C 45 -6.27 50.75 -28.83
CA PRO C 45 -7.69 50.90 -29.19
C PRO C 45 -8.39 49.56 -29.18
N VAL C 46 -9.71 49.60 -28.94
CA VAL C 46 -10.51 48.40 -28.84
C VAL C 46 -10.54 47.70 -30.19
N ASP C 47 -9.70 46.69 -30.37
CA ASP C 47 -9.68 45.90 -31.59
C ASP C 47 -10.93 45.02 -31.64
N ALA C 48 -12.02 45.57 -32.20
CA ALA C 48 -13.30 44.86 -32.21
C ALA C 48 -13.28 43.63 -33.11
N VAL C 49 -12.24 43.45 -33.93
CA VAL C 49 -12.17 42.26 -34.77
C VAL C 49 -11.77 41.05 -33.93
N LYS C 50 -10.74 41.20 -33.11
CA LYS C 50 -10.29 40.09 -32.26
C LYS C 50 -11.32 39.76 -31.19
N LEU C 51 -11.76 40.78 -30.44
CA LEU C 51 -12.66 40.55 -29.31
C LEU C 51 -14.05 40.09 -29.74
N ASN C 52 -14.36 40.10 -31.02
CA ASN C 52 -15.66 39.67 -31.54
C ASN C 52 -16.80 40.42 -30.86
N LEU C 53 -16.72 41.75 -30.93
CA LEU C 53 -17.72 42.65 -30.36
C LEU C 53 -18.26 43.51 -31.49
N PRO C 54 -19.21 43.01 -32.28
CA PRO C 54 -19.74 43.78 -33.41
C PRO C 54 -20.59 44.97 -33.01
N ASP C 55 -20.84 45.18 -31.71
CA ASP C 55 -21.73 46.24 -31.25
C ASP C 55 -21.00 47.31 -30.45
N TYR C 56 -19.67 47.24 -30.35
CA TYR C 56 -18.94 48.23 -29.56
C TYR C 56 -18.95 49.59 -30.26
N TYR C 57 -18.50 49.63 -31.51
CA TYR C 57 -18.45 50.90 -32.23
C TYR C 57 -19.83 51.37 -32.69
N LYS C 58 -20.84 50.49 -32.66
CA LYS C 58 -22.21 50.94 -32.92
C LYS C 58 -22.85 51.59 -31.71
N ILE C 59 -22.27 51.40 -30.53
CA ILE C 59 -22.73 52.06 -29.30
C ILE C 59 -21.75 53.16 -28.89
N ILE C 60 -20.45 52.88 -28.91
CA ILE C 60 -19.42 53.85 -28.59
C ILE C 60 -19.19 54.69 -29.85
N LYS C 61 -19.70 55.92 -29.87
CA LYS C 61 -19.58 56.78 -31.04
C LYS C 61 -18.28 57.56 -31.06
N THR C 62 -17.64 57.77 -29.91
CA THR C 62 -16.37 58.50 -29.83
C THR C 62 -15.35 57.61 -29.13
N PRO C 63 -14.66 56.75 -29.87
CA PRO C 63 -13.67 55.86 -29.25
C PRO C 63 -12.45 56.64 -28.76
N MET C 64 -11.76 56.04 -27.80
CA MET C 64 -10.59 56.65 -27.20
C MET C 64 -9.84 55.61 -26.38
N ASP C 65 -8.51 55.75 -26.34
CA ASP C 65 -7.68 54.89 -25.51
C ASP C 65 -6.48 55.71 -25.04
N MET C 66 -5.77 55.17 -24.03
CA MET C 66 -4.64 55.90 -23.47
C MET C 66 -3.46 55.94 -24.42
N GLY C 67 -3.34 54.97 -25.32
CA GLY C 67 -2.29 55.03 -26.32
C GLY C 67 -2.50 56.17 -27.31
N THR C 68 -3.75 56.39 -27.73
CA THR C 68 -4.05 57.54 -28.57
C THR C 68 -3.76 58.85 -27.85
N ILE C 69 -4.09 58.91 -26.55
CA ILE C 69 -3.79 60.11 -25.77
C ILE C 69 -2.29 60.33 -25.67
N LYS C 70 -1.53 59.24 -25.53
CA LYS C 70 -0.08 59.36 -25.48
C LYS C 70 0.48 59.88 -26.80
N LYS C 71 0.02 59.30 -27.92
CA LYS C 71 0.51 59.75 -29.22
C LYS C 71 0.03 61.15 -29.58
N ARG C 72 -1.06 61.62 -28.97
CA ARG C 72 -1.49 63.00 -29.18
C ARG C 72 -0.70 63.97 -28.31
N LEU C 73 -0.36 63.57 -27.08
CA LEU C 73 0.46 64.42 -26.22
C LEU C 73 1.89 64.53 -26.72
N GLU C 74 2.42 63.45 -27.31
CA GLU C 74 3.78 63.46 -27.83
C GLU C 74 3.90 64.27 -29.12
N ASN C 75 2.81 64.44 -29.86
CA ASN C 75 2.79 65.25 -31.07
C ASN C 75 2.31 66.67 -30.82
N ASN C 76 2.06 67.03 -29.56
CA ASN C 76 1.56 68.36 -29.19
C ASN C 76 0.26 68.70 -29.91
N TYR C 77 -0.57 67.68 -30.16
CA TYR C 77 -1.87 67.90 -30.80
C TYR C 77 -2.77 68.76 -29.93
N TYR C 78 -2.68 68.60 -28.61
CA TYR C 78 -3.55 69.33 -27.71
C TYR C 78 -3.12 70.79 -27.60
N TRP C 79 -4.12 71.68 -27.60
CA TRP C 79 -3.88 73.10 -27.39
C TRP C 79 -4.00 73.49 -25.92
N ASN C 80 -4.97 72.90 -25.21
CA ASN C 80 -5.17 73.11 -23.80
C ASN C 80 -5.36 71.77 -23.11
N ALA C 81 -5.48 71.79 -21.78
CA ALA C 81 -5.66 70.56 -21.02
C ALA C 81 -7.10 70.09 -21.01
N GLN C 82 -8.05 70.97 -21.36
CA GLN C 82 -9.45 70.58 -21.43
C GLN C 82 -9.65 69.43 -22.41
N GLU C 83 -8.94 69.46 -23.54
CA GLU C 83 -9.06 68.40 -24.53
C GLU C 83 -8.58 67.06 -23.97
N CYS C 84 -7.44 67.06 -23.27
CA CYS C 84 -6.91 65.82 -22.72
C CYS C 84 -7.83 65.27 -21.63
N ILE C 85 -8.34 66.14 -20.76
CA ILE C 85 -9.25 65.68 -19.72
C ILE C 85 -10.54 65.14 -20.34
N GLN C 86 -11.03 65.79 -21.40
CA GLN C 86 -12.21 65.30 -22.09
C GLN C 86 -11.96 63.94 -22.72
N ASP C 87 -10.77 63.73 -23.29
CA ASP C 87 -10.46 62.43 -23.87
C ASP C 87 -10.38 61.35 -22.80
N PHE C 88 -9.76 61.65 -21.65
CA PHE C 88 -9.71 60.69 -20.55
C PHE C 88 -11.11 60.32 -20.08
N ASN C 89 -11.95 61.32 -19.82
CA ASN C 89 -13.31 61.04 -19.37
C ASN C 89 -14.13 60.35 -20.44
N THR C 90 -13.83 60.60 -21.72
CA THR C 90 -14.54 59.90 -22.79
C THR C 90 -14.19 58.42 -22.81
N MET C 91 -12.90 58.09 -22.64
CA MET C 91 -12.50 56.70 -22.54
C MET C 91 -13.19 56.03 -21.36
N PHE C 92 -13.15 56.67 -20.18
CA PHE C 92 -13.81 56.11 -19.01
C PHE C 92 -15.30 55.91 -19.25
N THR C 93 -15.95 56.89 -19.89
CA THR C 93 -17.39 56.81 -20.10
C THR C 93 -17.75 55.71 -21.09
N ASN C 94 -16.95 55.54 -22.14
CA ASN C 94 -17.19 54.44 -23.09
C ASN C 94 -17.06 53.10 -22.38
N CYS C 95 -16.00 52.94 -21.57
CA CYS C 95 -15.82 51.69 -20.84
C CYS C 95 -16.98 51.43 -19.88
N TYR C 96 -17.49 52.49 -19.25
CA TYR C 96 -18.64 52.31 -18.37
C TYR C 96 -19.89 51.95 -19.15
N ILE C 97 -20.09 52.57 -20.31
CA ILE C 97 -21.35 52.42 -21.04
C ILE C 97 -21.46 51.03 -21.65
N TYR C 98 -20.43 50.60 -22.39
CA TYR C 98 -20.58 49.37 -23.16
C TYR C 98 -20.78 48.16 -22.26
N ASN C 99 -20.08 48.10 -21.14
CA ASN C 99 -20.15 46.96 -20.25
C ASN C 99 -21.24 47.14 -19.21
N LYS C 100 -21.66 46.02 -18.62
CA LYS C 100 -22.60 46.05 -17.52
C LYS C 100 -21.87 46.34 -16.21
N PRO C 101 -22.54 47.02 -15.27
CA PRO C 101 -21.88 47.33 -14.00
C PRO C 101 -21.56 46.06 -13.21
N GLY C 102 -20.44 46.11 -12.47
CA GLY C 102 -19.99 44.99 -11.68
C GLY C 102 -19.03 44.06 -12.39
N ASP C 103 -18.66 44.35 -13.64
CA ASP C 103 -17.73 43.51 -14.38
C ASP C 103 -16.29 43.90 -14.06
N ALA C 104 -15.37 43.01 -14.44
CA ALA C 104 -13.96 43.20 -14.09
C ALA C 104 -13.39 44.44 -14.78
N ILE C 105 -13.64 44.58 -16.08
CA ILE C 105 -13.13 45.74 -16.81
C ILE C 105 -13.75 47.02 -16.26
N VAL C 106 -15.00 46.95 -15.79
CA VAL C 106 -15.64 48.12 -15.19
C VAL C 106 -14.92 48.51 -13.90
N LEU C 107 -14.56 47.54 -13.07
CA LEU C 107 -13.86 47.84 -11.83
C LEU C 107 -12.46 48.38 -12.10
N MET C 108 -11.77 47.83 -13.11
CA MET C 108 -10.47 48.37 -13.49
C MET C 108 -10.60 49.81 -13.96
N ALA C 109 -11.62 50.11 -14.75
CA ALA C 109 -11.84 51.48 -15.21
C ALA C 109 -12.18 52.39 -14.04
N GLU C 110 -12.95 51.91 -13.06
CA GLU C 110 -13.24 52.71 -11.88
C GLU C 110 -11.97 53.02 -11.10
N ALA C 111 -11.10 52.02 -10.94
CA ALA C 111 -9.83 52.24 -10.26
C ALA C 111 -8.99 53.29 -10.99
N LEU C 112 -8.87 53.14 -12.31
CA LEU C 112 -8.08 54.09 -13.09
C LEU C 112 -8.67 55.49 -13.02
N GLU C 113 -10.00 55.60 -13.05
CA GLU C 113 -10.63 56.91 -13.01
C GLU C 113 -10.46 57.55 -11.63
N LYS C 114 -10.52 56.76 -10.56
CA LYS C 114 -10.30 57.30 -9.23
C LYS C 114 -8.87 57.81 -9.09
N LEU C 115 -7.89 57.04 -9.58
CA LEU C 115 -6.51 57.50 -9.54
C LEU C 115 -6.33 58.76 -10.40
N PHE C 116 -6.99 58.81 -11.55
CA PHE C 116 -6.89 59.98 -12.42
C PHE C 116 -7.49 61.21 -11.79
N LEU C 117 -8.63 61.06 -11.09
CA LEU C 117 -9.27 62.19 -10.46
C LEU C 117 -8.48 62.67 -9.23
N GLN C 118 -7.82 61.75 -8.53
CA GLN C 118 -6.98 62.16 -7.41
C GLN C 118 -5.61 62.65 -7.85
N LYS C 119 -5.21 62.42 -9.11
CA LYS C 119 -4.00 62.99 -9.66
C LYS C 119 -4.26 64.24 -10.49
N ILE C 120 -5.53 64.54 -10.81
CA ILE C 120 -5.84 65.69 -11.65
C ILE C 120 -6.13 66.96 -10.83
N ASN C 121 -6.50 66.82 -9.55
CA ASN C 121 -6.66 67.99 -8.71
C ASN C 121 -5.35 68.72 -8.47
N GLU C 122 -4.22 68.05 -8.73
CA GLU C 122 -2.90 68.67 -8.64
C GLU C 122 -2.55 69.31 -9.98
N LEU C 123 -3.41 70.24 -10.41
CA LEU C 123 -3.25 70.89 -11.70
C LEU C 123 -2.60 72.25 -11.50
N PRO C 124 -1.33 72.42 -11.87
CA PRO C 124 -0.70 73.74 -11.71
C PRO C 124 -1.19 74.73 -12.75
N THR C 125 -1.21 76.00 -12.36
CA THR C 125 -1.63 77.06 -13.26
C THR C 125 -0.61 77.25 -14.37
N GLU C 126 -1.10 77.69 -15.53
CA GLU C 126 -0.24 77.86 -16.69
C GLU C 126 0.89 78.86 -16.41
N GLU C 127 2.02 78.64 -17.06
CA GLU C 127 3.19 79.51 -16.89
C GLU C 127 2.92 80.90 -17.47
ZN ZN D . -3.47 24.05 -31.63
#